data_2MW8
#
_entry.id   2MW8
#
_entity_poly.entity_id   1
_entity_poly.type   'polypeptide(L)'
_entity_poly.pdbx_seq_one_letter_code
;GSHMNRQKTRPRTKISVEALGILQSFIQDVGLYPDEEAIQTLSAQLDLPKYTIIKFFQNQRYYLKHHGKLK
;
_entity_poly.pdbx_strand_id   A
#
# COMPACT_ATOMS: atom_id res chain seq x y z
N ASN A 5 8.90 33.09 3.18
CA ASN A 5 9.09 33.70 1.84
C ASN A 5 9.35 32.64 0.79
N ARG A 6 8.65 31.51 0.89
CA ARG A 6 8.81 30.41 -0.05
C ARG A 6 7.70 29.37 0.14
N GLN A 7 6.89 29.19 -0.90
CA GLN A 7 5.81 28.22 -0.86
C GLN A 7 5.60 27.56 -2.21
N LYS A 8 6.51 26.66 -2.57
CA LYS A 8 6.43 25.96 -3.85
C LYS A 8 6.82 24.49 -3.69
N THR A 9 6.54 23.93 -2.52
CA THR A 9 6.88 22.54 -2.24
C THR A 9 6.19 22.06 -0.97
N ARG A 10 5.68 20.83 -1.00
CA ARG A 10 5.00 20.25 0.16
C ARG A 10 5.58 18.88 0.50
N PRO A 11 5.70 18.56 1.79
CA PRO A 11 6.24 17.27 2.23
C PRO A 11 5.52 16.08 1.59
N ARG A 12 6.23 14.96 1.48
CA ARG A 12 5.65 13.76 0.88
C ARG A 12 4.70 13.07 1.86
N THR A 13 3.53 12.69 1.36
CA THR A 13 2.53 12.01 2.18
C THR A 13 1.92 10.83 1.45
N LYS A 14 1.25 9.95 2.20
CA LYS A 14 0.61 8.77 1.61
C LYS A 14 1.65 7.86 0.98
N ILE A 15 2.45 7.20 1.83
CA ILE A 15 3.48 6.29 1.35
C ILE A 15 4.54 7.02 0.53
N SER A 16 5.79 6.88 0.93
CA SER A 16 6.89 7.53 0.23
C SER A 16 7.13 6.88 -1.13
N VAL A 17 7.89 7.56 -1.97
CA VAL A 17 8.20 7.05 -3.31
C VAL A 17 8.92 5.70 -3.24
N GLU A 18 9.89 5.61 -2.33
CA GLU A 18 10.66 4.38 -2.16
C GLU A 18 9.77 3.26 -1.62
N ALA A 19 8.78 3.63 -0.82
CA ALA A 19 7.86 2.66 -0.25
C ALA A 19 6.87 2.15 -1.29
N LEU A 20 6.44 3.04 -2.18
CA LEU A 20 5.50 2.69 -3.23
C LEU A 20 6.14 1.75 -4.25
N GLY A 21 7.38 2.06 -4.62
CA GLY A 21 8.08 1.24 -5.59
C GLY A 21 8.26 -0.20 -5.12
N ILE A 22 8.59 -0.37 -3.84
CA ILE A 22 8.78 -1.70 -3.27
C ILE A 22 7.43 -2.38 -3.01
N LEU A 23 6.45 -1.59 -2.62
CA LEU A 23 5.11 -2.13 -2.33
C LEU A 23 4.46 -2.65 -3.60
N GLN A 24 4.53 -1.85 -4.67
CA GLN A 24 3.94 -2.24 -5.95
C GLN A 24 4.56 -3.53 -6.46
N SER A 25 5.89 -3.64 -6.35
CA SER A 25 6.59 -4.82 -6.81
C SER A 25 6.18 -6.05 -6.00
N PHE A 26 5.87 -5.83 -4.72
CA PHE A 26 5.46 -6.91 -3.83
C PHE A 26 4.20 -7.59 -4.34
N ILE A 27 3.29 -6.79 -4.88
CA ILE A 27 2.02 -7.31 -5.40
C ILE A 27 2.24 -8.05 -6.73
N GLN A 28 3.09 -7.50 -7.57
CA GLN A 28 3.39 -8.10 -8.86
C GLN A 28 4.13 -9.43 -8.68
N ASP A 29 4.91 -9.52 -7.62
CA ASP A 29 5.68 -10.74 -7.32
C ASP A 29 4.86 -11.69 -6.45
N VAL A 30 4.44 -11.22 -5.29
CA VAL A 30 3.66 -12.03 -4.37
C VAL A 30 2.17 -12.01 -4.74
N GLY A 31 1.54 -10.85 -4.59
CA GLY A 31 0.13 -10.73 -4.92
C GLY A 31 -0.60 -9.78 -3.98
N LEU A 32 -1.90 -9.99 -3.83
CA LEU A 32 -2.72 -9.15 -2.96
C LEU A 32 -3.26 -9.96 -1.78
N TYR A 33 -2.37 -10.67 -1.09
CA TYR A 33 -2.77 -11.48 0.06
C TYR A 33 -1.61 -11.62 1.04
N PRO A 34 -1.25 -10.52 1.73
CA PRO A 34 -0.15 -10.53 2.70
C PRO A 34 -0.52 -11.26 3.99
N ASP A 35 0.49 -11.57 4.80
CA ASP A 35 0.26 -12.26 6.06
C ASP A 35 0.73 -11.42 7.25
N GLU A 36 0.53 -11.93 8.45
CA GLU A 36 0.92 -11.23 9.66
C GLU A 36 2.43 -10.97 9.67
N GLU A 37 3.19 -11.95 9.21
CA GLU A 37 4.65 -11.82 9.17
C GLU A 37 5.09 -10.90 8.04
N ALA A 38 4.31 -10.86 6.97
CA ALA A 38 4.61 -10.02 5.82
C ALA A 38 4.50 -8.54 6.18
N ILE A 39 3.46 -8.20 6.94
CA ILE A 39 3.24 -6.82 7.36
C ILE A 39 4.26 -6.39 8.41
N GLN A 40 4.53 -7.27 9.36
CA GLN A 40 5.49 -6.99 10.41
C GLN A 40 6.88 -6.71 9.84
N THR A 41 7.24 -7.46 8.80
CA THR A 41 8.54 -7.29 8.15
C THR A 41 8.54 -6.07 7.24
N LEU A 42 7.50 -5.94 6.42
CA LEU A 42 7.40 -4.81 5.50
C LEU A 42 7.26 -3.50 6.27
N SER A 43 6.47 -3.52 7.33
CA SER A 43 6.26 -2.33 8.15
C SER A 43 7.57 -1.85 8.76
N ALA A 44 8.41 -2.80 9.17
CA ALA A 44 9.69 -2.47 9.79
C ALA A 44 10.73 -2.12 8.73
N GLN A 45 10.61 -2.75 7.56
CA GLN A 45 11.55 -2.52 6.47
C GLN A 45 11.24 -1.20 5.77
N LEU A 46 9.97 -1.02 5.38
CA LEU A 46 9.54 0.20 4.70
C LEU A 46 9.43 1.37 5.68
N ASP A 47 9.45 1.06 6.98
CA ASP A 47 9.35 2.09 8.01
C ASP A 47 7.97 2.73 8.01
N LEU A 48 6.95 1.92 7.77
CA LEU A 48 5.57 2.40 7.73
C LEU A 48 4.70 1.61 8.69
N PRO A 49 3.66 2.25 9.26
CA PRO A 49 2.75 1.60 10.20
C PRO A 49 2.17 0.30 9.64
N LYS A 50 1.32 -0.35 10.43
CA LYS A 50 0.70 -1.61 10.01
C LYS A 50 -0.57 -1.35 9.22
N TYR A 51 -1.37 -0.39 9.69
CA TYR A 51 -2.62 -0.04 9.02
C TYR A 51 -2.36 0.42 7.59
N THR A 52 -1.22 1.08 7.39
CA THR A 52 -0.85 1.59 6.07
C THR A 52 -0.75 0.45 5.05
N ILE A 53 -0.35 -0.72 5.53
CA ILE A 53 -0.20 -1.88 4.66
C ILE A 53 -1.57 -2.52 4.36
N ILE A 54 -2.42 -2.59 5.38
CA ILE A 54 -3.75 -3.17 5.23
C ILE A 54 -4.60 -2.34 4.27
N LYS A 55 -4.49 -1.02 4.39
CA LYS A 55 -5.26 -0.11 3.55
C LYS A 55 -4.75 -0.14 2.11
N PHE A 56 -3.43 -0.24 1.96
CA PHE A 56 -2.82 -0.28 0.64
C PHE A 56 -3.29 -1.49 -0.15
N PHE A 57 -3.04 -2.68 0.40
CA PHE A 57 -3.45 -3.93 -0.25
C PHE A 57 -4.96 -4.02 -0.37
N GLN A 58 -5.67 -3.63 0.69
CA GLN A 58 -7.12 -3.68 0.69
C GLN A 58 -7.70 -2.81 -0.42
N ASN A 59 -7.14 -1.61 -0.58
CA ASN A 59 -7.60 -0.69 -1.62
C ASN A 59 -7.35 -1.26 -3.01
N GLN A 60 -6.13 -1.72 -3.25
CA GLN A 60 -5.76 -2.29 -4.54
C GLN A 60 -6.59 -3.52 -4.85
N ARG A 61 -7.02 -4.23 -3.81
CA ARG A 61 -7.82 -5.44 -3.97
C ARG A 61 -9.12 -5.13 -4.72
N TYR A 62 -9.62 -3.91 -4.54
CA TYR A 62 -10.86 -3.49 -5.20
C TYR A 62 -10.57 -2.95 -6.60
N TYR A 63 -9.37 -2.43 -6.79
CA TYR A 63 -8.98 -1.88 -8.09
C TYR A 63 -9.12 -2.91 -9.19
N LEU A 64 -8.69 -4.14 -8.90
CA LEU A 64 -8.76 -5.22 -9.88
C LEU A 64 -10.20 -5.71 -10.04
N LYS A 65 -10.96 -5.67 -8.95
CA LYS A 65 -12.34 -6.12 -8.96
C LYS A 65 -13.22 -5.13 -9.72
N HIS A 66 -13.26 -3.89 -9.24
CA HIS A 66 -14.07 -2.85 -9.87
C HIS A 66 -13.65 -2.63 -11.32
N HIS A 67 -12.52 -1.97 -11.52
CA HIS A 67 -12.01 -1.70 -12.86
C HIS A 67 -11.75 -3.00 -13.61
N GLY A 68 -12.23 -3.08 -14.85
CA GLY A 68 -12.03 -4.26 -15.66
C GLY A 68 -11.08 -4.04 -16.80
N LYS A 69 -9.90 -3.51 -16.49
CA LYS A 69 -8.89 -3.25 -17.51
C LYS A 69 -7.55 -2.87 -16.87
N LEU A 70 -6.50 -3.61 -17.21
CA LEU A 70 -5.18 -3.36 -16.67
C LEU A 70 -4.36 -2.51 -17.63
N LYS A 71 -3.23 -1.99 -17.14
CA LYS A 71 -2.35 -1.16 -17.96
C LYS A 71 -3.09 0.08 -18.47
N ASN A 5 -1.60 24.81 -13.19
CA ASN A 5 -2.51 25.95 -12.89
C ASN A 5 -3.35 25.69 -11.65
N ARG A 6 -4.08 26.70 -11.20
CA ARG A 6 -4.92 26.57 -10.01
C ARG A 6 -4.09 26.22 -8.79
N GLN A 7 -4.74 26.18 -7.63
CA GLN A 7 -4.05 25.86 -6.39
C GLN A 7 -4.16 24.37 -6.07
N LYS A 8 -3.06 23.64 -6.27
CA LYS A 8 -3.04 22.21 -6.01
C LYS A 8 -1.75 21.81 -5.30
N THR A 9 -1.70 22.06 -4.00
CA THR A 9 -0.52 21.73 -3.20
C THR A 9 -0.49 20.24 -2.86
N ARG A 10 0.56 19.56 -3.30
CA ARG A 10 0.72 18.14 -3.04
C ARG A 10 2.20 17.74 -3.03
N PRO A 11 2.97 18.29 -2.10
CA PRO A 11 4.42 17.99 -1.99
C PRO A 11 4.67 16.59 -1.47
N ARG A 12 3.73 16.07 -0.68
CA ARG A 12 3.86 14.72 -0.12
C ARG A 12 2.59 14.33 0.62
N THR A 13 1.70 13.61 -0.07
CA THR A 13 0.46 13.16 0.53
C THR A 13 0.70 12.10 1.59
N LYS A 14 1.21 10.95 1.16
CA LYS A 14 1.49 9.84 2.08
C LYS A 14 2.29 8.76 1.38
N ILE A 15 3.34 8.28 2.04
CA ILE A 15 4.19 7.24 1.48
C ILE A 15 4.91 7.73 0.23
N SER A 16 6.25 7.80 0.32
CA SER A 16 7.06 8.24 -0.80
C SER A 16 7.13 7.19 -1.90
N VAL A 17 7.69 7.56 -3.04
CA VAL A 17 7.82 6.64 -4.16
C VAL A 17 8.68 5.44 -3.80
N GLU A 18 9.64 5.65 -2.90
CA GLU A 18 10.54 4.59 -2.47
C GLU A 18 9.76 3.44 -1.85
N ALA A 19 8.77 3.78 -1.01
CA ALA A 19 7.94 2.78 -0.36
C ALA A 19 7.01 2.10 -1.34
N LEU A 20 6.46 2.89 -2.26
CA LEU A 20 5.54 2.36 -3.26
C LEU A 20 6.26 1.43 -4.23
N GLY A 21 7.49 1.79 -4.57
CA GLY A 21 8.27 0.97 -5.49
C GLY A 21 8.50 -0.43 -4.96
N ILE A 22 8.83 -0.53 -3.67
CA ILE A 22 9.07 -1.83 -3.04
C ILE A 22 7.77 -2.61 -2.89
N LEU A 23 6.70 -1.89 -2.55
CA LEU A 23 5.39 -2.52 -2.37
C LEU A 23 4.86 -3.06 -3.70
N GLN A 24 5.05 -2.29 -4.76
CA GLN A 24 4.59 -2.70 -6.09
C GLN A 24 5.21 -4.03 -6.50
N SER A 25 6.49 -4.19 -6.18
CA SER A 25 7.21 -5.42 -6.52
C SER A 25 6.61 -6.62 -5.79
N PHE A 26 6.17 -6.40 -4.56
CA PHE A 26 5.57 -7.46 -3.76
C PHE A 26 4.23 -7.89 -4.34
N ILE A 27 3.53 -6.96 -4.95
CA ILE A 27 2.22 -7.23 -5.55
C ILE A 27 2.38 -8.00 -6.86
N GLN A 28 3.49 -7.76 -7.55
CA GLN A 28 3.76 -8.43 -8.83
C GLN A 28 4.32 -9.83 -8.60
N ASP A 29 4.99 -10.02 -7.47
CA ASP A 29 5.58 -11.31 -7.14
C ASP A 29 4.61 -12.17 -6.33
N VAL A 30 4.31 -11.71 -5.12
CA VAL A 30 3.40 -12.44 -4.25
C VAL A 30 1.97 -12.40 -4.77
N GLY A 31 1.35 -11.21 -4.73
CA GLY A 31 -0.01 -11.06 -5.20
C GLY A 31 -0.67 -9.81 -4.67
N LEU A 32 -1.55 -9.98 -3.69
CA LEU A 32 -2.27 -8.85 -3.09
C LEU A 32 -2.34 -9.00 -1.58
N TYR A 33 -3.09 -9.99 -1.12
CA TYR A 33 -3.24 -10.23 0.32
C TYR A 33 -1.94 -10.77 0.92
N PRO A 34 -1.28 -9.98 1.78
CA PRO A 34 -0.03 -10.39 2.43
C PRO A 34 -0.26 -11.30 3.63
N ASP A 35 0.79 -11.52 4.40
CA ASP A 35 0.71 -12.37 5.59
C ASP A 35 1.23 -11.64 6.82
N GLU A 36 0.85 -12.12 7.99
CA GLU A 36 1.26 -11.50 9.25
C GLU A 36 2.79 -11.36 9.30
N GLU A 37 3.49 -12.25 8.61
CA GLU A 37 4.95 -12.22 8.57
C GLU A 37 5.45 -11.19 7.56
N ALA A 38 4.65 -10.96 6.53
CA ALA A 38 5.03 -9.99 5.49
C ALA A 38 4.77 -8.56 5.95
N ILE A 39 3.64 -8.35 6.61
CA ILE A 39 3.28 -7.03 7.11
C ILE A 39 4.26 -6.55 8.18
N GLN A 40 4.56 -7.44 9.12
CA GLN A 40 5.49 -7.11 10.21
C GLN A 40 6.86 -6.75 9.66
N THR A 41 7.33 -7.51 8.68
CA THR A 41 8.63 -7.26 8.07
C THR A 41 8.59 -6.03 7.18
N LEU A 42 7.52 -5.89 6.41
CA LEU A 42 7.37 -4.74 5.51
C LEU A 42 7.20 -3.44 6.31
N SER A 43 6.60 -3.56 7.48
CA SER A 43 6.38 -2.40 8.34
C SER A 43 7.70 -1.77 8.77
N ALA A 44 8.60 -2.61 9.30
CA ALA A 44 9.90 -2.14 9.75
C ALA A 44 10.72 -1.61 8.59
N GLN A 45 10.72 -2.34 7.48
CA GLN A 45 11.47 -1.95 6.30
C GLN A 45 11.00 -0.59 5.78
N LEU A 46 9.73 -0.52 5.39
CA LEU A 46 9.16 0.73 4.89
C LEU A 46 8.99 1.76 6.00
N ASP A 47 9.05 1.30 7.26
CA ASP A 47 8.90 2.19 8.40
C ASP A 47 7.50 2.76 8.46
N LEU A 48 6.52 1.98 8.01
CA LEU A 48 5.13 2.41 8.02
C LEU A 48 4.28 1.51 8.92
N PRO A 49 3.30 2.07 9.63
CA PRO A 49 2.43 1.32 10.53
C PRO A 49 1.83 0.08 9.85
N LYS A 50 1.16 -0.75 10.64
CA LYS A 50 0.53 -1.96 10.12
C LYS A 50 -0.77 -1.65 9.40
N TYR A 51 -1.59 -0.80 10.03
CA TYR A 51 -2.87 -0.42 9.45
C TYR A 51 -2.69 0.23 8.08
N THR A 52 -1.55 0.91 7.91
CA THR A 52 -1.26 1.58 6.65
C THR A 52 -1.17 0.59 5.50
N ILE A 53 -0.55 -0.55 5.76
CA ILE A 53 -0.39 -1.58 4.74
C ILE A 53 -1.74 -2.26 4.45
N ILE A 54 -2.54 -2.46 5.49
CA ILE A 54 -3.84 -3.09 5.34
C ILE A 54 -4.82 -2.17 4.60
N LYS A 55 -4.63 -0.87 4.78
CA LYS A 55 -5.50 0.12 4.13
C LYS A 55 -5.07 0.36 2.69
N PHE A 56 -3.79 0.19 2.43
CA PHE A 56 -3.25 0.40 1.08
C PHE A 56 -3.53 -0.81 0.20
N PHE A 57 -3.25 -2.01 0.72
CA PHE A 57 -3.47 -3.23 -0.03
C PHE A 57 -4.95 -3.47 -0.29
N GLN A 58 -5.79 -3.00 0.63
CA GLN A 58 -7.24 -3.15 0.50
C GLN A 58 -7.81 -2.12 -0.45
N ASN A 59 -7.43 -0.86 -0.27
CA ASN A 59 -7.91 0.23 -1.12
C ASN A 59 -7.60 -0.04 -2.59
N GLN A 60 -6.51 -0.77 -2.83
CA GLN A 60 -6.10 -1.09 -4.19
C GLN A 60 -7.19 -1.86 -4.93
N ARG A 61 -7.67 -2.93 -4.31
CA ARG A 61 -8.72 -3.75 -4.91
C ARG A 61 -10.04 -2.99 -4.99
N TYR A 62 -10.45 -2.41 -3.86
CA TYR A 62 -11.69 -1.65 -3.81
C TYR A 62 -11.68 -0.50 -4.81
N TYR A 63 -10.50 0.09 -5.00
CA TYR A 63 -10.35 1.21 -5.93
C TYR A 63 -10.56 0.76 -7.37
N LEU A 64 -10.29 -0.52 -7.63
CA LEU A 64 -10.45 -1.07 -8.97
C LEU A 64 -11.80 -1.76 -9.12
N LYS A 65 -12.85 -1.15 -8.56
CA LYS A 65 -14.19 -1.70 -8.63
C LYS A 65 -15.21 -0.74 -8.05
N HIS A 66 -14.93 -0.24 -6.84
CA HIS A 66 -15.82 0.69 -6.16
C HIS A 66 -15.64 2.10 -6.70
N HIS A 67 -14.44 2.65 -6.54
CA HIS A 67 -14.13 4.00 -7.01
C HIS A 67 -12.80 4.02 -7.76
N GLY A 68 -12.86 4.43 -9.03
CA GLY A 68 -11.66 4.49 -9.85
C GLY A 68 -11.10 5.89 -9.94
N LYS A 69 -11.35 6.70 -8.92
CA LYS A 69 -10.87 8.07 -8.89
C LYS A 69 -10.28 8.41 -7.53
N LEU A 70 -9.02 8.85 -7.52
CA LEU A 70 -8.34 9.21 -6.28
C LEU A 70 -8.47 10.71 -6.01
N LYS A 71 -7.85 11.50 -6.87
CA LYS A 71 -7.89 12.95 -6.74
C LYS A 71 -8.36 13.61 -8.03
N ASN A 5 1.30 11.21 -24.01
CA ASN A 5 0.63 9.88 -23.89
C ASN A 5 0.39 9.52 -22.43
N ARG A 6 1.41 9.68 -21.60
CA ARG A 6 1.31 9.37 -20.18
C ARG A 6 0.33 10.31 -19.49
N GLN A 7 -0.18 9.89 -18.34
CA GLN A 7 -1.14 10.69 -17.58
C GLN A 7 -0.75 10.73 -16.10
N LYS A 8 -1.30 11.71 -15.39
CA LYS A 8 -1.02 11.87 -13.96
C LYS A 8 -2.28 12.27 -13.20
N THR A 9 -2.20 12.19 -11.87
CA THR A 9 -3.33 12.55 -11.02
C THR A 9 -2.88 12.78 -9.59
N ARG A 10 -3.83 13.06 -8.70
CA ARG A 10 -3.53 13.31 -7.30
C ARG A 10 -4.28 12.33 -6.40
N PRO A 11 -4.12 11.02 -6.64
CA PRO A 11 -4.79 9.99 -5.84
C PRO A 11 -4.17 9.85 -4.45
N ARG A 12 -4.94 10.23 -3.43
CA ARG A 12 -4.46 10.14 -2.05
C ARG A 12 -3.22 11.01 -1.85
N THR A 13 -2.87 11.25 -0.59
CA THR A 13 -1.71 12.06 -0.26
C THR A 13 -0.88 11.42 0.84
N LYS A 14 -0.86 10.08 0.86
CA LYS A 14 -0.12 9.34 1.86
C LYS A 14 0.96 8.48 1.21
N ILE A 15 2.04 8.22 1.95
CA ILE A 15 3.14 7.41 1.44
C ILE A 15 3.82 8.10 0.26
N SER A 16 5.14 7.98 0.20
CA SER A 16 5.93 8.58 -0.88
C SER A 16 6.02 7.64 -2.07
N VAL A 17 6.44 8.19 -3.20
CA VAL A 17 6.58 7.41 -4.43
C VAL A 17 7.56 6.25 -4.25
N GLU A 18 8.54 6.46 -3.37
CA GLU A 18 9.55 5.44 -3.10
C GLU A 18 8.90 4.15 -2.58
N ALA A 19 7.96 4.31 -1.67
CA ALA A 19 7.26 3.17 -1.09
C ALA A 19 6.43 2.45 -2.15
N LEU A 20 5.83 3.22 -3.06
CA LEU A 20 5.01 2.66 -4.12
C LEU A 20 5.83 1.73 -5.00
N GLY A 21 7.05 2.14 -5.32
CA GLY A 21 7.92 1.34 -6.15
C GLY A 21 8.19 -0.03 -5.55
N ILE A 22 8.65 -0.04 -4.30
CA ILE A 22 8.96 -1.29 -3.61
C ILE A 22 7.69 -2.10 -3.36
N LEU A 23 6.61 -1.40 -3.00
CA LEU A 23 5.34 -2.05 -2.72
C LEU A 23 4.79 -2.74 -3.98
N GLN A 24 4.91 -2.05 -5.11
CA GLN A 24 4.44 -2.60 -6.38
C GLN A 24 5.13 -3.92 -6.70
N SER A 25 6.44 -3.96 -6.50
CA SER A 25 7.22 -5.16 -6.77
C SER A 25 6.72 -6.33 -5.92
N PHE A 26 6.22 -6.02 -4.73
CA PHE A 26 5.72 -7.04 -3.83
C PHE A 26 4.39 -7.59 -4.33
N ILE A 27 3.62 -6.76 -5.02
CA ILE A 27 2.33 -7.16 -5.56
C ILE A 27 2.50 -8.01 -6.82
N GLN A 28 3.53 -7.71 -7.59
CA GLN A 28 3.81 -8.44 -8.83
C GLN A 28 4.40 -9.81 -8.52
N ASP A 29 5.14 -9.89 -7.43
CA ASP A 29 5.78 -11.15 -7.03
C ASP A 29 4.85 -11.97 -6.14
N VAL A 30 4.55 -11.44 -4.95
CA VAL A 30 3.67 -12.12 -4.01
C VAL A 30 2.23 -12.13 -4.51
N GLY A 31 1.69 -10.95 -4.76
CA GLY A 31 0.32 -10.84 -5.24
C GLY A 31 -0.47 -9.79 -4.49
N LEU A 32 -1.40 -10.23 -3.64
CA LEU A 32 -2.22 -9.31 -2.88
C LEU A 32 -2.92 -10.03 -1.73
N TYR A 33 -2.25 -11.06 -1.19
CA TYR A 33 -2.81 -11.84 -0.09
C TYR A 33 -1.72 -12.25 0.89
N PRO A 34 -0.97 -11.28 1.44
CA PRO A 34 0.11 -11.56 2.38
C PRO A 34 -0.42 -12.01 3.74
N ASP A 35 0.50 -12.32 4.65
CA ASP A 35 0.14 -12.76 6.00
C ASP A 35 0.63 -11.78 7.04
N GLU A 36 0.25 -12.02 8.30
CA GLU A 36 0.65 -11.15 9.39
C GLU A 36 2.17 -11.05 9.49
N GLU A 37 2.85 -12.12 9.09
CA GLU A 37 4.30 -12.16 9.13
C GLU A 37 4.90 -11.31 8.03
N ALA A 38 4.20 -11.24 6.89
CA ALA A 38 4.67 -10.45 5.76
C ALA A 38 4.50 -8.96 6.02
N ILE A 39 3.37 -8.58 6.59
CA ILE A 39 3.09 -7.18 6.89
C ILE A 39 4.04 -6.65 7.96
N GLN A 40 4.43 -7.53 8.87
CA GLN A 40 5.34 -7.15 9.95
C GLN A 40 6.72 -6.80 9.40
N THR A 41 7.18 -7.57 8.42
CA THR A 41 8.49 -7.34 7.82
C THR A 41 8.48 -6.10 6.93
N LEU A 42 7.34 -5.86 6.28
CA LEU A 42 7.20 -4.71 5.40
C LEU A 42 7.05 -3.42 6.21
N SER A 43 6.46 -3.53 7.39
CA SER A 43 6.25 -2.37 8.26
C SER A 43 7.59 -1.86 8.79
N ALA A 44 8.44 -2.78 9.23
CA ALA A 44 9.75 -2.42 9.77
C ALA A 44 10.68 -1.94 8.66
N GLN A 45 10.64 -2.62 7.52
CA GLN A 45 11.48 -2.26 6.38
C GLN A 45 11.20 -0.84 5.92
N LEU A 46 9.96 -0.60 5.49
CA LEU A 46 9.55 0.71 5.02
C LEU A 46 9.39 1.69 6.18
N ASP A 47 9.41 1.17 7.41
CA ASP A 47 9.26 2.02 8.58
C ASP A 47 7.87 2.64 8.65
N LEU A 48 6.89 1.92 8.10
CA LEU A 48 5.51 2.41 8.09
C LEU A 48 4.62 1.51 8.95
N PRO A 49 3.64 2.10 9.65
CA PRO A 49 2.72 1.35 10.51
C PRO A 49 1.98 0.25 9.76
N LYS A 50 1.08 -0.44 10.44
CA LYS A 50 0.31 -1.52 9.83
C LYS A 50 -0.91 -0.97 9.09
N TYR A 51 -1.66 -0.11 9.75
CA TYR A 51 -2.86 0.49 9.15
C TYR A 51 -2.57 1.02 7.75
N THR A 52 -1.36 1.49 7.52
CA THR A 52 -0.97 2.01 6.22
C THR A 52 -0.82 0.89 5.20
N ILE A 53 -0.15 -0.18 5.60
CA ILE A 53 0.07 -1.32 4.72
C ILE A 53 -1.24 -2.07 4.48
N ILE A 54 -2.07 -2.15 5.51
CA ILE A 54 -3.35 -2.84 5.42
C ILE A 54 -4.31 -2.05 4.53
N LYS A 55 -4.45 -0.76 4.80
CA LYS A 55 -5.34 0.09 4.02
C LYS A 55 -4.93 0.12 2.56
N PHE A 56 -3.62 0.13 2.32
CA PHE A 56 -3.09 0.16 0.96
C PHE A 56 -3.45 -1.12 0.20
N PHE A 57 -3.06 -2.26 0.76
CA PHE A 57 -3.34 -3.55 0.15
C PHE A 57 -4.84 -3.79 0.04
N GLN A 58 -5.60 -3.23 0.98
CA GLN A 58 -7.05 -3.38 0.99
C GLN A 58 -7.68 -2.56 -0.13
N ASN A 59 -7.22 -1.33 -0.29
CA ASN A 59 -7.75 -0.44 -1.33
C ASN A 59 -7.55 -1.06 -2.71
N GLN A 60 -6.48 -1.81 -2.87
CA GLN A 60 -6.18 -2.46 -4.15
C GLN A 60 -7.17 -3.58 -4.44
N ARG A 61 -7.58 -4.28 -3.38
CA ARG A 61 -8.53 -5.38 -3.51
C ARG A 61 -9.92 -4.87 -3.88
N TYR A 62 -10.33 -3.77 -3.25
CA TYR A 62 -11.63 -3.17 -3.51
C TYR A 62 -11.63 -2.45 -4.85
N TYR A 63 -10.50 -1.85 -5.21
CA TYR A 63 -10.38 -1.12 -6.46
C TYR A 63 -10.59 -2.06 -7.65
N LEU A 64 -10.18 -3.31 -7.49
CA LEU A 64 -10.32 -4.30 -8.55
C LEU A 64 -11.71 -4.91 -8.54
N LYS A 65 -12.33 -4.95 -7.35
CA LYS A 65 -13.67 -5.52 -7.20
C LYS A 65 -14.72 -4.41 -7.21
N HIS A 66 -14.43 -3.32 -7.89
CA HIS A 66 -15.35 -2.20 -7.98
C HIS A 66 -15.70 -1.89 -9.43
N HIS A 67 -14.71 -1.93 -10.30
CA HIS A 67 -14.91 -1.65 -11.72
C HIS A 67 -14.79 -2.93 -12.54
N GLY A 68 -15.55 -2.99 -13.64
CA GLY A 68 -15.51 -4.16 -14.49
C GLY A 68 -14.24 -4.23 -15.33
N LYS A 69 -13.67 -3.08 -15.61
CA LYS A 69 -12.44 -3.00 -16.42
C LYS A 69 -11.58 -1.82 -15.99
N LEU A 70 -10.30 -2.09 -15.75
CA LEU A 70 -9.36 -1.06 -15.33
C LEU A 70 -8.77 -0.34 -16.54
N LYS A 71 -8.22 0.84 -16.31
CA LYS A 71 -7.61 1.63 -17.39
C LYS A 71 -6.12 1.37 -17.47
N ASN A 5 -25.04 19.11 5.67
CA ASN A 5 -25.44 17.77 6.16
C ASN A 5 -25.11 16.68 5.14
N ARG A 6 -24.05 16.90 4.38
CA ARG A 6 -23.62 15.94 3.37
C ARG A 6 -22.21 16.24 2.89
N GLN A 7 -21.24 15.51 3.43
CA GLN A 7 -19.84 15.70 3.07
C GLN A 7 -18.99 14.50 3.52
N LYS A 8 -18.33 13.87 2.56
CA LYS A 8 -17.49 12.71 2.86
C LYS A 8 -16.19 12.76 2.07
N THR A 9 -15.67 13.97 1.87
CA THR A 9 -14.43 14.16 1.12
C THR A 9 -13.28 14.51 2.04
N ARG A 10 -12.39 13.54 2.27
CA ARG A 10 -11.24 13.75 3.15
C ARG A 10 -10.08 12.84 2.75
N PRO A 11 -9.22 13.30 1.83
CA PRO A 11 -8.07 12.51 1.37
C PRO A 11 -7.00 12.36 2.45
N ARG A 12 -6.05 11.48 2.21
CA ARG A 12 -4.96 11.23 3.15
C ARG A 12 -3.64 11.04 2.44
N THR A 13 -2.66 11.89 2.76
CA THR A 13 -1.34 11.82 2.13
C THR A 13 -0.40 10.96 2.97
N LYS A 14 0.26 10.01 2.31
CA LYS A 14 1.20 9.12 3.00
C LYS A 14 1.88 8.18 2.00
N ILE A 15 2.93 7.51 2.45
CA ILE A 15 3.67 6.59 1.60
C ILE A 15 4.30 7.31 0.42
N SER A 16 5.64 7.27 0.35
CA SER A 16 6.36 7.92 -0.72
C SER A 16 6.58 6.97 -1.89
N VAL A 17 7.08 7.50 -3.00
CA VAL A 17 7.35 6.68 -4.18
C VAL A 17 8.31 5.55 -3.86
N GLU A 18 9.22 5.79 -2.93
CA GLU A 18 10.20 4.79 -2.53
C GLU A 18 9.52 3.59 -1.90
N ALA A 19 8.59 3.86 -0.98
CA ALA A 19 7.85 2.81 -0.29
C ALA A 19 6.89 2.11 -1.23
N LEU A 20 6.18 2.90 -2.04
CA LEU A 20 5.22 2.36 -3.00
C LEU A 20 5.92 1.47 -4.03
N GLY A 21 7.12 1.86 -4.42
CA GLY A 21 7.87 1.09 -5.39
C GLY A 21 8.14 -0.32 -4.93
N ILE A 22 8.66 -0.46 -3.71
CA ILE A 22 8.96 -1.77 -3.14
C ILE A 22 7.69 -2.59 -2.99
N LEU A 23 6.62 -1.95 -2.51
CA LEU A 23 5.35 -2.63 -2.32
C LEU A 23 4.80 -3.14 -3.65
N GLN A 24 5.06 -2.38 -4.72
CA GLN A 24 4.59 -2.76 -6.05
C GLN A 24 5.17 -4.10 -6.47
N SER A 25 6.45 -4.31 -6.17
CA SER A 25 7.13 -5.55 -6.52
C SER A 25 6.50 -6.73 -5.77
N PHE A 26 6.07 -6.49 -4.54
CA PHE A 26 5.46 -7.54 -3.73
C PHE A 26 4.20 -8.07 -4.41
N ILE A 27 3.46 -7.19 -5.06
CA ILE A 27 2.23 -7.57 -5.75
C ILE A 27 2.54 -8.35 -7.02
N GLN A 28 3.67 -8.02 -7.65
CA GLN A 28 4.07 -8.69 -8.89
C GLN A 28 4.81 -9.99 -8.58
N ASP A 29 5.46 -10.04 -7.41
CA ASP A 29 6.20 -11.23 -7.01
C ASP A 29 5.31 -12.20 -6.26
N VAL A 30 4.88 -11.80 -5.07
CA VAL A 30 4.01 -12.65 -4.24
C VAL A 30 2.62 -12.78 -4.86
N GLY A 31 1.87 -11.68 -4.84
CA GLY A 31 0.53 -11.69 -5.38
C GLY A 31 -0.24 -10.43 -5.04
N LEU A 32 -1.04 -10.50 -3.98
CA LEU A 32 -1.84 -9.36 -3.55
C LEU A 32 -2.12 -9.42 -2.04
N TYR A 33 -2.73 -10.52 -1.61
CA TYR A 33 -3.06 -10.71 -0.20
C TYR A 33 -1.80 -10.92 0.63
N PRO A 34 -1.45 -9.96 1.51
CA PRO A 34 -0.26 -10.06 2.36
C PRO A 34 -0.51 -10.88 3.61
N ASP A 35 0.54 -11.53 4.11
CA ASP A 35 0.43 -12.35 5.31
C ASP A 35 0.89 -11.56 6.53
N GLU A 36 0.51 -12.04 7.71
CA GLU A 36 0.88 -11.38 8.97
C GLU A 36 2.39 -11.20 9.06
N GLU A 37 3.14 -12.17 8.55
CA GLU A 37 4.59 -12.11 8.57
C GLU A 37 5.11 -11.06 7.58
N ALA A 38 4.34 -10.84 6.52
CA ALA A 38 4.73 -9.86 5.51
C ALA A 38 4.51 -8.43 6.00
N ILE A 39 3.44 -8.22 6.76
CA ILE A 39 3.12 -6.90 7.29
C ILE A 39 4.18 -6.47 8.32
N GLN A 40 4.71 -7.43 9.06
CA GLN A 40 5.73 -7.14 10.06
C GLN A 40 7.03 -6.68 9.41
N THR A 41 7.57 -7.50 8.52
CA THR A 41 8.80 -7.18 7.83
C THR A 41 8.65 -5.89 7.01
N LEU A 42 7.57 -5.80 6.26
CA LEU A 42 7.31 -4.62 5.44
C LEU A 42 7.20 -3.37 6.29
N SER A 43 6.55 -3.49 7.45
CA SER A 43 6.38 -2.36 8.35
C SER A 43 7.73 -1.88 8.88
N ALA A 44 8.46 -2.78 9.51
CA ALA A 44 9.78 -2.45 10.06
C ALA A 44 10.73 -1.99 8.96
N GLN A 45 10.80 -2.76 7.89
CA GLN A 45 11.68 -2.42 6.77
C GLN A 45 11.32 -1.07 6.17
N LEU A 46 10.08 -0.93 5.74
CA LEU A 46 9.61 0.32 5.15
C LEU A 46 9.48 1.43 6.22
N ASP A 47 9.56 1.04 7.49
CA ASP A 47 9.46 1.99 8.57
C ASP A 47 8.07 2.63 8.60
N LEU A 48 7.06 1.88 8.17
CA LEU A 48 5.69 2.36 8.13
C LEU A 48 4.79 1.50 9.01
N PRO A 49 3.79 2.11 9.67
CA PRO A 49 2.86 1.38 10.54
C PRO A 49 2.22 0.20 9.83
N LYS A 50 1.30 -0.47 10.53
CA LYS A 50 0.61 -1.63 9.96
C LYS A 50 -0.74 -1.24 9.36
N TYR A 51 -1.44 -0.33 10.03
CA TYR A 51 -2.75 0.13 9.56
C TYR A 51 -2.65 0.70 8.15
N THR A 52 -1.50 1.29 7.83
CA THR A 52 -1.29 1.88 6.52
C THR A 52 -1.11 0.81 5.45
N ILE A 53 -0.47 -0.29 5.83
CA ILE A 53 -0.22 -1.40 4.90
C ILE A 53 -1.53 -2.12 4.58
N ILE A 54 -2.42 -2.21 5.56
CA ILE A 54 -3.70 -2.87 5.38
C ILE A 54 -4.64 -2.03 4.52
N LYS A 55 -4.59 -0.72 4.71
CA LYS A 55 -5.45 0.19 3.95
C LYS A 55 -5.05 0.20 2.48
N PHE A 56 -3.76 0.01 2.22
CA PHE A 56 -3.25 0.00 0.85
C PHE A 56 -3.82 -1.17 0.05
N PHE A 57 -3.45 -2.38 0.46
CA PHE A 57 -3.94 -3.59 -0.22
C PHE A 57 -5.46 -3.67 -0.18
N GLN A 58 -6.05 -3.10 0.86
CA GLN A 58 -7.50 -3.11 1.02
C GLN A 58 -8.16 -2.06 0.13
N ASN A 59 -7.43 -0.98 -0.15
CA ASN A 59 -7.95 0.09 -1.00
C ASN A 59 -7.84 -0.27 -2.48
N GLN A 60 -6.88 -1.12 -2.80
CA GLN A 60 -6.68 -1.55 -4.19
C GLN A 60 -7.66 -2.64 -4.58
N ARG A 61 -8.05 -3.46 -3.61
CA ARG A 61 -8.98 -4.55 -3.86
C ARG A 61 -10.43 -4.06 -3.78
N TYR A 62 -10.73 -3.31 -2.73
CA TYR A 62 -12.08 -2.77 -2.53
C TYR A 62 -12.49 -1.86 -3.68
N TYR A 63 -11.51 -1.35 -4.41
CA TYR A 63 -11.77 -0.45 -5.53
C TYR A 63 -12.39 -1.21 -6.71
N LEU A 64 -11.86 -2.40 -6.98
CA LEU A 64 -12.37 -3.23 -8.08
C LEU A 64 -13.38 -4.25 -7.58
N LYS A 65 -14.04 -3.94 -6.47
CA LYS A 65 -15.03 -4.84 -5.89
C LYS A 65 -16.38 -4.15 -5.76
N HIS A 66 -16.36 -2.88 -5.36
CA HIS A 66 -17.59 -2.11 -5.19
C HIS A 66 -17.84 -1.23 -6.42
N HIS A 67 -16.85 -0.45 -6.82
CA HIS A 67 -16.98 0.43 -7.97
C HIS A 67 -16.89 -0.37 -9.28
N GLY A 68 -15.68 -0.69 -9.69
CA GLY A 68 -15.48 -1.44 -10.92
C GLY A 68 -14.69 -0.68 -11.96
N LYS A 69 -15.36 0.24 -12.64
CA LYS A 69 -14.71 1.05 -13.68
C LYS A 69 -14.10 2.32 -13.07
N LEU A 70 -13.51 3.14 -13.93
CA LEU A 70 -12.88 4.38 -13.48
C LEU A 70 -13.78 5.58 -13.77
N LYS A 71 -13.99 5.85 -15.05
CA LYS A 71 -14.84 6.96 -15.47
C LYS A 71 -16.30 6.70 -15.12
N ASN A 5 17.69 21.97 19.30
CA ASN A 5 18.02 20.83 20.21
C ASN A 5 17.28 19.57 19.80
N ARG A 6 17.13 19.37 18.48
CA ARG A 6 16.44 18.20 17.96
C ARG A 6 14.98 18.18 18.41
N GLN A 7 14.13 17.58 17.59
CA GLN A 7 12.70 17.49 17.91
C GLN A 7 12.44 16.39 18.93
N LYS A 8 11.20 16.30 19.39
CA LYS A 8 10.81 15.30 20.37
C LYS A 8 9.40 14.79 20.11
N THR A 9 9.03 14.73 18.82
CA THR A 9 7.71 14.27 18.44
C THR A 9 7.77 13.48 17.13
N ARG A 10 6.84 12.54 16.97
CA ARG A 10 6.78 11.71 15.78
C ARG A 10 5.77 12.28 14.77
N PRO A 11 6.26 12.98 13.72
CA PRO A 11 5.38 13.58 12.70
C PRO A 11 4.70 12.51 11.85
N ARG A 12 3.55 12.87 11.28
CA ARG A 12 2.79 11.95 10.44
C ARG A 12 3.62 11.50 9.25
N THR A 13 3.42 10.26 8.82
CA THR A 13 4.15 9.71 7.69
C THR A 13 3.20 9.33 6.55
N LYS A 14 3.72 9.30 5.33
CA LYS A 14 2.91 8.96 4.16
C LYS A 14 3.66 7.99 3.25
N ILE A 15 2.96 7.48 2.25
CA ILE A 15 3.56 6.54 1.31
C ILE A 15 4.10 7.26 0.08
N SER A 16 5.31 7.81 0.20
CA SER A 16 5.94 8.53 -0.90
C SER A 16 6.10 7.63 -2.12
N VAL A 17 6.63 8.19 -3.20
CA VAL A 17 6.84 7.45 -4.43
C VAL A 17 7.79 6.27 -4.21
N GLU A 18 8.71 6.44 -3.27
CA GLU A 18 9.69 5.40 -2.97
C GLU A 18 9.00 4.18 -2.38
N ALA A 19 8.03 4.40 -1.49
CA ALA A 19 7.30 3.33 -0.85
C ALA A 19 6.27 2.73 -1.81
N LEU A 20 5.75 3.55 -2.70
CA LEU A 20 4.76 3.10 -3.68
C LEU A 20 5.39 2.15 -4.69
N GLY A 21 6.67 2.35 -4.97
CA GLY A 21 7.37 1.50 -5.92
C GLY A 21 7.71 0.14 -5.33
N ILE A 22 8.14 0.13 -4.07
CA ILE A 22 8.50 -1.11 -3.40
C ILE A 22 7.26 -1.96 -3.13
N LEU A 23 6.20 -1.33 -2.66
CA LEU A 23 4.95 -2.03 -2.35
C LEU A 23 4.40 -2.70 -3.61
N GLN A 24 4.51 -2.02 -4.74
CA GLN A 24 4.01 -2.56 -6.01
C GLN A 24 4.71 -3.87 -6.35
N SER A 25 6.03 -3.91 -6.16
CA SER A 25 6.80 -5.10 -6.44
C SER A 25 6.31 -6.29 -5.60
N PHE A 26 5.83 -5.99 -4.40
CA PHE A 26 5.34 -7.03 -3.51
C PHE A 26 4.04 -7.63 -4.04
N ILE A 27 3.26 -6.82 -4.74
CA ILE A 27 2.00 -7.28 -5.30
C ILE A 27 2.23 -8.23 -6.48
N GLN A 28 3.09 -7.80 -7.40
CA GLN A 28 3.39 -8.62 -8.58
C GLN A 28 4.17 -9.87 -8.19
N ASP A 29 4.95 -9.76 -7.12
CA ASP A 29 5.76 -10.88 -6.65
C ASP A 29 4.91 -11.85 -5.83
N VAL A 30 4.45 -11.39 -4.67
CA VAL A 30 3.63 -12.21 -3.79
C VAL A 30 2.18 -12.24 -4.26
N GLY A 31 1.51 -11.09 -4.16
CA GLY A 31 0.12 -11.00 -4.57
C GLY A 31 -0.64 -9.92 -3.82
N LEU A 32 -1.95 -10.09 -3.73
CA LEU A 32 -2.80 -9.12 -3.04
C LEU A 32 -3.36 -9.71 -1.74
N TYR A 33 -2.56 -10.57 -1.11
CA TYR A 33 -2.97 -11.21 0.14
C TYR A 33 -1.76 -11.64 0.96
N PRO A 34 -1.04 -10.68 1.55
CA PRO A 34 0.15 -10.97 2.36
C PRO A 34 -0.21 -11.59 3.71
N ASP A 35 0.77 -12.22 4.34
CA ASP A 35 0.57 -12.87 5.63
C ASP A 35 0.87 -11.91 6.77
N GLU A 36 0.49 -12.29 7.98
CA GLU A 36 0.71 -11.46 9.16
C GLU A 36 2.20 -11.16 9.35
N GLU A 37 3.03 -12.17 9.11
CA GLU A 37 4.48 -12.02 9.25
C GLU A 37 5.05 -11.15 8.13
N ALA A 38 4.40 -11.19 6.96
CA ALA A 38 4.84 -10.41 5.82
C ALA A 38 4.68 -8.91 6.08
N ILE A 39 3.53 -8.54 6.66
CA ILE A 39 3.25 -7.14 6.96
C ILE A 39 4.19 -6.62 8.04
N GLN A 40 4.61 -7.50 8.94
CA GLN A 40 5.50 -7.12 10.03
C GLN A 40 6.88 -6.76 9.49
N THR A 41 7.36 -7.53 8.53
CA THR A 41 8.67 -7.29 7.93
C THR A 41 8.65 -6.04 7.05
N LEU A 42 7.51 -5.79 6.42
CA LEU A 42 7.36 -4.64 5.54
C LEU A 42 7.38 -3.34 6.35
N SER A 43 6.73 -3.37 7.51
CA SER A 43 6.67 -2.20 8.38
C SER A 43 8.03 -1.88 8.97
N ALA A 44 8.77 -2.92 9.35
CA ALA A 44 10.10 -2.74 9.93
C ALA A 44 11.11 -2.32 8.86
N GLN A 45 10.92 -2.81 7.65
CA GLN A 45 11.82 -2.47 6.54
C GLN A 45 11.51 -1.08 6.00
N LEU A 46 10.30 -0.90 5.50
CA LEU A 46 9.88 0.38 4.95
C LEU A 46 9.71 1.42 6.04
N ASP A 47 9.65 0.97 7.30
CA ASP A 47 9.50 1.88 8.43
C ASP A 47 8.13 2.56 8.39
N LEU A 48 7.13 1.84 7.88
CA LEU A 48 5.77 2.37 7.79
C LEU A 48 4.83 1.59 8.70
N PRO A 49 3.78 2.26 9.21
CA PRO A 49 2.79 1.63 10.10
C PRO A 49 2.23 0.33 9.51
N LYS A 50 1.38 -0.33 10.28
CA LYS A 50 0.78 -1.58 9.83
C LYS A 50 -0.58 -1.34 9.20
N TYR A 51 -1.40 -0.52 9.86
CA TYR A 51 -2.74 -0.20 9.37
C TYR A 51 -2.67 0.44 7.99
N THR A 52 -1.59 1.17 7.74
CA THR A 52 -1.40 1.84 6.45
C THR A 52 -1.19 0.82 5.33
N ILE A 53 -0.54 -0.28 5.66
CA ILE A 53 -0.27 -1.33 4.68
C ILE A 53 -1.55 -2.08 4.33
N ILE A 54 -2.50 -2.10 5.26
CA ILE A 54 -3.77 -2.79 5.03
C ILE A 54 -4.63 -2.03 4.03
N LYS A 55 -4.79 -0.73 4.25
CA LYS A 55 -5.59 0.11 3.37
C LYS A 55 -5.07 0.06 1.94
N PHE A 56 -3.75 0.13 1.79
CA PHE A 56 -3.12 0.08 0.48
C PHE A 56 -3.42 -1.24 -0.23
N PHE A 57 -3.13 -2.34 0.45
CA PHE A 57 -3.35 -3.67 -0.11
C PHE A 57 -4.83 -3.87 -0.45
N GLN A 58 -5.71 -3.51 0.49
CA GLN A 58 -7.15 -3.65 0.29
C GLN A 58 -7.61 -2.77 -0.87
N ASN A 59 -7.06 -1.57 -0.95
CA ASN A 59 -7.42 -0.63 -2.02
C ASN A 59 -6.78 -1.04 -3.34
N GLN A 60 -5.64 -1.71 -3.26
CA GLN A 60 -4.93 -2.16 -4.45
C GLN A 60 -5.82 -3.03 -5.33
N ARG A 61 -6.74 -3.74 -4.71
CA ARG A 61 -7.66 -4.62 -5.44
C ARG A 61 -8.50 -3.82 -6.42
N TYR A 62 -8.94 -2.64 -5.98
CA TYR A 62 -9.77 -1.78 -6.82
C TYR A 62 -8.90 -0.97 -7.78
N TYR A 63 -7.70 -0.62 -7.34
CA TYR A 63 -6.78 0.16 -8.15
C TYR A 63 -6.58 -0.49 -9.53
N LEU A 64 -6.63 -1.82 -9.55
CA LEU A 64 -6.47 -2.55 -10.80
C LEU A 64 -7.82 -2.87 -11.44
N LYS A 65 -8.84 -2.10 -11.07
CA LYS A 65 -10.18 -2.31 -11.61
C LYS A 65 -11.11 -1.16 -11.20
N HIS A 66 -10.56 0.04 -11.07
CA HIS A 66 -11.35 1.20 -10.69
C HIS A 66 -10.52 2.48 -10.76
N HIS A 67 -9.72 2.73 -9.72
CA HIS A 67 -8.88 3.92 -9.67
C HIS A 67 -8.04 3.95 -8.39
N GLY A 68 -7.29 5.03 -8.22
CA GLY A 68 -6.46 5.16 -7.02
C GLY A 68 -5.64 6.43 -7.03
N LYS A 69 -5.05 6.77 -5.89
CA LYS A 69 -4.24 7.97 -5.77
C LYS A 69 -2.87 7.78 -6.39
N LEU A 70 -2.69 8.28 -7.61
CA LEU A 70 -1.42 8.15 -8.31
C LEU A 70 -0.33 8.94 -7.60
N LYS A 71 -0.69 10.09 -7.05
CA LYS A 71 0.27 10.94 -6.34
C LYS A 71 -0.17 11.16 -4.90
N ASN A 5 11.32 22.54 -0.02
CA ASN A 5 9.98 21.91 0.07
C ASN A 5 9.40 22.06 1.48
N ARG A 6 10.28 22.11 2.47
CA ARG A 6 9.85 22.24 3.86
C ARG A 6 9.00 21.05 4.29
N GLN A 7 9.03 20.75 5.58
CA GLN A 7 8.25 19.63 6.12
C GLN A 7 8.25 19.65 7.64
N LYS A 8 7.17 20.14 8.22
CA LYS A 8 7.03 20.21 9.67
C LYS A 8 5.65 19.78 10.13
N THR A 9 5.49 18.48 10.36
CA THR A 9 4.20 17.93 10.80
C THR A 9 3.09 18.29 9.83
N ARG A 10 2.68 17.32 9.01
CA ARG A 10 1.63 17.53 8.03
C ARG A 10 0.60 16.41 8.10
N PRO A 11 -0.69 16.73 7.88
CA PRO A 11 -1.77 15.74 7.90
C PRO A 11 -1.49 14.55 6.98
N ARG A 12 -2.28 13.50 7.14
CA ARG A 12 -2.12 12.30 6.32
C ARG A 12 -0.75 11.66 6.53
N THR A 13 -0.68 10.35 6.41
CA THR A 13 0.56 9.62 6.60
C THR A 13 1.39 9.63 5.32
N LYS A 14 0.74 9.36 4.20
CA LYS A 14 1.42 9.34 2.90
C LYS A 14 2.53 8.30 2.89
N ILE A 15 2.96 7.91 1.69
CA ILE A 15 4.01 6.93 1.54
C ILE A 15 5.14 7.46 0.66
N SER A 16 6.38 7.23 1.09
CA SER A 16 7.54 7.69 0.34
C SER A 16 7.57 7.09 -1.06
N VAL A 17 8.17 7.83 -2.00
CA VAL A 17 8.25 7.37 -3.37
C VAL A 17 9.00 6.04 -3.47
N GLU A 18 10.07 5.92 -2.71
CA GLU A 18 10.87 4.70 -2.70
C GLU A 18 10.07 3.53 -2.16
N ALA A 19 9.22 3.81 -1.18
CA ALA A 19 8.39 2.78 -0.56
C ALA A 19 7.38 2.22 -1.57
N LEU A 20 6.82 3.12 -2.38
CA LEU A 20 5.84 2.72 -3.39
C LEU A 20 6.46 1.78 -4.41
N GLY A 21 7.70 2.06 -4.79
CA GLY A 21 8.38 1.22 -5.77
C GLY A 21 8.53 -0.21 -5.29
N ILE A 22 8.88 -0.38 -4.02
CA ILE A 22 9.06 -1.70 -3.44
C ILE A 22 7.72 -2.41 -3.28
N LEU A 23 6.69 -1.64 -2.96
CA LEU A 23 5.34 -2.19 -2.77
C LEU A 23 4.74 -2.61 -4.10
N GLN A 24 5.00 -1.82 -5.14
CA GLN A 24 4.48 -2.10 -6.47
C GLN A 24 4.98 -3.45 -6.97
N SER A 25 6.28 -3.70 -6.81
CA SER A 25 6.89 -4.95 -7.25
C SER A 25 6.21 -6.14 -6.56
N PHE A 26 5.96 -5.99 -5.26
CA PHE A 26 5.32 -7.04 -4.48
C PHE A 26 3.96 -7.40 -5.07
N ILE A 27 3.11 -6.38 -5.23
CA ILE A 27 1.78 -6.59 -5.79
C ILE A 27 1.83 -7.37 -7.10
N GLN A 28 2.96 -7.27 -7.79
CA GLN A 28 3.15 -7.97 -9.06
C GLN A 28 3.59 -9.42 -8.84
N ASP A 29 4.15 -9.70 -7.66
CA ASP A 29 4.61 -11.04 -7.34
C ASP A 29 3.70 -11.74 -6.33
N VAL A 30 3.90 -11.44 -5.05
CA VAL A 30 3.11 -12.04 -3.99
C VAL A 30 2.10 -11.04 -3.43
N GLY A 31 2.43 -9.76 -3.49
CA GLY A 31 1.55 -8.72 -2.98
C GLY A 31 0.12 -8.90 -3.43
N LEU A 32 -0.74 -9.33 -2.52
CA LEU A 32 -2.15 -9.52 -2.82
C LEU A 32 -2.88 -10.15 -1.62
N TYR A 33 -2.19 -11.05 -0.93
CA TYR A 33 -2.75 -11.72 0.24
C TYR A 33 -1.69 -11.88 1.32
N PRO A 34 -1.07 -10.77 1.76
CA PRO A 34 -0.03 -10.80 2.80
C PRO A 34 -0.58 -11.21 4.16
N ASP A 35 0.27 -11.82 4.97
CA ASP A 35 -0.12 -12.25 6.31
C ASP A 35 0.54 -11.41 7.38
N GLU A 36 0.30 -11.75 8.65
CA GLU A 36 0.88 -11.01 9.76
C GLU A 36 2.40 -10.93 9.64
N GLU A 37 2.99 -11.93 9.00
CA GLU A 37 4.43 -11.98 8.82
C GLU A 37 4.89 -10.92 7.82
N ALA A 38 4.04 -10.63 6.84
CA ALA A 38 4.36 -9.64 5.83
C ALA A 38 4.13 -8.22 6.34
N ILE A 39 3.05 -8.03 7.10
CA ILE A 39 2.73 -6.73 7.66
C ILE A 39 3.80 -6.27 8.64
N GLN A 40 4.22 -7.18 9.52
CA GLN A 40 5.24 -6.87 10.52
C GLN A 40 6.58 -6.57 9.85
N THR A 41 6.94 -7.38 8.85
CA THR A 41 8.20 -7.20 8.14
C THR A 41 8.16 -5.95 7.27
N LEU A 42 7.17 -5.87 6.40
CA LEU A 42 7.02 -4.72 5.50
C LEU A 42 6.87 -3.43 6.30
N SER A 43 6.26 -3.53 7.48
CA SER A 43 6.06 -2.37 8.33
C SER A 43 7.38 -1.72 8.71
N ALA A 44 8.29 -2.51 9.26
CA ALA A 44 9.60 -2.01 9.67
C ALA A 44 10.51 -1.85 8.46
N GLN A 45 10.32 -2.68 7.45
CA GLN A 45 11.12 -2.62 6.23
C GLN A 45 10.83 -1.35 5.44
N LEU A 46 9.58 -0.92 5.49
CA LEU A 46 9.17 0.29 4.77
C LEU A 46 9.01 1.48 5.72
N ASP A 47 9.28 1.26 7.00
CA ASP A 47 9.16 2.31 8.00
C ASP A 47 7.74 2.85 8.05
N LEU A 48 6.77 1.98 7.76
CA LEU A 48 5.37 2.38 7.77
C LEU A 48 4.58 1.57 8.80
N PRO A 49 3.54 2.18 9.40
CA PRO A 49 2.71 1.50 10.41
C PRO A 49 2.18 0.16 9.92
N LYS A 50 1.37 -0.49 10.73
CA LYS A 50 0.79 -1.78 10.39
C LYS A 50 -0.47 -1.62 9.57
N TYR A 51 -1.43 -0.88 10.12
CA TYR A 51 -2.70 -0.64 9.44
C TYR A 51 -2.49 0.03 8.09
N THR A 52 -1.41 0.81 7.99
CA THR A 52 -1.09 1.51 6.74
C THR A 52 -0.90 0.52 5.60
N ILE A 53 -0.31 -0.62 5.90
CA ILE A 53 -0.07 -1.65 4.90
C ILE A 53 -1.32 -2.49 4.65
N ILE A 54 -2.13 -2.64 5.69
CA ILE A 54 -3.36 -3.42 5.58
C ILE A 54 -4.39 -2.70 4.70
N LYS A 55 -4.43 -1.38 4.81
CA LYS A 55 -5.36 -0.58 4.02
C LYS A 55 -4.88 -0.45 2.58
N PHE A 56 -3.57 -0.43 2.39
CA PHE A 56 -2.98 -0.32 1.07
C PHE A 56 -3.29 -1.55 0.22
N PHE A 57 -2.94 -2.72 0.74
CA PHE A 57 -3.18 -3.97 0.03
C PHE A 57 -4.68 -4.18 -0.22
N GLN A 58 -5.49 -3.74 0.73
CA GLN A 58 -6.94 -3.87 0.62
C GLN A 58 -7.47 -2.99 -0.50
N ASN A 59 -6.83 -1.85 -0.72
CA ASN A 59 -7.24 -0.91 -1.75
C ASN A 59 -7.01 -1.51 -3.14
N GLN A 60 -5.92 -2.25 -3.29
CA GLN A 60 -5.58 -2.87 -4.57
C GLN A 60 -6.65 -3.89 -4.97
N ARG A 61 -6.97 -4.79 -4.05
CA ARG A 61 -7.97 -5.82 -4.30
C ARG A 61 -9.35 -5.20 -4.51
N TYR A 62 -9.70 -4.25 -3.64
CA TYR A 62 -10.99 -3.58 -3.72
C TYR A 62 -11.08 -2.72 -4.98
N TYR A 63 -9.96 -2.11 -5.34
CA TYR A 63 -9.90 -1.25 -6.53
C TYR A 63 -9.85 -2.10 -7.80
N LEU A 64 -9.27 -3.29 -7.69
CA LEU A 64 -9.16 -4.19 -8.83
C LEU A 64 -10.29 -5.21 -8.82
N LYS A 65 -11.48 -4.78 -8.45
CA LYS A 65 -12.65 -5.65 -8.40
C LYS A 65 -13.93 -4.88 -8.69
N HIS A 66 -14.09 -3.74 -8.04
CA HIS A 66 -15.27 -2.90 -8.23
C HIS A 66 -15.18 -2.11 -9.53
N HIS A 67 -14.08 -1.38 -9.69
CA HIS A 67 -13.87 -0.57 -10.89
C HIS A 67 -14.95 0.50 -11.02
N GLY A 68 -14.68 1.68 -10.46
CA GLY A 68 -15.64 2.76 -10.53
C GLY A 68 -15.20 3.97 -9.70
N LYS A 69 -15.39 3.86 -8.38
CA LYS A 69 -15.02 4.94 -7.47
C LYS A 69 -14.27 4.40 -6.26
N LEU A 70 -13.35 5.21 -5.74
CA LEU A 70 -12.57 4.81 -4.57
C LEU A 70 -12.71 5.83 -3.44
N LYS A 71 -12.39 5.40 -2.23
CA LYS A 71 -12.49 6.28 -1.07
C LYS A 71 -13.92 6.76 -0.87
N ASN A 5 7.16 11.31 -25.12
CA ASN A 5 6.18 12.23 -24.49
C ASN A 5 6.54 12.49 -23.03
N ARG A 6 7.12 11.48 -22.37
CA ARG A 6 7.52 11.58 -20.97
C ARG A 6 6.44 12.26 -20.13
N GLN A 7 5.32 11.58 -19.94
CA GLN A 7 4.22 12.13 -19.15
C GLN A 7 4.57 12.14 -17.66
N LYS A 8 4.31 13.27 -17.01
CA LYS A 8 4.61 13.42 -15.60
C LYS A 8 3.48 14.15 -14.87
N THR A 9 3.56 14.20 -13.54
CA THR A 9 2.55 14.86 -12.74
C THR A 9 3.12 15.27 -11.38
N ARG A 10 2.38 16.12 -10.66
CA ARG A 10 2.81 16.58 -9.35
C ARG A 10 2.70 15.47 -8.31
N PRO A 11 3.78 15.19 -7.57
CA PRO A 11 3.79 14.15 -6.54
C PRO A 11 2.97 14.53 -5.31
N ARG A 12 1.65 14.37 -5.42
CA ARG A 12 0.74 14.69 -4.33
C ARG A 12 -0.03 13.46 -3.88
N THR A 13 0.60 12.64 -3.04
CA THR A 13 -0.03 11.43 -2.54
C THR A 13 0.51 11.07 -1.15
N LYS A 14 0.16 9.88 -0.68
CA LYS A 14 0.61 9.41 0.63
C LYS A 14 1.74 8.41 0.48
N ILE A 15 2.59 8.33 1.49
CA ILE A 15 3.72 7.43 1.49
C ILE A 15 4.74 7.81 0.42
N SER A 16 6.01 7.87 0.80
CA SER A 16 7.07 8.23 -0.12
C SER A 16 7.12 7.27 -1.31
N VAL A 17 7.72 7.72 -2.41
CA VAL A 17 7.83 6.90 -3.60
C VAL A 17 8.64 5.64 -3.34
N GLU A 18 9.58 5.73 -2.39
CA GLU A 18 10.42 4.59 -2.04
C GLU A 18 9.57 3.41 -1.58
N ALA A 19 8.58 3.69 -0.75
CA ALA A 19 7.69 2.64 -0.24
C ALA A 19 6.83 2.07 -1.36
N LEU A 20 6.44 2.93 -2.29
CA LEU A 20 5.61 2.52 -3.42
C LEU A 20 6.31 1.44 -4.24
N GLY A 21 7.53 1.75 -4.70
CA GLY A 21 8.30 0.81 -5.49
C GLY A 21 8.41 -0.55 -4.83
N ILE A 22 8.64 -0.56 -3.52
CA ILE A 22 8.77 -1.81 -2.77
C ILE A 22 7.43 -2.54 -2.69
N LEU A 23 6.36 -1.78 -2.49
CA LEU A 23 5.02 -2.35 -2.39
C LEU A 23 4.60 -2.96 -3.72
N GLN A 24 5.04 -2.35 -4.82
CA GLN A 24 4.71 -2.85 -6.16
C GLN A 24 5.42 -4.17 -6.44
N SER A 25 6.62 -4.32 -5.89
CA SER A 25 7.40 -5.53 -6.09
C SER A 25 6.78 -6.71 -5.34
N PHE A 26 6.15 -6.42 -4.21
CA PHE A 26 5.51 -7.45 -3.40
C PHE A 26 4.29 -8.03 -4.13
N ILE A 27 3.56 -7.16 -4.82
CA ILE A 27 2.38 -7.58 -5.55
C ILE A 27 2.76 -8.37 -6.81
N GLN A 28 3.77 -7.90 -7.52
CA GLN A 28 4.24 -8.54 -8.72
C GLN A 28 4.82 -9.92 -8.42
N ASP A 29 5.36 -10.08 -7.21
CA ASP A 29 5.95 -11.33 -6.80
C ASP A 29 4.95 -12.17 -5.99
N VAL A 30 4.56 -11.65 -4.83
CA VAL A 30 3.61 -12.35 -3.97
C VAL A 30 2.18 -12.26 -4.53
N GLY A 31 1.62 -11.06 -4.49
CA GLY A 31 0.27 -10.86 -5.00
C GLY A 31 -0.52 -9.89 -4.15
N LEU A 32 -1.77 -10.26 -3.85
CA LEU A 32 -2.63 -9.41 -3.04
C LEU A 32 -3.18 -10.16 -1.83
N TYR A 33 -2.38 -11.10 -1.32
CA TYR A 33 -2.77 -11.90 -0.17
C TYR A 33 -1.61 -12.04 0.81
N PRO A 34 -1.17 -10.94 1.42
CA PRO A 34 -0.06 -10.95 2.39
C PRO A 34 -0.47 -11.59 3.72
N ASP A 35 0.54 -11.93 4.53
CA ASP A 35 0.29 -12.54 5.82
C ASP A 35 0.76 -11.64 6.96
N GLU A 36 0.56 -12.08 8.19
CA GLU A 36 0.95 -11.31 9.36
C GLU A 36 2.45 -11.02 9.34
N GLU A 37 3.21 -11.92 8.73
CA GLU A 37 4.66 -11.76 8.65
C GLU A 37 5.03 -10.80 7.52
N ALA A 38 4.28 -10.86 6.44
CA ALA A 38 4.53 -9.98 5.29
C ALA A 38 4.31 -8.52 5.66
N ILE A 39 3.28 -8.26 6.44
CA ILE A 39 2.96 -6.90 6.87
C ILE A 39 3.95 -6.42 7.92
N GLN A 40 4.44 -7.34 8.74
CA GLN A 40 5.39 -7.00 9.78
C GLN A 40 6.77 -6.71 9.19
N THR A 41 7.20 -7.55 8.25
CA THR A 41 8.49 -7.39 7.61
C THR A 41 8.53 -6.10 6.78
N LEU A 42 7.41 -5.78 6.15
CA LEU A 42 7.32 -4.58 5.33
C LEU A 42 7.24 -3.33 6.20
N SER A 43 6.52 -3.43 7.31
CA SER A 43 6.36 -2.31 8.22
C SER A 43 7.71 -1.82 8.74
N ALA A 44 8.66 -2.75 8.87
CA ALA A 44 9.98 -2.42 9.35
C ALA A 44 10.90 -1.99 8.21
N GLN A 45 10.70 -2.59 7.04
CA GLN A 45 11.51 -2.29 5.86
C GLN A 45 11.07 -0.95 5.25
N LEU A 46 9.78 -0.68 5.30
CA LEU A 46 9.23 0.56 4.75
C LEU A 46 9.13 1.65 5.81
N ASP A 47 9.27 1.26 7.08
CA ASP A 47 9.19 2.20 8.19
C ASP A 47 7.80 2.85 8.25
N LEU A 48 6.77 2.04 8.02
CA LEU A 48 5.39 2.53 8.05
C LEU A 48 4.53 1.66 8.98
N PRO A 49 3.52 2.26 9.62
CA PRO A 49 2.63 1.54 10.53
C PRO A 49 2.04 0.29 9.89
N LYS A 50 1.31 -0.49 10.69
CA LYS A 50 0.71 -1.73 10.20
C LYS A 50 -0.60 -1.42 9.46
N TYR A 51 -1.43 -0.58 10.07
CA TYR A 51 -2.71 -0.21 9.48
C TYR A 51 -2.52 0.42 8.10
N THR A 52 -1.39 1.11 7.93
CA THR A 52 -1.09 1.75 6.65
C THR A 52 -1.04 0.74 5.51
N ILE A 53 -0.43 -0.41 5.79
CA ILE A 53 -0.32 -1.46 4.78
C ILE A 53 -1.66 -2.14 4.54
N ILE A 54 -2.46 -2.26 5.60
CA ILE A 54 -3.77 -2.90 5.51
C ILE A 54 -4.73 -2.04 4.67
N LYS A 55 -4.52 -0.73 4.71
CA LYS A 55 -5.35 0.20 3.97
C LYS A 55 -4.90 0.29 2.51
N PHE A 56 -3.60 0.13 2.30
CA PHE A 56 -3.03 0.19 0.96
C PHE A 56 -3.39 -1.06 0.15
N PHE A 57 -3.19 -2.22 0.77
CA PHE A 57 -3.49 -3.49 0.11
C PHE A 57 -4.99 -3.64 -0.14
N GLN A 58 -5.78 -3.32 0.88
CA GLN A 58 -7.23 -3.42 0.78
C GLN A 58 -7.76 -2.49 -0.32
N ASN A 59 -7.15 -1.31 -0.43
CA ASN A 59 -7.56 -0.35 -1.43
C ASN A 59 -7.14 -0.80 -2.83
N GLN A 60 -6.02 -1.51 -2.91
CA GLN A 60 -5.52 -2.00 -4.17
C GLN A 60 -6.49 -3.00 -4.81
N ARG A 61 -7.09 -3.84 -3.97
CA ARG A 61 -8.04 -4.84 -4.45
C ARG A 61 -9.22 -4.18 -5.15
N TYR A 62 -9.63 -3.02 -4.64
CA TYR A 62 -10.74 -2.28 -5.22
C TYR A 62 -10.28 -1.36 -6.34
N TYR A 63 -9.17 -0.65 -6.10
CA TYR A 63 -8.61 0.27 -7.08
C TYR A 63 -8.51 -0.38 -8.45
N LEU A 64 -8.35 -1.71 -8.47
CA LEU A 64 -8.24 -2.46 -9.71
C LEU A 64 -9.58 -3.06 -10.10
N LYS A 65 -10.44 -3.28 -9.12
CA LYS A 65 -11.75 -3.87 -9.36
C LYS A 65 -12.85 -2.80 -9.36
N HIS A 66 -12.49 -1.59 -9.75
CA HIS A 66 -13.44 -0.48 -9.79
C HIS A 66 -13.05 0.55 -10.85
N HIS A 67 -12.09 1.41 -10.51
CA HIS A 67 -11.62 2.43 -11.43
C HIS A 67 -10.51 3.26 -10.81
N GLY A 68 -10.04 4.26 -11.55
CA GLY A 68 -8.98 5.12 -11.05
C GLY A 68 -9.49 6.16 -10.07
N LYS A 69 -10.06 5.70 -8.97
CA LYS A 69 -10.59 6.59 -7.94
C LYS A 69 -9.46 7.30 -7.19
N LEU A 70 -9.22 8.55 -7.54
CA LEU A 70 -8.16 9.34 -6.89
C LEU A 70 -8.76 10.51 -6.13
N LYS A 71 -7.89 11.29 -5.48
CA LYS A 71 -8.32 12.44 -4.71
C LYS A 71 -7.25 13.53 -4.71
N ASN A 5 14.76 26.61 7.55
CA ASN A 5 14.53 25.84 6.29
C ASN A 5 14.02 24.44 6.58
N ARG A 6 14.57 23.83 7.63
CA ARG A 6 14.17 22.48 8.02
C ARG A 6 13.10 22.52 9.11
N GLN A 7 11.85 22.73 8.69
CA GLN A 7 10.73 22.79 9.62
C GLN A 7 9.41 22.77 8.87
N LYS A 8 8.62 21.72 9.11
CA LYS A 8 7.32 21.56 8.47
C LYS A 8 7.48 21.51 6.95
N THR A 9 7.39 20.29 6.40
CA THR A 9 7.52 20.10 4.96
C THR A 9 6.43 19.17 4.44
N ARG A 10 5.47 19.75 3.71
CA ARG A 10 4.37 18.98 3.15
C ARG A 10 3.57 18.29 4.25
N PRO A 11 2.52 18.96 4.77
CA PRO A 11 1.67 18.40 5.82
C PRO A 11 1.17 17.00 5.49
N ARG A 12 0.46 16.39 6.44
CA ARG A 12 -0.07 15.06 6.25
C ARG A 12 1.05 14.05 6.02
N THR A 13 0.71 12.76 6.07
CA THR A 13 1.69 11.70 5.87
C THR A 13 1.30 10.80 4.71
N LYS A 14 2.08 10.84 3.63
CA LYS A 14 1.81 10.02 2.46
C LYS A 14 3.00 9.14 2.12
N ILE A 15 2.74 8.04 1.44
CA ILE A 15 3.79 7.10 1.06
C ILE A 15 4.69 7.69 -0.04
N SER A 16 5.98 7.79 0.27
CA SER A 16 6.94 8.34 -0.68
C SER A 16 7.23 7.34 -1.80
N VAL A 17 7.91 7.81 -2.85
CA VAL A 17 8.25 6.95 -3.98
C VAL A 17 9.06 5.74 -3.53
N GLU A 18 9.84 5.92 -2.48
CA GLU A 18 10.67 4.84 -1.95
C GLU A 18 9.80 3.66 -1.50
N ALA A 19 8.76 3.95 -0.72
CA ALA A 19 7.86 2.93 -0.23
C ALA A 19 6.93 2.45 -1.34
N LEU A 20 6.44 3.39 -2.14
CA LEU A 20 5.54 3.05 -3.24
C LEU A 20 6.23 2.15 -4.26
N GLY A 21 7.49 2.45 -4.53
CA GLY A 21 8.25 1.64 -5.49
C GLY A 21 8.34 0.19 -5.07
N ILE A 22 8.84 -0.05 -3.86
CA ILE A 22 8.97 -1.41 -3.35
C ILE A 22 7.61 -2.07 -3.17
N LEU A 23 6.59 -1.26 -2.88
CA LEU A 23 5.24 -1.77 -2.68
C LEU A 23 4.72 -2.44 -3.95
N GLN A 24 4.84 -1.75 -5.06
CA GLN A 24 4.39 -2.28 -6.34
C GLN A 24 5.11 -3.58 -6.68
N SER A 25 6.37 -3.67 -6.30
CA SER A 25 7.17 -4.86 -6.56
C SER A 25 6.52 -6.09 -5.93
N PHE A 26 6.17 -5.98 -4.66
CA PHE A 26 5.53 -7.08 -3.94
C PHE A 26 4.14 -7.35 -4.50
N ILE A 27 3.32 -6.32 -4.55
CA ILE A 27 1.96 -6.44 -5.07
C ILE A 27 1.94 -7.14 -6.43
N GLN A 28 3.04 -7.02 -7.16
CA GLN A 28 3.15 -7.64 -8.48
C GLN A 28 3.63 -9.08 -8.37
N ASP A 29 4.29 -9.41 -7.27
CA ASP A 29 4.81 -10.75 -7.05
C ASP A 29 3.89 -11.56 -6.13
N VAL A 30 3.99 -11.29 -4.83
CA VAL A 30 3.18 -12.00 -3.84
C VAL A 30 2.19 -11.06 -3.15
N GLY A 31 2.55 -9.78 -3.07
CA GLY A 31 1.69 -8.81 -2.42
C GLY A 31 0.25 -8.90 -2.85
N LEU A 32 -0.62 -9.31 -1.94
CA LEU A 32 -2.04 -9.44 -2.22
C LEU A 32 -2.77 -10.00 -1.01
N TYR A 33 -2.15 -10.96 -0.34
CA TYR A 33 -2.74 -11.58 0.85
C TYR A 33 -1.66 -11.96 1.85
N PRO A 34 -0.87 -10.97 2.32
CA PRO A 34 0.20 -11.19 3.29
C PRO A 34 -0.33 -11.59 4.66
N ASP A 35 0.46 -12.38 5.38
CA ASP A 35 0.07 -12.85 6.71
C ASP A 35 0.61 -11.91 7.79
N GLU A 36 0.38 -12.27 9.04
CA GLU A 36 0.84 -11.46 10.16
C GLU A 36 2.35 -11.26 10.11
N GLU A 37 3.06 -12.25 9.57
CA GLU A 37 4.51 -12.17 9.46
C GLU A 37 4.92 -11.34 8.25
N ALA A 38 4.12 -11.39 7.20
CA ALA A 38 4.40 -10.65 5.98
C ALA A 38 4.22 -9.14 6.21
N ILE A 39 3.16 -8.79 6.94
CA ILE A 39 2.87 -7.38 7.23
C ILE A 39 3.88 -6.82 8.23
N GLN A 40 4.38 -7.68 9.11
CA GLN A 40 5.34 -7.25 10.12
C GLN A 40 6.66 -6.84 9.48
N THR A 41 7.12 -7.64 8.53
CA THR A 41 8.38 -7.36 7.83
C THR A 41 8.21 -6.20 6.85
N LEU A 42 7.08 -6.18 6.15
CA LEU A 42 6.81 -5.13 5.18
C LEU A 42 6.81 -3.76 5.84
N SER A 43 6.14 -3.65 6.99
CA SER A 43 6.08 -2.40 7.73
C SER A 43 7.47 -1.93 8.15
N ALA A 44 8.21 -2.82 8.80
CA ALA A 44 9.56 -2.50 9.26
C ALA A 44 10.48 -2.15 8.09
N GLN A 45 10.20 -2.75 6.94
CA GLN A 45 11.00 -2.51 5.74
C GLN A 45 10.76 -1.10 5.20
N LEU A 46 9.50 -0.78 4.95
CA LEU A 46 9.13 0.53 4.43
C LEU A 46 8.93 1.54 5.55
N ASP A 47 9.22 1.13 6.79
CA ASP A 47 9.07 2.02 7.95
C ASP A 47 7.65 2.55 8.04
N LEU A 48 6.69 1.78 7.56
CA LEU A 48 5.29 2.17 7.59
C LEU A 48 4.51 1.35 8.62
N PRO A 49 3.53 1.97 9.30
CA PRO A 49 2.71 1.28 10.31
C PRO A 49 2.08 0.00 9.76
N LYS A 50 1.25 -0.64 10.58
CA LYS A 50 0.59 -1.87 10.18
C LYS A 50 -0.73 -1.58 9.48
N TYR A 51 -1.41 -0.52 9.93
CA TYR A 51 -2.69 -0.12 9.34
C TYR A 51 -2.51 0.30 7.89
N THR A 52 -1.35 0.87 7.57
CA THR A 52 -1.05 1.31 6.22
C THR A 52 -0.89 0.14 5.27
N ILE A 53 -0.34 -0.96 5.78
CA ILE A 53 -0.14 -2.16 4.98
C ILE A 53 -1.46 -2.86 4.68
N ILE A 54 -2.42 -2.71 5.59
CA ILE A 54 -3.72 -3.33 5.42
C ILE A 54 -4.62 -2.48 4.53
N LYS A 55 -4.46 -1.17 4.61
CA LYS A 55 -5.25 -0.24 3.81
C LYS A 55 -4.68 -0.10 2.41
N PHE A 56 -3.36 -0.14 2.30
CA PHE A 56 -2.69 -0.02 1.01
C PHE A 56 -2.93 -1.26 0.15
N PHE A 57 -2.63 -2.43 0.71
CA PHE A 57 -2.81 -3.69 0.00
C PHE A 57 -4.27 -3.88 -0.41
N GLN A 58 -5.18 -3.53 0.48
CA GLN A 58 -6.61 -3.66 0.21
C GLN A 58 -7.03 -2.74 -0.92
N ASN A 59 -6.46 -1.53 -0.95
CA ASN A 59 -6.77 -0.55 -1.98
C ASN A 59 -6.43 -1.09 -3.37
N GLN A 60 -5.43 -1.97 -3.43
CA GLN A 60 -5.01 -2.56 -4.70
C GLN A 60 -6.17 -3.28 -5.38
N ARG A 61 -7.07 -3.83 -4.58
CA ARG A 61 -8.22 -4.55 -5.11
C ARG A 61 -9.27 -3.58 -5.65
N TYR A 62 -9.33 -2.39 -5.06
CA TYR A 62 -10.28 -1.38 -5.49
C TYR A 62 -9.81 -0.70 -6.79
N TYR A 63 -8.52 -0.80 -7.08
CA TYR A 63 -7.96 -0.20 -8.28
C TYR A 63 -8.51 -0.87 -9.54
N LEU A 64 -8.57 -2.19 -9.51
CA LEU A 64 -9.07 -2.96 -10.65
C LEU A 64 -10.53 -3.37 -10.43
N LYS A 65 -11.35 -2.41 -10.01
CA LYS A 65 -12.77 -2.68 -9.77
C LYS A 65 -13.49 -1.40 -9.34
N HIS A 66 -12.98 -0.75 -8.31
CA HIS A 66 -13.57 0.49 -7.81
C HIS A 66 -12.88 1.70 -8.41
N HIS A 67 -13.28 2.89 -7.96
CA HIS A 67 -12.70 4.13 -8.46
C HIS A 67 -12.95 4.29 -9.95
N GLY A 68 -12.76 5.50 -10.46
CA GLY A 68 -12.96 5.76 -11.87
C GLY A 68 -11.67 5.93 -12.63
N LYS A 69 -11.76 6.05 -13.95
CA LYS A 69 -10.58 6.20 -14.79
C LYS A 69 -9.65 5.02 -14.64
N LEU A 70 -9.60 4.18 -15.68
CA LEU A 70 -8.74 2.99 -15.67
C LEU A 70 -7.64 3.11 -16.73
N LYS A 71 -8.02 2.86 -17.98
CA LYS A 71 -7.07 2.92 -19.09
C LYS A 71 -7.68 3.65 -20.28
N ASN A 5 3.64 17.46 22.67
CA ASN A 5 2.47 16.71 22.14
C ASN A 5 1.51 17.64 21.39
N ARG A 6 2.07 18.68 20.79
CA ARG A 6 1.26 19.64 20.05
C ARG A 6 1.79 19.80 18.62
N GLN A 7 1.29 18.95 17.72
CA GLN A 7 1.71 18.99 16.32
C GLN A 7 0.55 18.62 15.41
N LYS A 8 0.57 19.15 14.18
CA LYS A 8 -0.48 18.89 13.21
C LYS A 8 0.05 18.03 12.06
N THR A 9 -0.73 17.03 11.67
CA THR A 9 -0.33 16.14 10.59
C THR A 9 -0.96 16.56 9.27
N ARG A 10 -0.15 16.61 8.22
CA ARG A 10 -0.63 17.01 6.90
C ARG A 10 -1.56 15.94 6.32
N PRO A 11 -2.80 16.33 5.95
CA PRO A 11 -3.77 15.39 5.37
C PRO A 11 -3.22 14.65 4.16
N ARG A 12 -4.02 13.72 3.64
CA ARG A 12 -3.62 12.94 2.47
C ARG A 12 -2.37 12.11 2.79
N THR A 13 -2.52 10.79 2.80
CA THR A 13 -1.41 9.90 3.09
C THR A 13 -0.29 10.08 2.07
N LYS A 14 0.86 10.57 2.55
CA LYS A 14 2.02 10.80 1.69
C LYS A 14 3.05 9.69 1.87
N ILE A 15 2.93 8.64 1.06
CA ILE A 15 3.87 7.52 1.13
C ILE A 15 5.15 7.81 0.36
N SER A 16 6.28 7.44 0.93
CA SER A 16 7.57 7.66 0.29
C SER A 16 7.64 6.95 -1.06
N VAL A 17 8.38 7.54 -1.99
CA VAL A 17 8.53 6.96 -3.32
C VAL A 17 9.14 5.57 -3.26
N GLU A 18 10.06 5.38 -2.32
CA GLU A 18 10.73 4.09 -2.15
C GLU A 18 9.73 3.02 -1.73
N ALA A 19 8.81 3.38 -0.85
CA ALA A 19 7.80 2.44 -0.36
C ALA A 19 6.84 2.07 -1.48
N LEU A 20 6.38 3.06 -2.23
CA LEU A 20 5.45 2.83 -3.33
C LEU A 20 6.07 1.90 -4.37
N GLY A 21 7.37 2.03 -4.59
CA GLY A 21 8.05 1.19 -5.55
C GLY A 21 8.16 -0.25 -5.11
N ILE A 22 8.53 -0.44 -3.84
CA ILE A 22 8.67 -1.79 -3.29
C ILE A 22 7.31 -2.42 -3.04
N LEU A 23 6.33 -1.60 -2.68
CA LEU A 23 4.99 -2.08 -2.42
C LEU A 23 4.39 -2.72 -3.67
N GLN A 24 4.40 -1.99 -4.77
CA GLN A 24 3.86 -2.49 -6.03
C GLN A 24 4.59 -3.76 -6.46
N SER A 25 5.89 -3.83 -6.17
CA SER A 25 6.69 -4.99 -6.53
C SER A 25 6.21 -6.23 -5.78
N PHE A 26 5.80 -6.05 -4.53
CA PHE A 26 5.32 -7.15 -3.71
C PHE A 26 4.07 -7.77 -4.31
N ILE A 27 3.21 -6.93 -4.88
CA ILE A 27 1.97 -7.39 -5.48
C ILE A 27 2.25 -8.11 -6.80
N GLN A 28 3.30 -7.69 -7.49
CA GLN A 28 3.67 -8.30 -8.77
C GLN A 28 4.51 -9.56 -8.54
N ASP A 29 5.27 -9.57 -7.46
CA ASP A 29 6.11 -10.72 -7.14
C ASP A 29 5.31 -11.79 -6.39
N VAL A 30 4.50 -11.35 -5.44
CA VAL A 30 3.68 -12.27 -4.65
C VAL A 30 2.22 -12.22 -5.09
N GLY A 31 1.57 -11.09 -4.86
CA GLY A 31 0.18 -10.94 -5.25
C GLY A 31 -0.59 -10.02 -4.32
N LEU A 32 -1.91 -10.10 -4.35
CA LEU A 32 -2.76 -9.28 -3.51
C LEU A 32 -3.23 -10.05 -2.28
N TYR A 33 -2.40 -10.97 -1.81
CA TYR A 33 -2.73 -11.79 -0.65
C TYR A 33 -1.50 -12.04 0.21
N PRO A 34 -0.99 -11.01 0.89
CA PRO A 34 0.18 -11.11 1.75
C PRO A 34 -0.09 -11.91 3.03
N ASP A 35 0.89 -11.98 3.91
CA ASP A 35 0.75 -12.71 5.17
C ASP A 35 0.94 -11.77 6.35
N GLU A 36 0.55 -12.24 7.54
CA GLU A 36 0.68 -11.45 8.76
C GLU A 36 2.14 -11.06 9.00
N GLU A 37 3.04 -12.03 8.88
CA GLU A 37 4.45 -11.79 9.08
C GLU A 37 5.02 -10.88 7.99
N ALA A 38 4.44 -10.96 6.81
CA ALA A 38 4.87 -10.14 5.68
C ALA A 38 4.70 -8.66 5.98
N ILE A 39 3.60 -8.31 6.63
CA ILE A 39 3.31 -6.92 6.97
C ILE A 39 4.22 -6.45 8.11
N GLN A 40 4.56 -7.36 9.01
CA GLN A 40 5.42 -7.03 10.14
C GLN A 40 6.83 -6.69 9.67
N THR A 41 7.33 -7.46 8.71
CA THR A 41 8.67 -7.25 8.18
C THR A 41 8.68 -6.06 7.23
N LEU A 42 7.61 -5.87 6.49
CA LEU A 42 7.51 -4.77 5.55
C LEU A 42 7.39 -3.43 6.27
N SER A 43 6.69 -3.44 7.41
CA SER A 43 6.51 -2.24 8.21
C SER A 43 7.84 -1.75 8.78
N ALA A 44 8.65 -2.69 9.25
CA ALA A 44 9.95 -2.36 9.83
C ALA A 44 10.93 -1.92 8.75
N GLN A 45 10.79 -2.50 7.55
CA GLN A 45 11.66 -2.17 6.44
C GLN A 45 11.22 -0.87 5.78
N LEU A 46 9.96 -0.81 5.36
CA LEU A 46 9.42 0.38 4.72
C LEU A 46 9.23 1.52 5.72
N ASP A 47 9.29 1.19 7.01
CA ASP A 47 9.14 2.19 8.06
C ASP A 47 7.72 2.76 8.04
N LEU A 48 6.76 1.94 7.64
CA LEU A 48 5.36 2.37 7.59
C LEU A 48 4.51 1.59 8.58
N PRO A 49 3.49 2.25 9.17
CA PRO A 49 2.60 1.59 10.14
C PRO A 49 2.00 0.30 9.60
N LYS A 50 1.37 -0.46 10.48
CA LYS A 50 0.74 -1.73 10.10
C LYS A 50 -0.56 -1.49 9.35
N TYR A 51 -1.45 -0.70 9.95
CA TYR A 51 -2.74 -0.39 9.34
C TYR A 51 -2.55 0.29 7.99
N THR A 52 -1.50 1.07 7.87
CA THR A 52 -1.20 1.78 6.62
C THR A 52 -1.05 0.81 5.46
N ILE A 53 -0.48 -0.36 5.75
CA ILE A 53 -0.27 -1.38 4.72
C ILE A 53 -1.55 -2.14 4.44
N ILE A 54 -2.37 -2.32 5.46
CA ILE A 54 -3.64 -3.04 5.31
C ILE A 54 -4.62 -2.24 4.47
N LYS A 55 -4.63 -0.92 4.67
CA LYS A 55 -5.54 -0.05 3.93
C LYS A 55 -5.09 0.10 2.49
N PHE A 56 -3.77 0.02 2.27
CA PHE A 56 -3.21 0.15 0.93
C PHE A 56 -3.43 -1.12 0.13
N PHE A 57 -3.21 -2.27 0.77
CA PHE A 57 -3.39 -3.56 0.12
C PHE A 57 -4.87 -3.85 -0.13
N GLN A 58 -5.72 -3.37 0.77
CA GLN A 58 -7.16 -3.59 0.65
C GLN A 58 -7.72 -2.80 -0.52
N ASN A 59 -7.40 -1.51 -0.58
CA ASN A 59 -7.88 -0.64 -1.65
C ASN A 59 -7.37 -1.13 -3.01
N GLN A 60 -6.23 -1.80 -3.01
CA GLN A 60 -5.63 -2.32 -4.24
C GLN A 60 -6.61 -3.26 -4.94
N ARG A 61 -7.01 -4.31 -4.26
CA ARG A 61 -7.94 -5.29 -4.82
C ARG A 61 -9.26 -4.63 -5.19
N TYR A 62 -9.83 -3.88 -4.25
CA TYR A 62 -11.10 -3.19 -4.47
C TYR A 62 -10.99 -2.24 -5.65
N TYR A 63 -9.81 -1.65 -5.82
CA TYR A 63 -9.57 -0.71 -6.91
C TYR A 63 -9.72 -1.41 -8.26
N LEU A 64 -9.12 -2.59 -8.37
CA LEU A 64 -9.18 -3.37 -9.61
C LEU A 64 -10.30 -4.40 -9.54
N LYS A 65 -11.45 -3.99 -9.02
CA LYS A 65 -12.60 -4.87 -8.91
C LYS A 65 -13.90 -4.10 -9.14
N HIS A 66 -14.17 -3.13 -8.27
CA HIS A 66 -15.38 -2.32 -8.37
C HIS A 66 -15.19 -1.20 -9.39
N HIS A 67 -14.17 -0.38 -9.17
CA HIS A 67 -13.88 0.73 -10.07
C HIS A 67 -13.07 0.27 -11.27
N GLY A 68 -12.78 1.20 -12.18
CA GLY A 68 -12.01 0.87 -13.36
C GLY A 68 -10.63 1.51 -13.36
N LYS A 69 -10.58 2.81 -13.61
CA LYS A 69 -9.32 3.54 -13.64
C LYS A 69 -9.43 4.83 -12.83
N LEU A 70 -8.54 4.98 -11.85
CA LEU A 70 -8.53 6.18 -11.01
C LEU A 70 -7.11 6.67 -10.79
N LYS A 71 -6.38 5.98 -9.93
CA LYS A 71 -5.00 6.35 -9.62
C LYS A 71 -4.03 5.29 -10.16
N ASN A 5 -17.88 5.22 12.29
CA ASN A 5 -16.80 5.30 11.27
C ASN A 5 -17.25 6.08 10.04
N ARG A 6 -18.05 7.11 10.27
CA ARG A 6 -18.55 7.95 9.19
C ARG A 6 -17.44 8.85 8.64
N GLN A 7 -17.03 9.83 9.45
CA GLN A 7 -15.98 10.76 9.05
C GLN A 7 -14.64 10.36 9.65
N LYS A 8 -13.56 10.89 9.08
CA LYS A 8 -12.22 10.60 9.57
C LYS A 8 -11.27 11.75 9.27
N THR A 9 -10.12 11.76 9.96
CA THR A 9 -9.13 12.80 9.77
C THR A 9 -8.07 12.38 8.75
N ARG A 10 -7.13 13.27 8.49
CA ARG A 10 -6.07 13.00 7.53
C ARG A 10 -4.94 14.03 7.65
N PRO A 11 -3.96 13.78 8.52
CA PRO A 11 -2.82 14.69 8.73
C PRO A 11 -1.89 14.75 7.52
N ARG A 12 -1.85 13.65 6.76
CA ARG A 12 -0.99 13.57 5.59
C ARG A 12 -1.61 12.66 4.54
N THR A 13 -1.62 11.37 4.83
CA THR A 13 -2.18 10.37 3.90
C THR A 13 -1.38 10.32 2.61
N LYS A 14 -0.07 10.56 2.71
CA LYS A 14 0.80 10.54 1.55
C LYS A 14 2.02 9.65 1.82
N ILE A 15 2.17 8.60 1.02
CA ILE A 15 3.29 7.68 1.16
C ILE A 15 4.41 8.00 0.17
N SER A 16 5.64 7.92 0.63
CA SER A 16 6.80 8.20 -0.23
C SER A 16 6.92 7.17 -1.33
N VAL A 17 7.56 7.55 -2.43
CA VAL A 17 7.75 6.65 -3.57
C VAL A 17 8.53 5.40 -3.15
N GLU A 18 9.38 5.56 -2.15
CA GLU A 18 10.20 4.44 -1.66
C GLU A 18 9.32 3.28 -1.21
N ALA A 19 8.29 3.58 -0.43
CA ALA A 19 7.38 2.56 0.07
C ALA A 19 6.50 2.02 -1.07
N LEU A 20 6.05 2.90 -1.94
CA LEU A 20 5.21 2.52 -3.07
C LEU A 20 5.94 1.54 -3.98
N GLY A 21 7.24 1.77 -4.19
CA GLY A 21 8.02 0.91 -5.04
C GLY A 21 8.05 -0.52 -4.54
N ILE A 22 8.56 -0.71 -3.32
CA ILE A 22 8.64 -2.04 -2.73
C ILE A 22 7.26 -2.67 -2.60
N LEU A 23 6.24 -1.84 -2.40
CA LEU A 23 4.87 -2.32 -2.27
C LEU A 23 4.42 -3.02 -3.55
N GLN A 24 4.69 -2.39 -4.69
CA GLN A 24 4.30 -2.96 -5.98
C GLN A 24 5.05 -4.26 -6.25
N SER A 25 6.29 -4.33 -5.79
CA SER A 25 7.11 -5.52 -5.99
C SER A 25 6.49 -6.73 -5.27
N PHE A 26 5.98 -6.50 -4.06
CA PHE A 26 5.37 -7.56 -3.29
C PHE A 26 4.10 -8.07 -3.96
N ILE A 27 3.35 -7.16 -4.57
CA ILE A 27 2.11 -7.51 -5.25
C ILE A 27 2.40 -8.20 -6.58
N GLN A 28 3.51 -7.82 -7.21
CA GLN A 28 3.90 -8.41 -8.50
C GLN A 28 4.62 -9.73 -8.29
N ASP A 29 5.31 -9.86 -7.16
CA ASP A 29 6.06 -11.07 -6.85
C ASP A 29 5.17 -12.08 -6.12
N VAL A 30 4.30 -11.58 -5.27
CA VAL A 30 3.39 -12.44 -4.51
C VAL A 30 1.95 -12.22 -4.93
N GLY A 31 1.41 -11.05 -4.61
CA GLY A 31 0.03 -10.74 -4.96
C GLY A 31 -0.64 -9.84 -3.95
N LEU A 32 -1.97 -9.88 -3.90
CA LEU A 32 -2.72 -9.06 -2.98
C LEU A 32 -3.22 -9.89 -1.79
N TYR A 33 -2.40 -10.83 -1.35
CA TYR A 33 -2.75 -11.69 -0.23
C TYR A 33 -1.57 -11.90 0.70
N PRO A 34 -1.13 -10.83 1.40
CA PRO A 34 0.01 -10.90 2.32
C PRO A 34 -0.32 -11.67 3.60
N ASP A 35 0.63 -11.70 4.53
CA ASP A 35 0.44 -12.40 5.79
C ASP A 35 1.03 -11.61 6.95
N GLU A 36 0.84 -12.09 8.16
CA GLU A 36 1.35 -11.43 9.35
C GLU A 36 2.87 -11.27 9.27
N GLU A 37 3.53 -12.29 8.73
CA GLU A 37 4.98 -12.27 8.59
C GLU A 37 5.41 -11.29 7.50
N ALA A 38 4.56 -11.11 6.51
CA ALA A 38 4.85 -10.19 5.41
C ALA A 38 4.70 -8.74 5.84
N ILE A 39 3.55 -8.42 6.45
CA ILE A 39 3.29 -7.07 6.91
C ILE A 39 4.28 -6.65 7.99
N GLN A 40 4.70 -7.61 8.81
CA GLN A 40 5.65 -7.34 9.88
C GLN A 40 6.99 -6.87 9.33
N THR A 41 7.48 -7.59 8.32
CA THR A 41 8.74 -7.25 7.68
C THR A 41 8.61 -6.04 6.77
N LEU A 42 7.42 -5.88 6.19
CA LEU A 42 7.16 -4.76 5.29
C LEU A 42 7.09 -3.44 6.06
N SER A 43 6.47 -3.49 7.24
CA SER A 43 6.34 -2.31 8.08
C SER A 43 7.71 -1.81 8.54
N ALA A 44 8.57 -2.74 8.92
CA ALA A 44 9.91 -2.39 9.38
C ALA A 44 10.77 -1.87 8.23
N GLN A 45 10.80 -2.62 7.12
CA GLN A 45 11.57 -2.22 5.95
C GLN A 45 11.07 -0.90 5.38
N LEU A 46 9.77 -0.67 5.51
CA LEU A 46 9.16 0.55 5.01
C LEU A 46 9.17 1.65 6.06
N ASP A 47 9.33 1.26 7.32
CA ASP A 47 9.35 2.22 8.43
C ASP A 47 8.01 2.94 8.54
N LEU A 48 6.94 2.26 8.18
CA LEU A 48 5.60 2.83 8.24
C LEU A 48 4.65 1.92 9.01
N PRO A 49 3.66 2.50 9.72
CA PRO A 49 2.68 1.73 10.50
C PRO A 49 2.09 0.57 9.69
N LYS A 50 1.42 -0.33 10.38
CA LYS A 50 0.80 -1.49 9.74
C LYS A 50 -0.55 -1.13 9.14
N TYR A 51 -1.30 -0.29 9.82
CA TYR A 51 -2.61 0.13 9.34
C TYR A 51 -2.52 0.77 7.95
N THR A 52 -1.34 1.25 7.60
CA THR A 52 -1.13 1.88 6.30
C THR A 52 -0.99 0.83 5.20
N ILE A 53 -0.27 -0.24 5.50
CA ILE A 53 -0.06 -1.31 4.54
C ILE A 53 -1.37 -2.03 4.21
N ILE A 54 -2.24 -2.12 5.21
CA ILE A 54 -3.53 -2.78 5.02
C ILE A 54 -4.46 -1.93 4.17
N LYS A 55 -4.47 -0.62 4.42
CA LYS A 55 -5.30 0.30 3.65
C LYS A 55 -4.89 0.33 2.19
N PHE A 56 -3.60 0.12 1.94
CA PHE A 56 -3.08 0.12 0.58
C PHE A 56 -3.42 -1.18 -0.13
N PHE A 57 -3.27 -2.29 0.58
CA PHE A 57 -3.57 -3.61 0.01
C PHE A 57 -5.08 -3.80 -0.16
N GLN A 58 -5.85 -3.18 0.72
CA GLN A 58 -7.31 -3.28 0.66
C GLN A 58 -7.88 -2.36 -0.41
N ASN A 59 -7.20 -1.23 -0.62
CA ASN A 59 -7.64 -0.26 -1.62
C ASN A 59 -7.20 -0.68 -3.02
N GLN A 60 -6.08 -1.39 -3.10
CA GLN A 60 -5.56 -1.85 -4.38
C GLN A 60 -6.57 -2.71 -5.12
N ARG A 61 -7.29 -3.54 -4.36
CA ARG A 61 -8.30 -4.42 -4.94
C ARG A 61 -9.45 -3.61 -5.54
N TYR A 62 -9.77 -2.49 -4.89
CA TYR A 62 -10.85 -1.63 -5.36
C TYR A 62 -10.32 -0.54 -6.30
N TYR A 63 -9.08 -0.69 -6.75
CA TYR A 63 -8.47 0.27 -7.64
C TYR A 63 -8.52 -0.22 -9.08
N LEU A 64 -8.46 -1.54 -9.26
CA LEU A 64 -8.49 -2.15 -10.58
C LEU A 64 -9.90 -2.59 -10.95
N LYS A 65 -10.89 -1.77 -10.59
CA LYS A 65 -12.28 -2.07 -10.88
C LYS A 65 -13.18 -0.87 -10.59
N HIS A 66 -13.23 -0.48 -9.32
CA HIS A 66 -14.05 0.65 -8.90
C HIS A 66 -13.40 1.96 -9.33
N HIS A 67 -12.29 2.31 -8.69
CA HIS A 67 -11.59 3.55 -9.00
C HIS A 67 -11.11 3.55 -10.45
N GLY A 68 -11.81 4.30 -11.29
CA GLY A 68 -11.45 4.38 -12.70
C GLY A 68 -10.35 5.39 -12.96
N LYS A 69 -10.56 6.62 -12.48
CA LYS A 69 -9.59 7.68 -12.67
C LYS A 69 -9.59 8.63 -11.47
N LEU A 70 -9.53 8.06 -10.27
CA LEU A 70 -9.52 8.86 -9.05
C LEU A 70 -10.80 9.68 -8.93
N LYS A 71 -11.13 10.10 -7.71
CA LYS A 71 -12.33 10.89 -7.45
C LYS A 71 -13.58 10.12 -7.85
N ASN A 5 2.36 32.80 1.42
CA ASN A 5 1.25 32.09 0.72
C ASN A 5 -0.10 32.51 1.26
N ARG A 6 -1.17 32.03 0.63
CA ARG A 6 -2.52 32.37 1.06
C ARG A 6 -3.37 31.10 1.19
N GLN A 7 -3.32 30.25 0.17
CA GLN A 7 -4.09 29.00 0.19
C GLN A 7 -3.48 28.01 1.17
N LYS A 8 -4.27 27.00 1.55
CA LYS A 8 -3.81 25.98 2.48
C LYS A 8 -3.36 24.72 1.74
N THR A 9 -2.05 24.53 1.69
CA THR A 9 -1.48 23.36 1.02
C THR A 9 -1.30 22.19 1.98
N ARG A 10 -2.34 21.37 2.10
CA ARG A 10 -2.30 20.21 2.98
C ARG A 10 -2.37 18.91 2.19
N PRO A 11 -1.21 18.37 1.79
CA PRO A 11 -1.16 17.11 1.02
C PRO A 11 -1.69 15.93 1.80
N ARG A 12 -1.15 15.72 2.99
CA ARG A 12 -1.58 14.61 3.85
C ARG A 12 -1.48 13.28 3.12
N THR A 13 -0.35 12.60 3.28
CA THR A 13 -0.14 11.32 2.62
C THR A 13 1.02 10.56 3.27
N LYS A 14 0.91 9.23 3.28
CA LYS A 14 1.95 8.39 3.87
C LYS A 14 2.68 7.59 2.79
N ILE A 15 3.78 6.96 3.18
CA ILE A 15 4.57 6.16 2.24
C ILE A 15 5.12 7.03 1.11
N SER A 16 6.44 7.13 1.04
CA SER A 16 7.10 7.93 0.02
C SER A 16 7.06 7.21 -1.33
N VAL A 17 7.44 7.93 -2.39
CA VAL A 17 7.46 7.36 -3.73
C VAL A 17 8.36 6.13 -3.81
N GLU A 18 9.44 6.17 -3.03
CA GLU A 18 10.39 5.06 -3.00
C GLU A 18 9.73 3.79 -2.48
N ALA A 19 8.96 3.93 -1.41
CA ALA A 19 8.28 2.79 -0.81
C ALA A 19 7.23 2.21 -1.78
N LEU A 20 6.64 3.08 -2.59
CA LEU A 20 5.64 2.65 -3.56
C LEU A 20 6.23 1.64 -4.55
N GLY A 21 7.41 1.95 -5.05
CA GLY A 21 8.06 1.07 -6.01
C GLY A 21 8.32 -0.31 -5.44
N ILE A 22 8.83 -0.36 -4.21
CA ILE A 22 9.12 -1.62 -3.55
C ILE A 22 7.83 -2.37 -3.20
N LEU A 23 6.80 -1.62 -2.86
CA LEU A 23 5.50 -2.20 -2.52
C LEU A 23 4.88 -2.90 -3.72
N GLN A 24 4.96 -2.26 -4.87
CA GLN A 24 4.40 -2.80 -6.10
C GLN A 24 5.04 -4.14 -6.44
N SER A 25 6.35 -4.24 -6.19
CA SER A 25 7.09 -5.47 -6.47
C SER A 25 6.53 -6.64 -5.66
N PHE A 26 6.19 -6.36 -4.40
CA PHE A 26 5.65 -7.39 -3.51
C PHE A 26 4.28 -7.85 -4.00
N ILE A 27 3.53 -6.94 -4.59
CA ILE A 27 2.20 -7.26 -5.10
C ILE A 27 2.28 -8.04 -6.41
N GLN A 28 3.33 -7.77 -7.18
CA GLN A 28 3.52 -8.46 -8.46
C GLN A 28 4.06 -9.88 -8.25
N ASP A 29 4.83 -10.05 -7.18
CA ASP A 29 5.40 -11.35 -6.87
C ASP A 29 4.45 -12.18 -6.01
N VAL A 30 4.19 -11.70 -4.80
CA VAL A 30 3.30 -12.39 -3.87
C VAL A 30 1.84 -12.17 -4.25
N GLY A 31 1.41 -10.92 -4.23
CA GLY A 31 0.04 -10.61 -4.59
C GLY A 31 -0.57 -9.58 -3.66
N LEU A 32 -1.90 -9.60 -3.56
CA LEU A 32 -2.62 -8.66 -2.69
C LEU A 32 -3.08 -9.35 -1.42
N TYR A 33 -2.31 -10.34 -0.97
CA TYR A 33 -2.65 -11.07 0.25
C TYR A 33 -1.41 -11.33 1.09
N PRO A 34 -0.89 -10.30 1.76
CA PRO A 34 0.31 -10.42 2.61
C PRO A 34 0.04 -11.20 3.88
N ASP A 35 0.99 -12.05 4.26
CA ASP A 35 0.85 -12.86 5.46
C ASP A 35 1.12 -12.04 6.71
N GLU A 36 0.90 -12.64 7.87
CA GLU A 36 1.11 -11.95 9.15
C GLU A 36 2.56 -11.48 9.27
N GLU A 37 3.48 -12.31 8.81
CA GLU A 37 4.90 -11.98 8.88
C GLU A 37 5.28 -10.96 7.80
N ALA A 38 4.56 -11.01 6.69
CA ALA A 38 4.82 -10.09 5.58
C ALA A 38 4.51 -8.65 5.98
N ILE A 39 3.41 -8.47 6.70
CA ILE A 39 3.01 -7.14 7.15
C ILE A 39 3.92 -6.63 8.26
N GLN A 40 4.43 -7.56 9.07
CA GLN A 40 5.32 -7.21 10.16
C GLN A 40 6.69 -6.78 9.65
N THR A 41 7.17 -7.46 8.61
CA THR A 41 8.46 -7.14 8.03
C THR A 41 8.38 -5.90 7.13
N LEU A 42 7.38 -5.89 6.26
CA LEU A 42 7.17 -4.77 5.35
C LEU A 42 6.94 -3.46 6.13
N SER A 43 6.32 -3.59 7.29
CA SER A 43 6.05 -2.43 8.13
C SER A 43 7.33 -1.83 8.69
N ALA A 44 8.21 -2.70 9.20
CA ALA A 44 9.48 -2.27 9.75
C ALA A 44 10.43 -1.81 8.67
N GLN A 45 10.38 -2.49 7.52
CA GLN A 45 11.25 -2.15 6.39
C GLN A 45 10.86 -0.80 5.79
N LEU A 46 9.61 -0.69 5.37
CA LEU A 46 9.11 0.54 4.77
C LEU A 46 8.94 1.63 5.83
N ASP A 47 8.98 1.23 7.11
CA ASP A 47 8.82 2.18 8.21
C ASP A 47 7.39 2.71 8.28
N LEU A 48 6.43 1.85 7.96
CA LEU A 48 5.02 2.23 8.00
C LEU A 48 4.24 1.30 8.93
N PRO A 49 3.29 1.86 9.70
CA PRO A 49 2.46 1.09 10.63
C PRO A 49 1.86 -0.14 9.97
N LYS A 50 1.10 -0.91 10.75
CA LYS A 50 0.45 -2.11 10.24
C LYS A 50 -0.77 -1.76 9.40
N TYR A 51 -1.57 -0.82 9.89
CA TYR A 51 -2.78 -0.40 9.18
C TYR A 51 -2.42 0.17 7.80
N THR A 52 -1.24 0.77 7.72
CA THR A 52 -0.78 1.36 6.45
C THR A 52 -0.71 0.32 5.35
N ILE A 53 -0.31 -0.90 5.72
CA ILE A 53 -0.20 -1.99 4.76
C ILE A 53 -1.58 -2.50 4.35
N ILE A 54 -2.47 -2.63 5.32
CA ILE A 54 -3.82 -3.11 5.06
C ILE A 54 -4.61 -2.10 4.23
N LYS A 55 -4.57 -0.84 4.64
CA LYS A 55 -5.28 0.22 3.95
C LYS A 55 -4.82 0.32 2.49
N PHE A 56 -3.51 0.24 2.28
CA PHE A 56 -2.94 0.32 0.94
C PHE A 56 -3.30 -0.90 0.12
N PHE A 57 -2.98 -2.08 0.64
CA PHE A 57 -3.28 -3.34 -0.06
C PHE A 57 -4.76 -3.48 -0.33
N GLN A 58 -5.59 -2.91 0.55
CA GLN A 58 -7.03 -2.97 0.40
C GLN A 58 -7.53 -1.92 -0.59
N ASN A 59 -7.07 -0.69 -0.42
CA ASN A 59 -7.47 0.40 -1.31
C ASN A 59 -7.10 0.09 -2.75
N GLN A 60 -6.03 -0.67 -2.94
CA GLN A 60 -5.56 -1.03 -4.27
C GLN A 60 -6.64 -1.80 -5.02
N ARG A 61 -7.34 -2.69 -4.31
CA ARG A 61 -8.40 -3.49 -4.92
C ARG A 61 -9.67 -2.66 -5.11
N TYR A 62 -9.91 -1.73 -4.20
CA TYR A 62 -11.09 -0.87 -4.27
C TYR A 62 -11.01 0.05 -5.49
N TYR A 63 -9.86 0.69 -5.66
CA TYR A 63 -9.66 1.61 -6.78
C TYR A 63 -9.83 0.89 -8.11
N LEU A 64 -9.51 -0.40 -8.13
CA LEU A 64 -9.63 -1.20 -9.34
C LEU A 64 -10.96 -1.95 -9.37
N LYS A 65 -12.03 -1.26 -9.00
CA LYS A 65 -13.36 -1.86 -8.98
C LYS A 65 -14.42 -0.81 -8.70
N HIS A 66 -14.30 -0.15 -7.56
CA HIS A 66 -15.26 0.89 -7.16
C HIS A 66 -15.27 2.03 -8.17
N HIS A 67 -14.09 2.50 -8.53
CA HIS A 67 -13.96 3.60 -9.49
C HIS A 67 -13.72 3.06 -10.90
N GLY A 68 -12.52 2.50 -11.11
CA GLY A 68 -12.18 1.96 -12.42
C GLY A 68 -11.23 2.86 -13.18
N LYS A 69 -11.45 4.16 -13.10
CA LYS A 69 -10.61 5.13 -13.79
C LYS A 69 -10.55 6.45 -13.02
N LEU A 70 -9.37 7.08 -13.01
CA LEU A 70 -9.19 8.35 -12.32
C LEU A 70 -9.91 9.47 -13.04
N LYS A 71 -10.53 10.36 -12.26
CA LYS A 71 -11.25 11.49 -12.83
C LYS A 71 -11.05 12.74 -11.99
N ASN A 5 2.98 13.79 -9.97
CA ASN A 5 3.05 14.14 -8.53
C ASN A 5 1.86 15.02 -8.13
N ARG A 6 1.41 15.86 -9.06
CA ARG A 6 0.29 16.75 -8.81
C ARG A 6 0.60 17.70 -7.66
N GLN A 7 -0.09 18.84 -7.64
CA GLN A 7 0.11 19.84 -6.60
C GLN A 7 -1.02 19.79 -5.58
N LYS A 8 -0.66 19.74 -4.29
CA LYS A 8 -1.65 19.70 -3.22
C LYS A 8 -2.48 18.43 -3.29
N THR A 9 -2.65 17.78 -2.16
CA THR A 9 -3.43 16.54 -2.09
C THR A 9 -3.98 16.31 -0.69
N ARG A 10 -5.08 15.59 -0.60
CA ARG A 10 -5.72 15.29 0.69
C ARG A 10 -4.73 14.64 1.66
N PRO A 11 -4.25 15.39 2.67
CA PRO A 11 -3.29 14.87 3.65
C PRO A 11 -3.89 13.76 4.50
N ARG A 12 -3.52 12.52 4.17
CA ARG A 12 -4.02 11.36 4.90
C ARG A 12 -3.17 10.13 4.62
N THR A 13 -2.22 9.86 5.51
CA THR A 13 -1.33 8.70 5.37
C THR A 13 -0.86 8.51 3.93
N LYS A 14 0.15 9.30 3.53
CA LYS A 14 0.68 9.22 2.18
C LYS A 14 2.02 8.49 2.18
N ILE A 15 2.18 7.56 1.24
CA ILE A 15 3.41 6.78 1.12
C ILE A 15 4.33 7.37 0.05
N SER A 16 5.60 7.50 0.39
CA SER A 16 6.58 8.05 -0.54
C SER A 16 6.68 7.18 -1.79
N VAL A 17 7.14 7.78 -2.89
CA VAL A 17 7.27 7.07 -4.15
C VAL A 17 8.19 5.86 -4.00
N GLU A 18 9.23 6.00 -3.18
CA GLU A 18 10.18 4.92 -2.95
C GLU A 18 9.48 3.72 -2.33
N ALA A 19 8.63 3.97 -1.34
CA ALA A 19 7.90 2.91 -0.67
C ALA A 19 6.88 2.27 -1.61
N LEU A 20 6.29 3.09 -2.48
CA LEU A 20 5.29 2.61 -3.42
C LEU A 20 5.93 1.67 -4.44
N GLY A 21 7.14 2.01 -4.87
CA GLY A 21 7.84 1.17 -5.84
C GLY A 21 8.07 -0.23 -5.34
N ILE A 22 8.50 -0.35 -4.09
CA ILE A 22 8.76 -1.65 -3.49
C ILE A 22 7.46 -2.42 -3.29
N LEU A 23 6.41 -1.71 -2.88
CA LEU A 23 5.11 -2.32 -2.66
C LEU A 23 4.53 -2.87 -3.96
N GLN A 24 4.77 -2.15 -5.04
CA GLN A 24 4.27 -2.56 -6.35
C GLN A 24 4.83 -3.92 -6.75
N SER A 25 6.13 -4.11 -6.50
CA SER A 25 6.78 -5.37 -6.83
C SER A 25 6.20 -6.53 -6.02
N PHE A 26 5.80 -6.22 -4.78
CA PHE A 26 5.23 -7.23 -3.91
C PHE A 26 3.95 -7.82 -4.51
N ILE A 27 3.03 -6.94 -4.91
CA ILE A 27 1.77 -7.37 -5.50
C ILE A 27 2.00 -7.96 -6.89
N GLN A 28 3.08 -7.54 -7.54
CA GLN A 28 3.40 -8.02 -8.88
C GLN A 28 4.10 -9.38 -8.82
N ASP A 29 4.87 -9.59 -7.76
CA ASP A 29 5.59 -10.85 -7.58
C ASP A 29 4.87 -11.76 -6.59
N VAL A 30 4.77 -11.31 -5.35
CA VAL A 30 4.10 -12.08 -4.31
C VAL A 30 2.60 -12.12 -4.53
N GLY A 31 2.00 -10.96 -4.78
CA GLY A 31 0.58 -10.88 -5.01
C GLY A 31 -0.14 -10.05 -3.96
N LEU A 32 -1.47 -10.08 -3.98
CA LEU A 32 -2.27 -9.32 -3.02
C LEU A 32 -2.76 -10.23 -1.90
N TYR A 33 -1.97 -11.24 -1.55
CA TYR A 33 -2.32 -12.16 -0.49
C TYR A 33 -1.24 -12.21 0.59
N PRO A 34 -0.99 -11.07 1.25
CA PRO A 34 0.03 -10.99 2.31
C PRO A 34 -0.38 -11.72 3.58
N ASP A 35 0.55 -11.83 4.53
CA ASP A 35 0.28 -12.51 5.78
C ASP A 35 0.67 -11.63 6.96
N GLU A 36 0.39 -12.11 8.18
CA GLU A 36 0.71 -11.38 9.39
C GLU A 36 2.21 -11.07 9.46
N GLU A 37 3.02 -12.11 9.29
CA GLU A 37 4.47 -11.96 9.34
C GLU A 37 4.97 -11.06 8.21
N ALA A 38 4.24 -11.07 7.09
CA ALA A 38 4.61 -10.26 5.93
C ALA A 38 4.43 -8.78 6.22
N ILE A 39 3.25 -8.41 6.71
CA ILE A 39 2.96 -7.01 7.03
C ILE A 39 3.87 -6.51 8.15
N GLN A 40 4.28 -7.42 9.04
CA GLN A 40 5.14 -7.07 10.16
C GLN A 40 6.54 -6.73 9.67
N THR A 41 6.96 -7.37 8.58
CA THR A 41 8.28 -7.13 8.01
C THR A 41 8.28 -5.92 7.09
N LEU A 42 7.15 -5.69 6.43
CA LEU A 42 7.02 -4.55 5.52
C LEU A 42 6.97 -3.24 6.28
N SER A 43 6.37 -3.27 7.47
CA SER A 43 6.26 -2.08 8.31
C SER A 43 7.61 -1.71 8.92
N ALA A 44 8.27 -2.69 9.52
CA ALA A 44 9.57 -2.46 10.14
C ALA A 44 10.63 -2.12 9.10
N GLN A 45 10.62 -2.84 7.99
CA GLN A 45 11.58 -2.61 6.92
C GLN A 45 11.40 -1.21 6.33
N LEU A 46 10.24 -0.97 5.74
CA LEU A 46 9.94 0.32 5.13
C LEU A 46 9.76 1.41 6.18
N ASP A 47 9.61 0.99 7.45
CA ASP A 47 9.44 1.93 8.54
C ASP A 47 8.13 2.71 8.39
N LEU A 48 7.01 2.01 8.49
CA LEU A 48 5.70 2.62 8.36
C LEU A 48 4.66 1.86 9.17
N PRO A 49 3.61 2.56 9.64
CA PRO A 49 2.54 1.94 10.44
C PRO A 49 1.99 0.67 9.79
N LYS A 50 1.49 -0.24 10.61
CA LYS A 50 0.93 -1.49 10.11
C LYS A 50 -0.35 -1.24 9.31
N TYR A 51 -1.22 -0.40 9.83
CA TYR A 51 -2.48 -0.07 9.17
C TYR A 51 -2.23 0.51 7.78
N THR A 52 -1.07 1.14 7.60
CA THR A 52 -0.71 1.74 6.32
C THR A 52 -0.72 0.69 5.21
N ILE A 53 -0.11 -0.46 5.48
CA ILE A 53 -0.04 -1.54 4.50
C ILE A 53 -1.39 -2.22 4.35
N ILE A 54 -2.11 -2.37 5.46
CA ILE A 54 -3.43 -3.00 5.44
C ILE A 54 -4.40 -2.19 4.58
N LYS A 55 -4.29 -0.88 4.64
CA LYS A 55 -5.16 0.00 3.88
C LYS A 55 -4.79 -0.02 2.39
N PHE A 56 -3.51 -0.25 2.11
CA PHE A 56 -3.02 -0.31 0.74
C PHE A 56 -3.52 -1.57 0.04
N PHE A 57 -3.19 -2.73 0.60
CA PHE A 57 -3.61 -4.00 0.02
C PHE A 57 -5.12 -4.08 -0.08
N GLN A 58 -5.81 -3.42 0.85
CA GLN A 58 -7.27 -3.43 0.86
C GLN A 58 -7.83 -2.42 -0.13
N ASN A 59 -7.08 -1.33 -0.35
CA ASN A 59 -7.52 -0.28 -1.27
C ASN A 59 -7.18 -0.64 -2.71
N GLN A 60 -6.31 -1.63 -2.90
CA GLN A 60 -5.91 -2.04 -4.24
C GLN A 60 -6.70 -3.28 -4.69
N ARG A 61 -7.06 -4.12 -3.72
CA ARG A 61 -7.82 -5.33 -4.01
C ARG A 61 -9.27 -5.01 -4.31
N TYR A 62 -9.88 -4.18 -3.47
CA TYR A 62 -11.28 -3.80 -3.63
C TYR A 62 -11.45 -2.87 -4.83
N TYR A 63 -10.40 -2.13 -5.17
CA TYR A 63 -10.45 -1.21 -6.30
C TYR A 63 -10.74 -1.94 -7.60
N LEU A 64 -10.10 -3.10 -7.78
CA LEU A 64 -10.30 -3.89 -8.99
C LEU A 64 -11.32 -5.00 -8.75
N LYS A 65 -12.39 -4.68 -8.02
CA LYS A 65 -13.44 -5.64 -7.72
C LYS A 65 -14.74 -4.93 -7.37
N HIS A 66 -14.65 -3.91 -6.51
CA HIS A 66 -15.82 -3.15 -6.09
C HIS A 66 -15.64 -1.67 -6.39
N HIS A 67 -16.70 -0.90 -6.19
CA HIS A 67 -16.66 0.54 -6.44
C HIS A 67 -16.36 0.82 -7.91
N GLY A 68 -16.27 2.10 -8.25
CA GLY A 68 -15.99 2.48 -9.62
C GLY A 68 -14.64 3.16 -9.77
N LYS A 69 -14.51 4.34 -9.18
CA LYS A 69 -13.26 5.09 -9.25
C LYS A 69 -13.01 5.84 -7.94
N LEU A 70 -11.83 5.63 -7.37
CA LEU A 70 -11.46 6.27 -6.12
C LEU A 70 -10.34 7.29 -6.33
N LYS A 71 -10.43 8.43 -5.63
CA LYS A 71 -9.43 9.48 -5.75
C LYS A 71 -8.39 9.37 -4.64
N ASN A 5 -15.62 24.31 5.47
CA ASN A 5 -15.16 23.04 4.84
C ASN A 5 -15.52 23.00 3.36
N ARG A 6 -15.57 24.17 2.73
CA ARG A 6 -15.91 24.27 1.32
C ARG A 6 -14.77 23.74 0.45
N GLN A 7 -13.55 24.19 0.74
CA GLN A 7 -12.38 23.76 0.00
C GLN A 7 -11.13 23.76 0.88
N LYS A 8 -10.82 22.60 1.44
CA LYS A 8 -9.64 22.46 2.31
C LYS A 8 -8.41 22.05 1.50
N THR A 9 -8.62 21.21 0.50
CA THR A 9 -7.53 20.74 -0.35
C THR A 9 -6.46 20.03 0.47
N ARG A 10 -6.31 18.73 0.24
CA ARG A 10 -5.32 17.93 0.95
C ARG A 10 -4.15 17.58 0.06
N PRO A 11 -3.14 18.48 -0.03
CA PRO A 11 -1.95 18.26 -0.86
C PRO A 11 -1.06 17.16 -0.32
N ARG A 12 -0.25 16.56 -1.21
CA ARG A 12 0.66 15.50 -0.81
C ARG A 12 -0.10 14.31 -0.23
N THR A 13 0.54 13.15 -0.21
CA THR A 13 -0.08 11.95 0.32
C THR A 13 0.88 11.20 1.24
N LYS A 14 0.43 10.07 1.77
CA LYS A 14 1.24 9.26 2.67
C LYS A 14 2.12 8.28 1.88
N ILE A 15 2.91 7.50 2.60
CA ILE A 15 3.80 6.52 1.97
C ILE A 15 4.85 7.21 1.10
N SER A 16 6.10 6.78 1.25
CA SER A 16 7.19 7.35 0.47
C SER A 16 7.24 6.74 -0.93
N VAL A 17 7.92 7.44 -1.84
CA VAL A 17 8.04 6.97 -3.22
C VAL A 17 8.77 5.63 -3.27
N GLU A 18 9.69 5.43 -2.34
CA GLU A 18 10.46 4.19 -2.29
C GLU A 18 9.59 3.03 -1.82
N ALA A 19 8.69 3.31 -0.89
CA ALA A 19 7.79 2.28 -0.37
C ALA A 19 6.77 1.85 -1.43
N LEU A 20 6.25 2.81 -2.18
CA LEU A 20 5.27 2.53 -3.22
C LEU A 20 5.87 1.64 -4.30
N GLY A 21 7.13 1.90 -4.65
CA GLY A 21 7.80 1.11 -5.67
C GLY A 21 8.03 -0.32 -5.23
N ILE A 22 8.44 -0.51 -3.98
CA ILE A 22 8.70 -1.84 -3.44
C ILE A 22 7.39 -2.60 -3.23
N LEU A 23 6.33 -1.87 -2.93
CA LEU A 23 5.02 -2.48 -2.71
C LEU A 23 4.43 -3.01 -4.01
N GLN A 24 4.58 -2.23 -5.08
CA GLN A 24 4.06 -2.62 -6.39
C GLN A 24 4.67 -3.94 -6.84
N SER A 25 5.98 -4.08 -6.66
CA SER A 25 6.68 -5.30 -7.05
C SER A 25 6.22 -6.49 -6.21
N PHE A 26 5.83 -6.22 -4.97
CA PHE A 26 5.36 -7.26 -4.07
C PHE A 26 4.01 -7.81 -4.51
N ILE A 27 3.17 -6.92 -5.03
CA ILE A 27 1.84 -7.30 -5.49
C ILE A 27 1.92 -8.07 -6.80
N GLN A 28 2.90 -7.75 -7.63
CA GLN A 28 3.08 -8.41 -8.91
C GLN A 28 3.85 -9.72 -8.75
N ASP A 29 4.63 -9.82 -7.68
CA ASP A 29 5.42 -11.02 -7.42
C ASP A 29 4.74 -11.90 -6.37
N VAL A 30 4.65 -11.39 -5.15
CA VAL A 30 4.02 -12.13 -4.06
C VAL A 30 2.52 -12.26 -4.26
N GLY A 31 1.81 -11.14 -4.13
CA GLY A 31 0.36 -11.16 -4.29
C GLY A 31 -0.31 -9.98 -3.63
N LEU A 32 -1.64 -9.98 -3.61
CA LEU A 32 -2.40 -8.91 -3.00
C LEU A 32 -2.77 -9.24 -1.56
N TYR A 33 -2.80 -10.54 -1.24
CA TYR A 33 -3.14 -10.98 0.11
C TYR A 33 -1.90 -11.47 0.85
N PRO A 34 -1.13 -10.55 1.47
CA PRO A 34 0.08 -10.89 2.22
C PRO A 34 -0.24 -11.61 3.53
N ASP A 35 0.78 -11.76 4.37
CA ASP A 35 0.61 -12.42 5.66
C ASP A 35 1.08 -11.53 6.80
N GLU A 36 0.84 -11.97 8.03
CA GLU A 36 1.24 -11.21 9.21
C GLU A 36 2.74 -10.99 9.23
N GLU A 37 3.48 -11.95 8.69
CA GLU A 37 4.94 -11.87 8.65
C GLU A 37 5.39 -10.88 7.59
N ALA A 38 4.62 -10.77 6.51
CA ALA A 38 4.94 -9.86 5.42
C ALA A 38 4.74 -8.41 5.84
N ILE A 39 3.63 -8.14 6.52
CA ILE A 39 3.32 -6.79 6.98
C ILE A 39 4.24 -6.37 8.12
N GLN A 40 4.66 -7.35 8.92
CA GLN A 40 5.54 -7.09 10.06
C GLN A 40 6.91 -6.64 9.57
N THR A 41 7.43 -7.31 8.55
CA THR A 41 8.73 -6.98 7.99
C THR A 41 8.69 -5.66 7.23
N LEU A 42 7.67 -5.50 6.40
CA LEU A 42 7.51 -4.29 5.60
C LEU A 42 7.28 -3.08 6.50
N SER A 43 6.61 -3.31 7.63
CA SER A 43 6.32 -2.24 8.58
C SER A 43 7.59 -1.80 9.31
N ALA A 44 8.34 -2.79 9.79
CA ALA A 44 9.58 -2.51 10.52
C ALA A 44 10.66 -1.98 9.58
N GLN A 45 10.80 -2.62 8.42
CA GLN A 45 11.80 -2.21 7.44
C GLN A 45 11.51 -0.81 6.92
N LEU A 46 10.34 -0.63 6.32
CA LEU A 46 9.95 0.67 5.78
C LEU A 46 9.65 1.66 6.90
N ASP A 47 9.45 1.14 8.12
CA ASP A 47 9.16 2.00 9.27
C ASP A 47 7.79 2.65 9.13
N LEU A 48 6.87 1.94 8.49
CA LEU A 48 5.51 2.45 8.29
C LEU A 48 4.51 1.67 9.13
N PRO A 49 3.44 2.34 9.60
CA PRO A 49 2.41 1.71 10.43
C PRO A 49 1.85 0.44 9.78
N LYS A 50 1.03 -0.28 10.53
CA LYS A 50 0.43 -1.52 10.04
C LYS A 50 -0.86 -1.22 9.28
N TYR A 51 -1.71 -0.39 9.87
CA TYR A 51 -2.97 -0.02 9.25
C TYR A 51 -2.76 0.63 7.88
N THR A 52 -1.63 1.33 7.74
CA THR A 52 -1.30 1.99 6.49
C THR A 52 -1.07 0.98 5.38
N ILE A 53 -0.52 -0.18 5.73
CA ILE A 53 -0.25 -1.23 4.76
C ILE A 53 -1.52 -2.02 4.44
N ILE A 54 -2.35 -2.23 5.46
CA ILE A 54 -3.59 -2.97 5.28
C ILE A 54 -4.56 -2.21 4.39
N LYS A 55 -4.64 -0.90 4.59
CA LYS A 55 -5.53 -0.06 3.80
C LYS A 55 -5.04 0.05 2.36
N PHE A 56 -3.72 0.03 2.20
CA PHE A 56 -3.12 0.13 0.87
C PHE A 56 -3.35 -1.16 0.07
N PHE A 57 -3.10 -2.29 0.71
CA PHE A 57 -3.27 -3.59 0.07
C PHE A 57 -4.75 -3.83 -0.26
N GLN A 58 -5.62 -3.45 0.66
CA GLN A 58 -7.06 -3.61 0.46
C GLN A 58 -7.57 -2.73 -0.66
N ASN A 59 -6.94 -1.57 -0.83
CA ASN A 59 -7.33 -0.64 -1.89
C ASN A 59 -6.99 -1.19 -3.26
N GLN A 60 -5.95 -2.02 -3.32
CA GLN A 60 -5.53 -2.63 -4.58
C GLN A 60 -6.67 -3.41 -5.22
N ARG A 61 -7.49 -4.05 -4.38
CA ARG A 61 -8.61 -4.84 -4.87
C ARG A 61 -9.60 -3.96 -5.62
N TYR A 62 -9.79 -2.73 -5.15
CA TYR A 62 -10.70 -1.79 -5.78
C TYR A 62 -10.06 -1.14 -7.00
N TYR A 63 -8.73 -1.08 -6.99
CA TYR A 63 -7.99 -0.47 -8.10
C TYR A 63 -8.38 -1.11 -9.43
N LEU A 64 -8.77 -2.38 -9.39
CA LEU A 64 -9.16 -3.10 -10.60
C LEU A 64 -10.67 -3.13 -10.73
N LYS A 65 -11.34 -2.08 -10.24
CA LYS A 65 -12.79 -1.99 -10.31
C LYS A 65 -13.23 -0.56 -10.60
N HIS A 66 -12.66 0.39 -9.85
CA HIS A 66 -12.99 1.80 -10.02
C HIS A 66 -12.32 2.37 -11.26
N HIS A 67 -11.02 2.14 -11.38
CA HIS A 67 -10.26 2.63 -12.53
C HIS A 67 -10.44 1.73 -13.74
N GLY A 68 -10.82 2.32 -14.86
CA GLY A 68 -11.03 1.55 -16.07
C GLY A 68 -9.72 1.09 -16.69
N LYS A 69 -8.68 1.88 -16.53
CA LYS A 69 -7.37 1.55 -17.07
C LYS A 69 -6.25 2.18 -16.23
N LEU A 70 -5.34 1.34 -15.75
CA LEU A 70 -4.23 1.81 -14.94
C LEU A 70 -3.36 2.79 -15.72
N LYS A 71 -2.88 3.84 -15.03
CA LYS A 71 -2.04 4.84 -15.66
C LYS A 71 -0.58 4.62 -15.31
N ASN A 5 -20.52 16.78 4.25
CA ASN A 5 -20.81 18.20 3.96
C ASN A 5 -19.72 18.82 3.07
N ARG A 6 -18.48 18.66 3.49
CA ARG A 6 -17.36 19.20 2.74
C ARG A 6 -16.82 18.17 1.74
N GLN A 7 -15.81 18.56 0.98
CA GLN A 7 -15.21 17.68 -0.01
C GLN A 7 -13.70 17.90 -0.12
N LYS A 8 -12.94 17.20 0.70
CA LYS A 8 -11.48 17.32 0.70
C LYS A 8 -10.83 16.05 1.22
N THR A 9 -9.51 16.12 1.44
CA THR A 9 -8.77 14.97 1.94
C THR A 9 -8.18 15.25 3.32
N ARG A 10 -7.67 14.21 3.96
CA ARG A 10 -7.08 14.34 5.29
C ARG A 10 -5.71 13.67 5.35
N PRO A 11 -4.70 14.34 5.92
CA PRO A 11 -3.35 13.78 6.04
C PRO A 11 -3.28 12.65 7.04
N ARG A 12 -3.35 11.42 6.55
CA ARG A 12 -3.30 10.25 7.42
C ARG A 12 -1.94 9.55 7.31
N THR A 13 -1.76 8.81 6.22
CA THR A 13 -0.51 8.09 5.99
C THR A 13 0.29 8.73 4.85
N LYS A 14 1.58 8.90 5.07
CA LYS A 14 2.45 9.50 4.06
C LYS A 14 3.52 8.51 3.62
N ILE A 15 3.30 7.89 2.47
CA ILE A 15 4.25 6.92 1.93
C ILE A 15 5.19 7.57 0.93
N SER A 16 6.48 7.25 1.03
CA SER A 16 7.48 7.80 0.13
C SER A 16 7.48 7.06 -1.21
N VAL A 17 8.17 7.63 -2.19
CA VAL A 17 8.25 7.03 -3.52
C VAL A 17 8.94 5.67 -3.46
N GLU A 18 9.95 5.56 -2.59
CA GLU A 18 10.70 4.32 -2.44
C GLU A 18 9.78 3.20 -1.95
N ALA A 19 8.84 3.54 -1.07
CA ALA A 19 7.92 2.57 -0.53
C ALA A 19 6.90 2.12 -1.58
N LEU A 20 6.45 3.06 -2.40
CA LEU A 20 5.49 2.77 -3.45
C LEU A 20 6.06 1.76 -4.45
N GLY A 21 7.34 1.89 -4.73
CA GLY A 21 7.98 0.99 -5.67
C GLY A 21 8.07 -0.42 -5.14
N ILE A 22 8.34 -0.56 -3.84
CA ILE A 22 8.46 -1.86 -3.21
C ILE A 22 7.09 -2.53 -3.08
N LEU A 23 6.06 -1.71 -2.86
CA LEU A 23 4.71 -2.22 -2.71
C LEU A 23 4.22 -2.86 -4.01
N GLN A 24 4.56 -2.23 -5.13
CA GLN A 24 4.16 -2.74 -6.44
C GLN A 24 4.89 -4.03 -6.77
N SER A 25 6.14 -4.13 -6.35
CA SER A 25 6.96 -5.32 -6.60
C SER A 25 6.46 -6.49 -5.76
N PHE A 26 6.00 -6.19 -4.55
CA PHE A 26 5.50 -7.23 -3.65
C PHE A 26 4.27 -7.92 -4.24
N ILE A 27 3.39 -7.13 -4.85
CA ILE A 27 2.18 -7.65 -5.45
C ILE A 27 2.48 -8.42 -6.74
N GLN A 28 3.50 -7.96 -7.45
CA GLN A 28 3.90 -8.60 -8.71
C GLN A 28 4.59 -9.93 -8.44
N ASP A 29 5.24 -10.05 -7.29
CA ASP A 29 5.95 -11.27 -6.92
C ASP A 29 5.06 -12.16 -6.04
N VAL A 30 4.36 -11.54 -5.10
CA VAL A 30 3.48 -12.29 -4.20
C VAL A 30 2.02 -12.07 -4.56
N GLY A 31 1.52 -10.86 -4.36
CA GLY A 31 0.13 -10.56 -4.67
C GLY A 31 -0.48 -9.58 -3.69
N LEU A 32 -1.78 -9.71 -3.46
CA LEU A 32 -2.49 -8.84 -2.54
C LEU A 32 -3.12 -9.63 -1.40
N TYR A 33 -2.50 -10.76 -1.06
CA TYR A 33 -3.00 -11.61 0.01
C TYR A 33 -1.85 -12.19 0.84
N PRO A 34 -1.00 -11.31 1.39
CA PRO A 34 0.15 -11.74 2.21
C PRO A 34 -0.27 -12.21 3.59
N ASP A 35 0.71 -12.41 4.47
CA ASP A 35 0.44 -12.86 5.84
C ASP A 35 0.94 -11.84 6.85
N GLU A 36 0.57 -12.03 8.11
CA GLU A 36 0.97 -11.13 9.18
C GLU A 36 2.49 -11.01 9.25
N GLU A 37 3.18 -12.07 8.84
CA GLU A 37 4.65 -12.08 8.86
C GLU A 37 5.21 -11.16 7.78
N ALA A 38 4.55 -11.15 6.62
CA ALA A 38 4.99 -10.31 5.51
C ALA A 38 4.77 -8.83 5.81
N ILE A 39 3.68 -8.53 6.52
CA ILE A 39 3.35 -7.16 6.88
C ILE A 39 4.35 -6.62 7.90
N GLN A 40 4.84 -7.49 8.77
CA GLN A 40 5.79 -7.09 9.80
C GLN A 40 7.10 -6.63 9.18
N THR A 41 7.56 -7.35 8.15
CA THR A 41 8.80 -7.00 7.48
C THR A 41 8.66 -5.71 6.69
N LEU A 42 7.55 -5.58 5.95
CA LEU A 42 7.30 -4.38 5.16
C LEU A 42 7.09 -3.16 6.05
N SER A 43 6.29 -3.33 7.10
CA SER A 43 6.01 -2.24 8.02
C SER A 43 7.29 -1.74 8.68
N ALA A 44 8.24 -2.66 8.87
CA ALA A 44 9.52 -2.31 9.50
C ALA A 44 10.50 -1.78 8.46
N GLN A 45 10.55 -2.44 7.30
CA GLN A 45 11.46 -2.04 6.23
C GLN A 45 11.11 -0.64 5.72
N LEU A 46 9.81 -0.33 5.73
CA LEU A 46 9.33 0.97 5.26
C LEU A 46 9.12 1.93 6.43
N ASP A 47 9.18 1.40 7.66
CA ASP A 47 9.00 2.22 8.85
C ASP A 47 7.59 2.83 8.88
N LEU A 48 6.63 2.10 8.32
CA LEU A 48 5.25 2.55 8.28
C LEU A 48 4.36 1.67 9.15
N PRO A 49 3.37 2.28 9.83
CA PRO A 49 2.44 1.53 10.71
C PRO A 49 1.85 0.32 10.01
N LYS A 50 1.04 -0.44 10.73
CA LYS A 50 0.41 -1.64 10.20
C LYS A 50 -0.86 -1.31 9.40
N TYR A 51 -1.68 -0.43 9.96
CA TYR A 51 -2.92 -0.04 9.29
C TYR A 51 -2.67 0.48 7.88
N THR A 52 -1.46 0.95 7.63
CA THR A 52 -1.10 1.46 6.31
C THR A 52 -0.97 0.33 5.30
N ILE A 53 -0.42 -0.80 5.74
CA ILE A 53 -0.24 -1.96 4.88
C ILE A 53 -1.59 -2.55 4.49
N ILE A 54 -2.52 -2.59 5.45
CA ILE A 54 -3.85 -3.13 5.20
C ILE A 54 -4.69 -2.17 4.37
N LYS A 55 -4.47 -0.87 4.57
CA LYS A 55 -5.21 0.14 3.84
C LYS A 55 -4.77 0.19 2.38
N PHE A 56 -3.47 0.09 2.16
CA PHE A 56 -2.92 0.12 0.81
C PHE A 56 -3.32 -1.13 0.04
N PHE A 57 -3.12 -2.30 0.65
CA PHE A 57 -3.47 -3.56 0.02
C PHE A 57 -4.97 -3.67 -0.19
N GLN A 58 -5.73 -3.26 0.81
CA GLN A 58 -7.19 -3.31 0.73
C GLN A 58 -7.71 -2.34 -0.33
N ASN A 59 -7.10 -1.16 -0.41
CA ASN A 59 -7.50 -0.16 -1.38
C ASN A 59 -7.18 -0.62 -2.80
N GLN A 60 -6.08 -1.36 -2.94
CA GLN A 60 -5.65 -1.86 -4.24
C GLN A 60 -6.73 -2.76 -4.84
N ARG A 61 -7.44 -3.49 -3.99
CA ARG A 61 -8.49 -4.39 -4.44
C ARG A 61 -9.57 -3.63 -5.20
N TYR A 62 -9.99 -2.50 -4.63
CA TYR A 62 -11.03 -1.67 -5.25
C TYR A 62 -10.46 -0.92 -6.46
N TYR A 63 -9.23 -0.44 -6.33
CA TYR A 63 -8.58 0.29 -7.41
C TYR A 63 -8.34 -0.62 -8.62
N LEU A 64 -8.26 -1.92 -8.37
CA LEU A 64 -8.02 -2.89 -9.43
C LEU A 64 -9.34 -3.49 -9.91
N LYS A 65 -10.37 -2.66 -10.01
CA LYS A 65 -11.68 -3.11 -10.46
C LYS A 65 -12.61 -1.92 -10.69
N HIS A 66 -12.57 -0.95 -9.79
CA HIS A 66 -13.41 0.24 -9.90
C HIS A 66 -12.64 1.38 -10.56
N HIS A 67 -11.72 1.96 -9.82
CA HIS A 67 -10.91 3.07 -10.32
C HIS A 67 -9.88 2.58 -11.33
N GLY A 68 -10.10 2.90 -12.60
CA GLY A 68 -9.17 2.48 -13.64
C GLY A 68 -7.93 3.34 -13.69
N LYS A 69 -8.09 4.59 -14.09
CA LYS A 69 -6.96 5.53 -14.17
C LYS A 69 -7.24 6.79 -13.38
N LEU A 70 -6.75 6.84 -12.15
CA LEU A 70 -6.95 8.00 -11.28
C LEU A 70 -6.28 9.24 -11.88
N LYS A 71 -5.03 9.09 -12.27
CA LYS A 71 -4.28 10.19 -12.85
C LYS A 71 -4.21 11.37 -11.89
N ASN A 5 -14.25 10.66 -9.25
CA ASN A 5 -12.97 10.53 -8.47
C ASN A 5 -13.02 11.36 -7.19
N ARG A 6 -13.63 12.54 -7.28
CA ARG A 6 -13.74 13.42 -6.13
C ARG A 6 -12.36 13.87 -5.65
N GLN A 7 -12.16 15.19 -5.59
CA GLN A 7 -10.88 15.73 -5.14
C GLN A 7 -10.87 15.94 -3.63
N LYS A 8 -9.70 16.25 -3.08
CA LYS A 8 -9.56 16.46 -1.65
C LYS A 8 -8.40 17.41 -1.35
N THR A 9 -8.55 18.20 -0.30
CA THR A 9 -7.51 19.16 0.09
C THR A 9 -6.54 18.53 1.09
N ARG A 10 -5.25 18.70 0.83
CA ARG A 10 -4.22 18.15 1.71
C ARG A 10 -4.29 16.62 1.73
N PRO A 11 -3.59 15.95 0.80
CA PRO A 11 -3.57 14.49 0.73
C PRO A 11 -3.23 13.85 2.07
N ARG A 12 -4.26 13.39 2.78
CA ARG A 12 -4.07 12.75 4.07
C ARG A 12 -3.46 11.36 3.91
N THR A 13 -2.54 11.03 4.80
CA THR A 13 -1.87 9.73 4.77
C THR A 13 -1.09 9.56 3.47
N LYS A 14 0.10 10.13 3.41
CA LYS A 14 0.95 10.03 2.22
C LYS A 14 2.12 9.10 2.46
N ILE A 15 2.34 8.18 1.52
CA ILE A 15 3.44 7.23 1.64
C ILE A 15 4.61 7.63 0.76
N SER A 16 5.82 7.35 1.23
CA SER A 16 7.04 7.68 0.48
C SER A 16 7.04 6.99 -0.88
N VAL A 17 7.69 7.62 -1.85
CA VAL A 17 7.77 7.07 -3.20
C VAL A 17 8.55 5.75 -3.20
N GLU A 18 9.55 5.66 -2.33
CA GLU A 18 10.37 4.46 -2.23
C GLU A 18 9.53 3.26 -1.82
N ALA A 19 8.56 3.49 -0.94
CA ALA A 19 7.68 2.43 -0.48
C ALA A 19 6.79 1.91 -1.60
N LEU A 20 6.28 2.83 -2.41
CA LEU A 20 5.41 2.47 -3.52
C LEU A 20 6.13 1.54 -4.50
N GLY A 21 7.44 1.71 -4.60
CA GLY A 21 8.22 0.88 -5.50
C GLY A 21 8.29 -0.57 -5.05
N ILE A 22 8.66 -0.77 -3.80
CA ILE A 22 8.77 -2.12 -3.24
C ILE A 22 7.39 -2.76 -3.09
N LEU A 23 6.38 -1.93 -2.84
CA LEU A 23 5.02 -2.42 -2.67
C LEU A 23 4.46 -2.93 -3.99
N GLN A 24 4.63 -2.15 -5.06
CA GLN A 24 4.14 -2.54 -6.38
C GLN A 24 4.79 -3.83 -6.84
N SER A 25 6.03 -4.05 -6.42
CA SER A 25 6.77 -5.25 -6.80
C SER A 25 6.29 -6.46 -6.00
N PHE A 26 6.00 -6.23 -4.72
CA PHE A 26 5.52 -7.30 -3.85
C PHE A 26 4.22 -7.90 -4.36
N ILE A 27 3.39 -7.05 -4.97
CA ILE A 27 2.11 -7.50 -5.51
C ILE A 27 2.29 -8.17 -6.86
N GLN A 28 3.27 -7.71 -7.63
CA GLN A 28 3.54 -8.27 -8.95
C GLN A 28 4.39 -9.54 -8.85
N ASP A 29 5.12 -9.67 -7.74
CA ASP A 29 5.98 -10.84 -7.53
C ASP A 29 5.27 -11.89 -6.68
N VAL A 30 4.58 -11.45 -5.64
CA VAL A 30 3.87 -12.36 -4.75
C VAL A 30 2.40 -12.47 -5.14
N GLY A 31 1.64 -11.40 -4.91
CA GLY A 31 0.23 -11.39 -5.23
C GLY A 31 -0.56 -10.35 -4.46
N LEU A 32 -1.87 -10.52 -4.41
CA LEU A 32 -2.73 -9.58 -3.70
C LEU A 32 -3.26 -10.20 -2.40
N TYR A 33 -2.46 -11.08 -1.80
CA TYR A 33 -2.85 -11.74 -0.56
C TYR A 33 -1.63 -11.97 0.34
N PRO A 34 -1.06 -10.90 0.89
CA PRO A 34 0.11 -10.99 1.76
C PRO A 34 -0.23 -11.54 3.14
N ASP A 35 0.70 -12.27 3.74
CA ASP A 35 0.50 -12.85 5.05
C ASP A 35 0.73 -11.82 6.15
N GLU A 36 0.18 -12.09 7.33
CA GLU A 36 0.31 -11.19 8.47
C GLU A 36 1.79 -10.97 8.80
N GLU A 37 2.57 -12.03 8.72
CA GLU A 37 4.00 -11.95 9.03
C GLU A 37 4.71 -11.05 8.03
N ALA A 38 4.20 -11.00 6.80
CA ALA A 38 4.79 -10.17 5.76
C ALA A 38 4.52 -8.69 6.02
N ILE A 39 3.37 -8.39 6.61
CA ILE A 39 3.00 -7.02 6.91
C ILE A 39 3.87 -6.44 8.01
N GLN A 40 4.33 -7.30 8.92
CA GLN A 40 5.18 -6.88 10.02
C GLN A 40 6.60 -6.60 9.54
N THR A 41 7.06 -7.40 8.59
CA THR A 41 8.40 -7.24 8.04
C THR A 41 8.49 -6.00 7.16
N LEU A 42 7.43 -5.73 6.42
CA LEU A 42 7.39 -4.57 5.52
C LEU A 42 7.30 -3.28 6.33
N SER A 43 6.67 -3.34 7.49
CA SER A 43 6.53 -2.17 8.35
C SER A 43 7.88 -1.74 8.92
N ALA A 44 8.67 -2.71 9.37
CA ALA A 44 9.98 -2.42 9.93
C ALA A 44 10.94 -1.91 8.86
N GLN A 45 10.78 -2.42 7.64
CA GLN A 45 11.63 -2.02 6.53
C GLN A 45 11.23 -0.64 6.02
N LEU A 46 9.95 -0.48 5.70
CA LEU A 46 9.45 0.78 5.19
C LEU A 46 9.30 1.82 6.31
N ASP A 47 9.40 1.36 7.55
CA ASP A 47 9.28 2.24 8.71
C ASP A 47 7.89 2.87 8.76
N LEU A 48 6.89 2.14 8.28
CA LEU A 48 5.51 2.61 8.27
C LEU A 48 4.61 1.69 9.08
N PRO A 49 3.57 2.25 9.73
CA PRO A 49 2.64 1.47 10.55
C PRO A 49 1.82 0.50 9.71
N LYS A 50 1.38 -0.59 10.34
CA LYS A 50 0.58 -1.61 9.66
C LYS A 50 -0.65 -0.98 9.02
N TYR A 51 -1.23 0.00 9.70
CA TYR A 51 -2.41 0.70 9.21
C TYR A 51 -2.21 1.20 7.79
N THR A 52 -0.96 1.47 7.43
CA THR A 52 -0.64 1.97 6.10
C THR A 52 -0.52 0.82 5.10
N ILE A 53 -0.09 -0.34 5.58
CA ILE A 53 0.06 -1.51 4.72
C ILE A 53 -1.27 -2.22 4.52
N ILE A 54 -2.10 -2.23 5.57
CA ILE A 54 -3.41 -2.87 5.49
C ILE A 54 -4.35 -2.10 4.59
N LYS A 55 -4.31 -0.77 4.68
CA LYS A 55 -5.17 0.08 3.88
C LYS A 55 -4.76 0.05 2.41
N PHE A 56 -3.44 -0.01 2.17
CA PHE A 56 -2.92 -0.05 0.81
C PHE A 56 -3.33 -1.34 0.11
N PHE A 57 -3.03 -2.47 0.73
CA PHE A 57 -3.36 -3.77 0.16
C PHE A 57 -4.88 -3.92 0.01
N GLN A 58 -5.62 -3.50 1.02
CA GLN A 58 -7.07 -3.58 1.00
C GLN A 58 -7.65 -2.70 -0.10
N ASN A 59 -7.11 -1.49 -0.23
CA ASN A 59 -7.57 -0.55 -1.25
C ASN A 59 -7.38 -1.11 -2.65
N GLN A 60 -6.27 -1.82 -2.85
CA GLN A 60 -5.96 -2.42 -4.14
C GLN A 60 -6.98 -3.48 -4.51
N ARG A 61 -7.34 -4.32 -3.53
CA ARG A 61 -8.31 -5.38 -3.77
C ARG A 61 -9.66 -4.81 -4.21
N TYR A 62 -10.02 -3.66 -3.64
CA TYR A 62 -11.28 -3.01 -3.97
C TYR A 62 -11.32 -2.63 -5.46
N TYR A 63 -10.34 -1.84 -5.88
CA TYR A 63 -10.26 -1.39 -7.26
C TYR A 63 -10.35 -2.57 -8.23
N LEU A 64 -9.94 -3.75 -7.77
CA LEU A 64 -9.98 -4.95 -8.60
C LEU A 64 -11.40 -5.52 -8.65
N LYS A 65 -12.17 -5.30 -7.60
CA LYS A 65 -13.54 -5.80 -7.55
C LYS A 65 -14.54 -4.65 -7.41
N HIS A 66 -14.18 -3.49 -7.96
CA HIS A 66 -15.05 -2.32 -7.90
C HIS A 66 -14.68 -1.31 -8.99
N HIS A 67 -14.86 -1.72 -10.24
CA HIS A 67 -14.56 -0.85 -11.37
C HIS A 67 -15.78 -0.07 -11.81
N GLY A 68 -16.42 0.60 -10.84
CA GLY A 68 -17.60 1.39 -11.13
C GLY A 68 -17.27 2.83 -11.48
N LYS A 69 -17.26 3.12 -12.78
CA LYS A 69 -16.95 4.47 -13.25
C LYS A 69 -15.54 4.88 -12.85
N LEU A 70 -14.62 3.94 -12.92
CA LEU A 70 -13.23 4.20 -12.56
C LEU A 70 -12.30 3.93 -13.74
N LYS A 71 -11.26 4.75 -13.88
CA LYS A 71 -10.30 4.61 -14.96
C LYS A 71 -10.98 4.75 -16.32
N ASN A 5 -19.29 14.60 1.86
CA ASN A 5 -20.14 14.68 3.09
C ASN A 5 -19.67 13.72 4.15
N ARG A 6 -19.42 12.48 3.76
CA ARG A 6 -18.97 11.45 4.70
C ARG A 6 -17.47 11.57 4.95
N GLN A 7 -16.97 10.75 5.88
CA GLN A 7 -15.54 10.78 6.22
C GLN A 7 -14.91 9.41 6.00
N LYS A 8 -14.37 9.20 4.79
CA LYS A 8 -13.74 7.93 4.45
C LYS A 8 -12.35 8.17 3.85
N THR A 9 -11.69 9.23 4.29
CA THR A 9 -10.36 9.57 3.79
C THR A 9 -9.53 10.24 4.87
N ARG A 10 -8.56 9.50 5.42
CA ARG A 10 -7.69 10.02 6.46
C ARG A 10 -6.77 11.11 5.91
N PRO A 11 -6.97 12.38 6.32
CA PRO A 11 -6.16 13.50 5.86
C PRO A 11 -4.72 13.42 6.37
N ARG A 12 -3.99 12.41 5.90
CA ARG A 12 -2.61 12.21 6.31
C ARG A 12 -1.97 11.05 5.55
N THR A 13 -0.72 11.26 5.11
CA THR A 13 0.00 10.23 4.37
C THR A 13 1.51 10.39 4.55
N LYS A 14 2.23 9.29 4.39
CA LYS A 14 3.69 9.30 4.54
C LYS A 14 4.32 8.18 3.72
N ILE A 15 3.80 7.97 2.51
CA ILE A 15 4.31 6.94 1.62
C ILE A 15 5.16 7.54 0.52
N SER A 16 6.47 7.64 0.75
CA SER A 16 7.38 8.20 -0.23
C SER A 16 7.36 7.39 -1.52
N VAL A 17 8.04 7.89 -2.54
CA VAL A 17 8.09 7.22 -3.84
C VAL A 17 8.72 5.84 -3.71
N GLU A 18 9.74 5.74 -2.85
CA GLU A 18 10.43 4.46 -2.63
C GLU A 18 9.47 3.43 -2.04
N ALA A 19 8.60 3.88 -1.15
CA ALA A 19 7.64 2.98 -0.49
C ALA A 19 6.70 2.37 -1.53
N LEU A 20 6.16 3.21 -2.40
CA LEU A 20 5.24 2.75 -3.43
C LEU A 20 5.96 1.86 -4.45
N GLY A 21 7.21 2.20 -4.73
CA GLY A 21 7.98 1.42 -5.68
C GLY A 21 8.21 -0.01 -5.22
N ILE A 22 8.64 -0.17 -3.97
CA ILE A 22 8.89 -1.49 -3.41
C ILE A 22 7.58 -2.27 -3.23
N LEU A 23 6.51 -1.54 -2.95
CA LEU A 23 5.20 -2.17 -2.76
C LEU A 23 4.68 -2.74 -4.07
N GLN A 24 4.92 -2.02 -5.17
CA GLN A 24 4.47 -2.46 -6.48
C GLN A 24 5.06 -3.81 -6.84
N SER A 25 6.38 -3.94 -6.70
CA SER A 25 7.07 -5.18 -7.02
C SER A 25 6.56 -6.32 -6.13
N PHE A 26 6.14 -5.98 -4.92
CA PHE A 26 5.62 -6.97 -3.99
C PHE A 26 4.27 -7.51 -4.45
N ILE A 27 3.50 -6.65 -5.12
CA ILE A 27 2.18 -7.04 -5.62
C ILE A 27 2.30 -7.91 -6.85
N GLN A 28 3.33 -7.66 -7.66
CA GLN A 28 3.56 -8.41 -8.88
C GLN A 28 4.31 -9.70 -8.58
N ASP A 29 5.16 -9.68 -7.57
CA ASP A 29 5.94 -10.84 -7.18
C ASP A 29 5.14 -11.74 -6.26
N VAL A 30 4.82 -11.24 -5.07
CA VAL A 30 4.05 -12.01 -4.09
C VAL A 30 2.59 -12.10 -4.49
N GLY A 31 1.90 -10.96 -4.48
CA GLY A 31 0.49 -10.95 -4.84
C GLY A 31 -0.31 -9.97 -4.00
N LEU A 32 -1.57 -10.30 -3.74
CA LEU A 32 -2.45 -9.45 -2.95
C LEU A 32 -3.04 -10.21 -1.78
N TYR A 33 -2.28 -11.18 -1.27
CA TYR A 33 -2.72 -11.98 -0.14
C TYR A 33 -1.58 -12.24 0.84
N PRO A 34 -1.05 -11.16 1.47
CA PRO A 34 0.06 -11.28 2.42
C PRO A 34 -0.39 -11.91 3.75
N ASP A 35 0.59 -12.35 4.53
CA ASP A 35 0.31 -12.97 5.82
C ASP A 35 0.72 -12.06 6.97
N GLU A 36 0.35 -12.45 8.19
CA GLU A 36 0.69 -11.66 9.37
C GLU A 36 2.21 -11.46 9.48
N GLU A 37 2.97 -12.43 8.97
CA GLU A 37 4.42 -12.35 9.00
C GLU A 37 4.94 -11.29 8.02
N ALA A 38 4.19 -11.07 6.95
CA ALA A 38 4.57 -10.09 5.94
C ALA A 38 4.24 -8.68 6.40
N ILE A 39 3.08 -8.52 7.04
CA ILE A 39 2.65 -7.22 7.53
C ILE A 39 3.64 -6.65 8.54
N GLN A 40 4.15 -7.52 9.41
CA GLN A 40 5.10 -7.11 10.43
C GLN A 40 6.45 -6.73 9.80
N THR A 41 6.90 -7.55 8.86
CA THR A 41 8.16 -7.31 8.17
C THR A 41 8.04 -6.14 7.21
N LEU A 42 6.86 -5.97 6.63
CA LEU A 42 6.61 -4.89 5.68
C LEU A 42 6.67 -3.53 6.38
N SER A 43 6.13 -3.46 7.58
CA SER A 43 6.12 -2.22 8.34
C SER A 43 7.53 -1.80 8.72
N ALA A 44 8.34 -2.77 9.16
CA ALA A 44 9.71 -2.50 9.55
C ALA A 44 10.57 -2.17 8.33
N GLN A 45 10.45 -2.97 7.29
CA GLN A 45 11.22 -2.77 6.06
C GLN A 45 10.87 -1.43 5.43
N LEU A 46 9.57 -1.22 5.17
CA LEU A 46 9.11 0.03 4.57
C LEU A 46 9.12 1.18 5.58
N ASP A 47 9.21 0.84 6.86
CA ASP A 47 9.23 1.84 7.92
C ASP A 47 7.90 2.58 7.99
N LEU A 48 6.82 1.87 7.68
CA LEU A 48 5.48 2.46 7.71
C LEU A 48 4.59 1.71 8.70
N PRO A 49 3.63 2.42 9.33
CA PRO A 49 2.72 1.80 10.31
C PRO A 49 2.08 0.52 9.79
N LYS A 50 1.32 -0.14 10.64
CA LYS A 50 0.66 -1.39 10.26
C LYS A 50 -0.62 -1.11 9.48
N TYR A 51 -1.49 -0.27 10.04
CA TYR A 51 -2.75 0.07 9.39
C TYR A 51 -2.50 0.71 8.02
N THR A 52 -1.39 1.42 7.90
CA THR A 52 -1.03 2.08 6.66
C THR A 52 -0.86 1.07 5.53
N ILE A 53 -0.24 -0.06 5.84
CA ILE A 53 -0.02 -1.10 4.84
C ILE A 53 -1.31 -1.86 4.54
N ILE A 54 -2.10 -2.11 5.59
CA ILE A 54 -3.36 -2.83 5.43
C ILE A 54 -4.35 -2.02 4.60
N LYS A 55 -4.55 -0.76 4.98
CA LYS A 55 -5.47 0.12 4.28
C LYS A 55 -5.05 0.27 2.81
N PHE A 56 -3.75 0.22 2.56
CA PHE A 56 -3.23 0.35 1.20
C PHE A 56 -3.50 -0.91 0.40
N PHE A 57 -2.98 -2.03 0.88
CA PHE A 57 -3.16 -3.31 0.19
C PHE A 57 -4.63 -3.66 0.07
N GLN A 58 -5.40 -3.38 1.11
CA GLN A 58 -6.83 -3.66 1.12
C GLN A 58 -7.54 -2.89 0.01
N ASN A 59 -7.05 -1.69 -0.28
CA ASN A 59 -7.63 -0.85 -1.32
C ASN A 59 -7.19 -1.31 -2.70
N GLN A 60 -5.98 -1.85 -2.78
CA GLN A 60 -5.44 -2.33 -4.05
C GLN A 60 -6.28 -3.47 -4.61
N ARG A 61 -6.84 -4.28 -3.71
CA ARG A 61 -7.67 -5.42 -4.12
C ARG A 61 -8.87 -4.95 -4.93
N TYR A 62 -9.35 -3.73 -4.63
CA TYR A 62 -10.49 -3.17 -5.34
C TYR A 62 -10.05 -2.29 -6.49
N TYR A 63 -8.87 -1.69 -6.36
CA TYR A 63 -8.33 -0.83 -7.40
C TYR A 63 -8.19 -1.57 -8.73
N LEU A 64 -7.96 -2.88 -8.63
CA LEU A 64 -7.81 -3.71 -9.82
C LEU A 64 -9.11 -4.42 -10.17
N LYS A 65 -10.21 -3.67 -10.13
CA LYS A 65 -11.52 -4.22 -10.44
C LYS A 65 -12.58 -3.12 -10.53
N HIS A 66 -12.80 -2.45 -9.40
CA HIS A 66 -13.79 -1.36 -9.35
C HIS A 66 -13.43 -0.25 -10.34
N HIS A 67 -12.28 0.37 -10.13
CA HIS A 67 -11.82 1.45 -11.00
C HIS A 67 -10.33 1.68 -10.83
N GLY A 68 -9.78 2.57 -11.66
CA GLY A 68 -8.36 2.86 -11.59
C GLY A 68 -8.08 4.36 -11.51
N LYS A 69 -8.38 4.94 -10.35
CA LYS A 69 -8.17 6.38 -10.14
C LYS A 69 -7.17 6.61 -9.02
N LEU A 70 -5.92 6.89 -9.39
CA LEU A 70 -4.87 7.15 -8.40
C LEU A 70 -5.18 8.39 -7.57
N LYS A 71 -5.85 9.35 -8.19
CA LYS A 71 -6.22 10.59 -7.51
C LYS A 71 -7.55 11.12 -8.03
N ASN A 5 -11.60 17.82 13.08
CA ASN A 5 -11.19 16.84 12.05
C ASN A 5 -10.16 15.86 12.59
N ARG A 6 -9.23 16.38 13.38
CA ARG A 6 -8.18 15.54 13.97
C ARG A 6 -7.29 14.95 12.89
N GLN A 7 -5.98 14.98 13.12
CA GLN A 7 -5.03 14.44 12.16
C GLN A 7 -5.14 15.15 10.83
N LYS A 8 -4.38 14.67 9.83
CA LYS A 8 -4.39 15.26 8.51
C LYS A 8 -4.37 14.18 7.43
N THR A 9 -5.44 14.10 6.65
CA THR A 9 -5.54 13.11 5.59
C THR A 9 -5.45 13.77 4.21
N ARG A 10 -4.32 13.55 3.54
CA ARG A 10 -4.10 14.13 2.22
C ARG A 10 -3.65 13.06 1.23
N PRO A 11 -4.53 12.66 0.29
CA PRO A 11 -4.20 11.64 -0.71
C PRO A 11 -3.15 12.12 -1.71
N ARG A 12 -3.04 13.43 -1.85
CA ARG A 12 -2.07 14.02 -2.77
C ARG A 12 -0.65 13.57 -2.43
N THR A 13 -0.41 13.32 -1.15
CA THR A 13 0.91 12.89 -0.69
C THR A 13 0.78 11.92 0.49
N LYS A 14 1.12 10.66 0.24
CA LYS A 14 1.06 9.64 1.28
C LYS A 14 2.06 8.52 1.01
N ILE A 15 2.69 8.04 2.06
CA ILE A 15 3.68 6.96 1.94
C ILE A 15 4.86 7.40 1.08
N SER A 16 6.05 6.94 1.45
CA SER A 16 7.27 7.28 0.72
C SER A 16 7.27 6.64 -0.67
N VAL A 17 7.86 7.34 -1.64
CA VAL A 17 7.93 6.85 -3.01
C VAL A 17 8.70 5.53 -3.07
N GLU A 18 9.67 5.37 -2.18
CA GLU A 18 10.49 4.16 -2.14
C GLU A 18 9.64 2.95 -1.76
N ALA A 19 8.62 3.17 -0.94
CA ALA A 19 7.74 2.09 -0.50
C ALA A 19 6.81 1.67 -1.64
N LEU A 20 6.35 2.64 -2.43
CA LEU A 20 5.46 2.35 -3.54
C LEU A 20 6.10 1.38 -4.52
N GLY A 21 7.27 1.75 -5.04
CA GLY A 21 7.96 0.91 -6.00
C GLY A 21 8.17 -0.51 -5.47
N ILE A 22 8.55 -0.61 -4.20
CA ILE A 22 8.78 -1.91 -3.58
C ILE A 22 7.47 -2.66 -3.35
N LEU A 23 6.46 -1.91 -2.92
CA LEU A 23 5.14 -2.50 -2.66
C LEU A 23 4.57 -3.13 -3.92
N GLN A 24 4.79 -2.47 -5.06
CA GLN A 24 4.29 -2.95 -6.33
C GLN A 24 4.94 -4.28 -6.70
N SER A 25 6.25 -4.36 -6.52
CA SER A 25 6.99 -5.58 -6.84
C SER A 25 6.49 -6.76 -6.00
N PHE A 26 6.02 -6.46 -4.80
CA PHE A 26 5.49 -7.50 -3.91
C PHE A 26 4.21 -8.11 -4.46
N ILE A 27 3.39 -7.25 -5.08
CA ILE A 27 2.12 -7.71 -5.66
C ILE A 27 2.36 -8.51 -6.93
N GLN A 28 3.38 -8.11 -7.70
CA GLN A 28 3.70 -8.79 -8.94
C GLN A 28 4.27 -10.18 -8.67
N ASP A 29 4.96 -10.33 -7.55
CA ASP A 29 5.56 -11.60 -7.16
C ASP A 29 4.63 -12.39 -6.24
N VAL A 30 4.35 -11.81 -5.07
CA VAL A 30 3.48 -12.45 -4.10
C VAL A 30 2.01 -12.28 -4.47
N GLY A 31 1.54 -11.03 -4.43
CA GLY A 31 0.16 -10.75 -4.75
C GLY A 31 -0.50 -9.83 -3.75
N LEU A 32 -1.83 -9.86 -3.72
CA LEU A 32 -2.59 -9.01 -2.80
C LEU A 32 -3.03 -9.81 -1.58
N TYR A 33 -2.22 -10.79 -1.19
CA TYR A 33 -2.53 -11.63 -0.03
C TYR A 33 -1.35 -11.68 0.93
N PRO A 34 -0.97 -10.53 1.52
CA PRO A 34 0.15 -10.44 2.47
C PRO A 34 -0.18 -11.09 3.80
N ASP A 35 0.82 -11.75 4.39
CA ASP A 35 0.64 -12.41 5.68
C ASP A 35 1.23 -11.58 6.81
N GLU A 36 1.00 -12.00 8.04
CA GLU A 36 1.51 -11.29 9.21
C GLU A 36 3.01 -11.06 9.10
N GLU A 37 3.69 -11.94 8.37
CA GLU A 37 5.13 -11.84 8.19
C GLU A 37 5.46 -10.78 7.14
N ALA A 38 4.62 -10.66 6.12
CA ALA A 38 4.82 -9.69 5.06
C ALA A 38 4.43 -8.29 5.52
N ILE A 39 3.43 -8.21 6.37
CA ILE A 39 2.96 -6.92 6.88
C ILE A 39 3.91 -6.39 7.96
N GLN A 40 4.66 -7.31 8.59
CA GLN A 40 5.60 -6.93 9.63
C GLN A 40 6.97 -6.61 9.03
N THR A 41 7.30 -7.24 7.92
CA THR A 41 8.57 -7.02 7.25
C THR A 41 8.57 -5.70 6.48
N LEU A 42 7.39 -5.29 6.02
CA LEU A 42 7.24 -4.05 5.27
C LEU A 42 7.16 -2.85 6.21
N SER A 43 6.36 -3.00 7.27
CA SER A 43 6.18 -1.93 8.24
C SER A 43 7.51 -1.60 8.93
N ALA A 44 8.29 -2.64 9.22
CA ALA A 44 9.58 -2.46 9.88
C ALA A 44 10.61 -1.90 8.91
N GLN A 45 10.68 -2.47 7.72
CA GLN A 45 11.62 -2.03 6.71
C GLN A 45 11.29 -0.61 6.23
N LEU A 46 10.02 -0.38 5.92
CA LEU A 46 9.57 0.93 5.47
C LEU A 46 9.36 1.89 6.63
N ASP A 47 9.23 1.33 7.84
CA ASP A 47 9.03 2.14 9.03
C ASP A 47 7.67 2.83 9.00
N LEU A 48 6.65 2.11 8.54
CA LEU A 48 5.31 2.66 8.45
C LEU A 48 4.33 1.84 9.31
N PRO A 49 3.26 2.48 9.80
CA PRO A 49 2.26 1.82 10.64
C PRO A 49 1.76 0.51 10.02
N LYS A 50 1.01 -0.27 10.79
CA LYS A 50 0.49 -1.54 10.32
C LYS A 50 -0.81 -1.33 9.55
N TYR A 51 -1.66 -0.42 10.04
CA TYR A 51 -2.93 -0.13 9.39
C TYR A 51 -2.71 0.41 7.98
N THR A 52 -1.60 1.12 7.78
CA THR A 52 -1.27 1.69 6.48
C THR A 52 -1.06 0.60 5.44
N ILE A 53 -0.43 -0.49 5.85
CA ILE A 53 -0.17 -1.62 4.96
C ILE A 53 -1.45 -2.37 4.63
N ILE A 54 -2.33 -2.51 5.62
CA ILE A 54 -3.58 -3.20 5.43
C ILE A 54 -4.57 -2.36 4.62
N LYS A 55 -4.45 -1.05 4.74
CA LYS A 55 -5.33 -0.13 4.02
C LYS A 55 -4.88 0.02 2.57
N PHE A 56 -3.58 -0.09 2.34
CA PHE A 56 -3.03 0.03 1.00
C PHE A 56 -3.42 -1.17 0.13
N PHE A 57 -3.09 -2.36 0.59
CA PHE A 57 -3.40 -3.58 -0.14
C PHE A 57 -4.91 -3.72 -0.36
N GLN A 58 -5.68 -3.22 0.61
CA GLN A 58 -7.14 -3.30 0.52
C GLN A 58 -7.68 -2.27 -0.48
N ASN A 59 -6.97 -1.16 -0.61
CA ASN A 59 -7.38 -0.10 -1.53
C ASN A 59 -7.36 -0.61 -2.98
N GLN A 60 -6.29 -1.29 -3.33
CA GLN A 60 -6.14 -1.82 -4.69
C GLN A 60 -7.19 -2.90 -4.96
N ARG A 61 -7.57 -3.63 -3.92
CA ARG A 61 -8.56 -4.69 -4.05
C ARG A 61 -9.94 -4.11 -4.34
N TYR A 62 -10.21 -2.91 -3.84
CA TYR A 62 -11.49 -2.25 -4.05
C TYR A 62 -11.46 -1.39 -5.30
N TYR A 63 -10.29 -0.85 -5.62
CA TYR A 63 -10.13 -0.01 -6.79
C TYR A 63 -10.49 -0.75 -8.07
N LEU A 64 -10.28 -2.07 -8.05
CA LEU A 64 -10.58 -2.90 -9.21
C LEU A 64 -11.97 -3.53 -9.06
N LYS A 65 -12.95 -2.74 -8.65
CA LYS A 65 -14.31 -3.22 -8.47
C LYS A 65 -15.27 -2.05 -8.23
N HIS A 66 -15.01 -1.30 -7.16
CA HIS A 66 -15.86 -0.17 -6.80
C HIS A 66 -15.39 1.10 -7.53
N HIS A 67 -14.24 1.62 -7.10
CA HIS A 67 -13.68 2.83 -7.71
C HIS A 67 -13.32 2.58 -9.17
N GLY A 68 -14.31 2.68 -10.06
CA GLY A 68 -14.06 2.46 -11.47
C GLY A 68 -14.06 3.76 -12.26
N LYS A 69 -13.68 4.84 -11.60
CA LYS A 69 -13.62 6.15 -12.24
C LYS A 69 -12.41 6.94 -11.77
N LEU A 70 -11.28 6.75 -12.44
CA LEU A 70 -10.05 7.45 -12.09
C LEU A 70 -10.19 8.95 -12.32
N LYS A 71 -10.98 9.32 -13.33
CA LYS A 71 -11.19 10.73 -13.65
C LYS A 71 -12.15 11.37 -12.65
N ASN A 5 -16.11 9.38 -6.95
CA ASN A 5 -16.88 10.48 -6.30
C ASN A 5 -15.98 11.29 -5.35
N ARG A 6 -14.68 11.30 -5.64
CA ARG A 6 -13.73 12.03 -4.81
C ARG A 6 -13.79 11.56 -3.36
N GLN A 7 -12.91 10.63 -3.01
CA GLN A 7 -12.86 10.10 -1.65
C GLN A 7 -11.53 10.43 -0.98
N LYS A 8 -11.58 10.73 0.31
CA LYS A 8 -10.38 11.06 1.07
C LYS A 8 -9.73 12.33 0.53
N THR A 9 -9.18 13.14 1.43
CA THR A 9 -8.53 14.38 1.05
C THR A 9 -7.47 14.79 2.07
N ARG A 10 -6.67 15.79 1.72
CA ARG A 10 -5.61 16.28 2.60
C ARG A 10 -4.57 15.18 2.86
N PRO A 11 -3.28 15.49 2.64
CA PRO A 11 -2.20 14.51 2.86
C PRO A 11 -1.96 14.24 4.34
N ARG A 12 -2.41 13.09 4.80
CA ARG A 12 -2.23 12.71 6.20
C ARG A 12 -0.83 12.18 6.45
N THR A 13 -0.60 10.92 6.05
CA THR A 13 0.70 10.29 6.23
C THR A 13 1.46 10.21 4.91
N LYS A 14 0.73 9.91 3.84
CA LYS A 14 1.32 9.80 2.51
C LYS A 14 2.42 8.74 2.50
N ILE A 15 2.88 8.38 1.30
CA ILE A 15 3.92 7.38 1.15
C ILE A 15 4.97 7.83 0.14
N SER A 16 6.24 7.77 0.54
CA SER A 16 7.33 8.18 -0.32
C SER A 16 7.39 7.29 -1.57
N VAL A 17 8.06 7.79 -2.61
CA VAL A 17 8.20 7.04 -3.86
C VAL A 17 8.87 5.69 -3.62
N GLU A 18 9.93 5.71 -2.82
CA GLU A 18 10.67 4.48 -2.52
C GLU A 18 9.77 3.45 -1.85
N ALA A 19 8.88 3.92 -0.98
CA ALA A 19 7.95 3.04 -0.28
C ALA A 19 6.89 2.48 -1.23
N LEU A 20 6.51 3.29 -2.22
CA LEU A 20 5.52 2.88 -3.20
C LEU A 20 6.10 1.88 -4.19
N GLY A 21 7.39 2.02 -4.47
CA GLY A 21 8.04 1.13 -5.40
C GLY A 21 8.16 -0.29 -4.88
N ILE A 22 8.39 -0.41 -3.58
CA ILE A 22 8.51 -1.73 -2.95
C ILE A 22 7.16 -2.40 -2.82
N LEU A 23 6.13 -1.61 -2.55
CA LEU A 23 4.77 -2.13 -2.40
C LEU A 23 4.29 -2.77 -3.70
N GLN A 24 4.41 -2.03 -4.79
CA GLN A 24 3.99 -2.53 -6.10
C GLN A 24 4.74 -3.80 -6.46
N SER A 25 6.04 -3.82 -6.22
CA SER A 25 6.88 -4.98 -6.52
C SER A 25 6.41 -6.19 -5.73
N PHE A 26 5.87 -5.96 -4.54
CA PHE A 26 5.38 -7.04 -3.70
C PHE A 26 4.10 -7.64 -4.26
N ILE A 27 3.29 -6.81 -4.90
CA ILE A 27 2.03 -7.26 -5.48
C ILE A 27 2.28 -8.05 -6.76
N GLN A 28 3.34 -7.71 -7.47
CA GLN A 28 3.68 -8.38 -8.71
C GLN A 28 4.37 -9.71 -8.44
N ASP A 29 5.09 -9.79 -7.32
CA ASP A 29 5.79 -11.01 -6.95
C ASP A 29 4.96 -11.84 -5.98
N VAL A 30 4.51 -11.23 -4.89
CA VAL A 30 3.71 -11.92 -3.90
C VAL A 30 2.22 -11.88 -4.27
N GLY A 31 1.64 -10.68 -4.22
CA GLY A 31 0.24 -10.54 -4.55
C GLY A 31 -0.48 -9.57 -3.63
N LEU A 32 -1.75 -9.84 -3.36
CA LEU A 32 -2.55 -8.98 -2.48
C LEU A 32 -3.13 -9.78 -1.33
N TYR A 33 -2.35 -10.69 -0.77
CA TYR A 33 -2.78 -11.51 0.35
C TYR A 33 -1.61 -11.90 1.23
N PRO A 34 -0.95 -10.91 1.85
CA PRO A 34 0.19 -11.16 2.74
C PRO A 34 -0.22 -11.77 4.08
N ASP A 35 0.77 -12.25 4.82
CA ASP A 35 0.51 -12.87 6.12
C ASP A 35 1.00 -11.97 7.26
N GLU A 36 0.86 -12.46 8.49
CA GLU A 36 1.29 -11.69 9.66
C GLU A 36 2.77 -11.34 9.57
N GLU A 37 3.61 -12.36 9.36
CA GLU A 37 5.04 -12.15 9.25
C GLU A 37 5.38 -11.24 8.07
N ALA A 38 4.54 -11.29 7.03
CA ALA A 38 4.75 -10.48 5.83
C ALA A 38 4.47 -9.02 6.11
N ILE A 39 3.26 -8.72 6.57
CA ILE A 39 2.87 -7.35 6.87
C ILE A 39 3.76 -6.74 7.95
N GLN A 40 4.27 -7.60 8.83
CA GLN A 40 5.14 -7.15 9.92
C GLN A 40 6.51 -6.77 9.38
N THR A 41 7.00 -7.54 8.40
CA THR A 41 8.31 -7.28 7.80
C THR A 41 8.27 -6.04 6.93
N LEU A 42 7.22 -5.91 6.13
CA LEU A 42 7.07 -4.76 5.23
C LEU A 42 7.02 -3.46 6.02
N SER A 43 6.32 -3.49 7.16
CA SER A 43 6.21 -2.30 8.00
C SER A 43 7.57 -1.83 8.47
N ALA A 44 8.39 -2.78 8.92
CA ALA A 44 9.73 -2.45 9.41
C ALA A 44 10.60 -1.91 8.28
N GLN A 45 10.63 -2.61 7.16
CA GLN A 45 11.42 -2.19 6.01
C GLN A 45 10.94 -0.85 5.47
N LEU A 46 9.64 -0.78 5.17
CA LEU A 46 9.04 0.45 4.65
C LEU A 46 8.99 1.53 5.72
N ASP A 47 9.14 1.14 6.97
CA ASP A 47 9.10 2.09 8.09
C ASP A 47 7.72 2.71 8.24
N LEU A 48 6.70 1.93 7.91
CA LEU A 48 5.31 2.40 8.02
C LEU A 48 4.48 1.45 8.88
N PRO A 49 3.52 2.00 9.64
CA PRO A 49 2.65 1.19 10.51
C PRO A 49 1.99 0.03 9.76
N LYS A 50 1.13 -0.70 10.46
CA LYS A 50 0.44 -1.84 9.86
C LYS A 50 -0.81 -1.37 9.10
N TYR A 51 -1.52 -0.40 9.67
CA TYR A 51 -2.73 0.12 9.04
C TYR A 51 -2.44 0.64 7.64
N THR A 52 -1.21 1.13 7.44
CA THR A 52 -0.82 1.67 6.14
C THR A 52 -0.73 0.56 5.10
N ILE A 53 -0.25 -0.61 5.50
CA ILE A 53 -0.13 -1.73 4.60
C ILE A 53 -1.49 -2.38 4.35
N ILE A 54 -2.32 -2.43 5.39
CA ILE A 54 -3.65 -3.02 5.27
C ILE A 54 -4.56 -2.16 4.42
N LYS A 55 -4.36 -0.85 4.48
CA LYS A 55 -5.17 0.09 3.72
C LYS A 55 -4.68 0.20 2.28
N PHE A 56 -3.38 -0.02 2.09
CA PHE A 56 -2.78 0.05 0.76
C PHE A 56 -3.08 -1.22 -0.04
N PHE A 57 -3.11 -2.35 0.65
CA PHE A 57 -3.39 -3.63 0.00
C PHE A 57 -4.89 -3.81 -0.24
N GLN A 58 -5.69 -3.22 0.64
CA GLN A 58 -7.14 -3.32 0.52
C GLN A 58 -7.66 -2.41 -0.59
N ASN A 59 -7.09 -1.21 -0.68
CA ASN A 59 -7.51 -0.25 -1.70
C ASN A 59 -7.09 -0.72 -3.09
N GLN A 60 -5.88 -1.27 -3.19
CA GLN A 60 -5.36 -1.76 -4.47
C GLN A 60 -6.27 -2.83 -5.05
N ARG A 61 -6.94 -3.57 -4.18
CA ARG A 61 -7.84 -4.64 -4.61
C ARG A 61 -9.21 -4.07 -4.99
N TYR A 62 -9.76 -3.23 -4.12
CA TYR A 62 -11.06 -2.62 -4.36
C TYR A 62 -11.00 -1.64 -5.53
N TYR A 63 -9.82 -1.05 -5.74
CA TYR A 63 -9.63 -0.09 -6.83
C TYR A 63 -10.02 -0.70 -8.18
N LEU A 64 -9.91 -2.02 -8.28
CA LEU A 64 -10.25 -2.72 -9.52
C LEU A 64 -11.75 -2.96 -9.60
N LYS A 65 -12.37 -3.24 -8.46
CA LYS A 65 -13.80 -3.49 -8.42
C LYS A 65 -14.57 -2.25 -7.99
N HIS A 66 -14.03 -1.08 -8.32
CA HIS A 66 -14.66 0.19 -7.97
C HIS A 66 -15.12 0.93 -9.22
N HIS A 67 -14.36 0.79 -10.31
CA HIS A 67 -14.69 1.44 -11.57
C HIS A 67 -14.88 0.41 -12.68
N GLY A 68 -15.12 0.91 -13.90
CA GLY A 68 -15.31 0.01 -15.02
C GLY A 68 -14.06 -0.13 -15.87
N LYS A 69 -13.70 -1.36 -16.21
CA LYS A 69 -12.52 -1.64 -17.01
C LYS A 69 -11.27 -1.14 -16.31
N LEU A 70 -10.10 -1.51 -16.85
CA LEU A 70 -8.83 -1.10 -16.28
C LEU A 70 -8.19 0.02 -17.11
N LYS A 71 -7.30 0.77 -16.48
CA LYS A 71 -6.62 1.87 -17.16
C LYS A 71 -5.19 1.49 -17.51
N ASN A 5 -13.87 20.32 8.23
CA ASN A 5 -14.08 19.53 6.98
C ASN A 5 -13.59 18.09 7.15
N ARG A 6 -13.81 17.28 6.13
CA ARG A 6 -13.38 15.88 6.16
C ARG A 6 -12.55 15.54 4.93
N GLN A 7 -11.25 15.40 5.13
CA GLN A 7 -10.34 15.06 4.04
C GLN A 7 -10.37 16.15 2.96
N LYS A 8 -9.65 15.91 1.87
CA LYS A 8 -9.60 16.87 0.77
C LYS A 8 -8.77 16.32 -0.39
N THR A 9 -7.66 15.66 -0.06
CA THR A 9 -6.77 15.08 -1.05
C THR A 9 -6.03 13.88 -0.51
N ARG A 10 -6.40 12.69 -0.99
CA ARG A 10 -5.77 11.45 -0.55
C ARG A 10 -6.01 11.21 0.94
N PRO A 11 -6.41 9.98 1.32
CA PRO A 11 -6.67 9.64 2.72
C PRO A 11 -5.48 9.95 3.62
N ARG A 12 -5.56 9.49 4.87
CA ARG A 12 -4.49 9.73 5.84
C ARG A 12 -3.38 8.69 5.69
N THR A 13 -2.39 9.00 4.85
CA THR A 13 -1.28 8.10 4.62
C THR A 13 0.01 8.86 4.35
N LYS A 14 1.06 8.55 5.10
CA LYS A 14 2.35 9.21 4.94
C LYS A 14 3.34 8.29 4.24
N ILE A 15 2.99 7.86 3.04
CA ILE A 15 3.86 6.97 2.27
C ILE A 15 4.77 7.76 1.34
N SER A 16 5.96 7.21 1.07
CA SER A 16 6.92 7.87 0.20
C SER A 16 7.03 7.14 -1.14
N VAL A 17 7.79 7.71 -2.06
CA VAL A 17 7.98 7.11 -3.38
C VAL A 17 8.67 5.76 -3.27
N GLU A 18 9.52 5.62 -2.26
CA GLU A 18 10.25 4.38 -2.05
C GLU A 18 9.31 3.25 -1.68
N ALA A 19 8.29 3.55 -0.87
CA ALA A 19 7.32 2.57 -0.46
C ALA A 19 6.48 2.08 -1.64
N LEU A 20 6.11 3.01 -2.51
CA LEU A 20 5.32 2.68 -3.69
C LEU A 20 6.05 1.66 -4.57
N GLY A 21 7.25 2.01 -5.00
CA GLY A 21 8.03 1.12 -5.84
C GLY A 21 8.21 -0.26 -5.24
N ILE A 22 8.57 -0.30 -3.95
CA ILE A 22 8.77 -1.57 -3.26
C ILE A 22 7.46 -2.34 -3.15
N LEU A 23 6.36 -1.61 -2.95
CA LEU A 23 5.04 -2.23 -2.82
C LEU A 23 4.59 -2.82 -4.16
N GLN A 24 5.01 -2.19 -5.25
CA GLN A 24 4.63 -2.65 -6.59
C GLN A 24 5.20 -4.04 -6.86
N SER A 25 6.48 -4.22 -6.53
CA SER A 25 7.14 -5.51 -6.75
C SER A 25 6.48 -6.60 -5.91
N PHE A 26 6.06 -6.25 -4.71
CA PHE A 26 5.41 -7.21 -3.81
C PHE A 26 4.14 -7.77 -4.44
N ILE A 27 3.35 -6.88 -5.05
CA ILE A 27 2.10 -7.28 -5.69
C ILE A 27 2.37 -8.00 -7.02
N GLN A 28 3.47 -7.64 -7.67
CA GLN A 28 3.84 -8.24 -8.94
C GLN A 28 4.54 -9.58 -8.73
N ASP A 29 5.21 -9.72 -7.59
CA ASP A 29 5.93 -10.95 -7.28
C ASP A 29 5.12 -11.81 -6.31
N VAL A 30 4.93 -11.31 -5.10
CA VAL A 30 4.17 -12.05 -4.09
C VAL A 30 2.69 -12.12 -4.43
N GLY A 31 2.01 -10.97 -4.37
CA GLY A 31 0.60 -10.93 -4.69
C GLY A 31 -0.13 -9.84 -3.93
N LEU A 32 -1.46 -9.89 -3.94
CA LEU A 32 -2.27 -8.90 -3.24
C LEU A 32 -2.92 -9.49 -2.00
N TYR A 33 -2.29 -10.52 -1.44
CA TYR A 33 -2.81 -11.18 -0.25
C TYR A 33 -1.69 -11.47 0.75
N PRO A 34 -1.18 -10.43 1.42
CA PRO A 34 -0.10 -10.59 2.41
C PRO A 34 -0.57 -11.25 3.70
N ASP A 35 0.39 -11.75 4.48
CA ASP A 35 0.07 -12.42 5.74
C ASP A 35 0.49 -11.56 6.92
N GLU A 36 0.21 -12.05 8.13
CA GLU A 36 0.57 -11.33 9.35
C GLU A 36 2.08 -11.12 9.44
N GLU A 37 2.84 -12.10 8.96
CA GLU A 37 4.29 -12.02 8.99
C GLU A 37 4.81 -11.13 7.85
N ALA A 38 4.08 -11.11 6.75
CA ALA A 38 4.47 -10.31 5.59
C ALA A 38 4.41 -8.82 5.93
N ILE A 39 3.40 -8.43 6.68
CA ILE A 39 3.24 -7.02 7.07
C ILE A 39 4.26 -6.63 8.14
N GLN A 40 4.52 -7.55 9.07
CA GLN A 40 5.48 -7.29 10.14
C GLN A 40 6.86 -7.00 9.58
N THR A 41 7.24 -7.72 8.52
CA THR A 41 8.53 -7.52 7.89
C THR A 41 8.53 -6.32 6.96
N LEU A 42 7.36 -6.05 6.37
CA LEU A 42 7.22 -4.92 5.46
C LEU A 42 7.14 -3.60 6.22
N SER A 43 6.56 -3.66 7.42
CA SER A 43 6.43 -2.47 8.25
C SER A 43 7.79 -1.99 8.75
N ALA A 44 8.56 -2.91 9.33
CA ALA A 44 9.88 -2.57 9.84
C ALA A 44 10.82 -2.14 8.72
N GLN A 45 10.72 -2.81 7.58
CA GLN A 45 11.56 -2.50 6.43
C GLN A 45 11.18 -1.15 5.83
N LEU A 46 9.92 -1.02 5.46
CA LEU A 46 9.42 0.22 4.87
C LEU A 46 9.37 1.34 5.90
N ASP A 47 9.35 0.97 7.18
CA ASP A 47 9.30 1.94 8.26
C ASP A 47 7.98 2.71 8.25
N LEU A 48 6.92 2.03 7.81
CA LEU A 48 5.60 2.64 7.74
C LEU A 48 4.63 1.94 8.69
N PRO A 49 3.64 2.67 9.22
CA PRO A 49 2.64 2.10 10.15
C PRO A 49 2.02 0.82 9.62
N LYS A 50 1.49 0.01 10.53
CA LYS A 50 0.86 -1.26 10.15
C LYS A 50 -0.48 -1.01 9.48
N TYR A 51 -1.27 -0.10 10.03
CA TYR A 51 -2.58 0.22 9.48
C TYR A 51 -2.45 0.75 8.06
N THR A 52 -1.38 1.49 7.79
CA THR A 52 -1.14 2.05 6.47
C THR A 52 -1.00 0.94 5.43
N ILE A 53 -0.39 -0.17 5.84
CA ILE A 53 -0.20 -1.30 4.93
C ILE A 53 -1.51 -2.04 4.69
N ILE A 54 -2.34 -2.12 5.73
CA ILE A 54 -3.63 -2.80 5.63
C ILE A 54 -4.59 -2.02 4.74
N LYS A 55 -4.61 -0.70 4.91
CA LYS A 55 -5.47 0.17 4.13
C LYS A 55 -5.07 0.14 2.66
N PHE A 56 -3.77 0.06 2.40
CA PHE A 56 -3.25 0.02 1.05
C PHE A 56 -3.62 -1.30 0.37
N PHE A 57 -3.17 -2.40 0.96
CA PHE A 57 -3.46 -3.73 0.41
C PHE A 57 -4.95 -3.94 0.24
N GLN A 58 -5.74 -3.31 1.12
CA GLN A 58 -7.19 -3.42 1.06
C GLN A 58 -7.75 -2.68 -0.15
N ASN A 59 -7.08 -1.59 -0.52
CA ASN A 59 -7.50 -0.79 -1.67
C ASN A 59 -6.89 -1.32 -2.97
N GLN A 60 -6.07 -2.36 -2.86
CA GLN A 60 -5.44 -2.95 -4.02
C GLN A 60 -6.33 -4.02 -4.66
N ARG A 61 -7.27 -4.55 -3.87
CA ARG A 61 -8.19 -5.58 -4.36
C ARG A 61 -9.42 -4.96 -5.00
N TYR A 62 -10.07 -4.05 -4.28
CA TYR A 62 -11.27 -3.40 -4.77
C TYR A 62 -11.01 -2.69 -6.10
N TYR A 63 -9.74 -2.38 -6.37
CA TYR A 63 -9.36 -1.72 -7.61
C TYR A 63 -9.64 -2.61 -8.81
N LEU A 64 -9.45 -3.92 -8.62
CA LEU A 64 -9.69 -4.88 -9.69
C LEU A 64 -11.08 -5.50 -9.58
N LYS A 65 -12.06 -4.66 -9.26
CA LYS A 65 -13.45 -5.13 -9.12
C LYS A 65 -14.42 -3.95 -9.14
N HIS A 66 -14.33 -3.10 -8.11
CA HIS A 66 -15.21 -1.94 -8.02
C HIS A 66 -14.86 -0.90 -9.09
N HIS A 67 -13.59 -0.84 -9.46
CA HIS A 67 -13.13 0.10 -10.46
C HIS A 67 -12.58 -0.62 -11.69
N GLY A 68 -13.48 -1.09 -12.55
CA GLY A 68 -13.06 -1.79 -13.74
C GLY A 68 -12.20 -0.94 -14.65
N LYS A 69 -12.44 0.37 -14.63
CA LYS A 69 -11.68 1.31 -15.45
C LYS A 69 -11.69 2.71 -14.84
N LEU A 70 -10.52 3.21 -14.50
CA LEU A 70 -10.40 4.54 -13.90
C LEU A 70 -10.83 5.61 -14.89
N LYS A 71 -10.35 5.49 -16.13
CA LYS A 71 -10.67 6.46 -17.17
C LYS A 71 -10.24 5.93 -18.54
N ASN A 5 5.34 9.46 -20.12
CA ASN A 5 4.30 9.61 -19.06
C ASN A 5 4.68 8.84 -17.81
N ARG A 6 5.39 7.73 -17.99
CA ARG A 6 5.82 6.90 -16.87
C ARG A 6 7.27 7.20 -16.49
N GLN A 7 7.68 8.44 -16.67
CA GLN A 7 9.05 8.86 -16.35
C GLN A 7 9.06 9.87 -15.21
N LYS A 8 8.20 9.64 -14.22
CA LYS A 8 8.11 10.53 -13.06
C LYS A 8 7.63 9.78 -11.83
N THR A 9 6.33 9.46 -11.81
CA THR A 9 5.74 8.74 -10.69
C THR A 9 5.91 9.52 -9.39
N ARG A 10 5.15 10.61 -9.26
CA ARG A 10 5.22 11.44 -8.05
C ARG A 10 3.85 11.53 -7.38
N PRO A 11 3.60 10.68 -6.37
CA PRO A 11 2.32 10.68 -5.64
C PRO A 11 2.12 11.95 -4.83
N ARG A 12 1.01 12.00 -4.10
CA ARG A 12 0.70 13.17 -3.27
C ARG A 12 1.26 13.00 -1.86
N THR A 13 0.68 12.09 -1.11
CA THR A 13 1.11 11.82 0.26
C THR A 13 0.95 10.35 0.62
N LYS A 14 1.23 10.02 1.88
CA LYS A 14 1.12 8.64 2.35
C LYS A 14 2.11 7.73 1.62
N ILE A 15 3.04 7.16 2.38
CA ILE A 15 4.04 6.27 1.80
C ILE A 15 4.95 7.01 0.83
N SER A 16 6.26 6.93 1.07
CA SER A 16 7.23 7.59 0.21
C SER A 16 7.26 6.95 -1.17
N VAL A 17 7.83 7.67 -2.14
CA VAL A 17 7.93 7.18 -3.50
C VAL A 17 8.69 5.85 -3.56
N GLU A 18 9.80 5.78 -2.82
CA GLU A 18 10.61 4.56 -2.78
C GLU A 18 9.83 3.41 -2.18
N ALA A 19 9.00 3.72 -1.18
CA ALA A 19 8.20 2.70 -0.52
C ALA A 19 7.14 2.14 -1.46
N LEU A 20 6.61 3.00 -2.33
CA LEU A 20 5.58 2.59 -3.28
C LEU A 20 6.16 1.61 -4.30
N GLY A 21 7.41 1.83 -4.70
CA GLY A 21 8.05 0.96 -5.66
C GLY A 21 8.23 -0.45 -5.14
N ILE A 22 8.56 -0.56 -3.85
CA ILE A 22 8.76 -1.88 -3.24
C ILE A 22 7.43 -2.61 -3.07
N LEU A 23 6.40 -1.88 -2.66
CA LEU A 23 5.08 -2.47 -2.47
C LEU A 23 4.50 -2.96 -3.80
N GLN A 24 4.72 -2.18 -4.85
CA GLN A 24 4.22 -2.54 -6.17
C GLN A 24 4.77 -3.89 -6.62
N SER A 25 6.07 -4.09 -6.40
CA SER A 25 6.72 -5.34 -6.78
C SER A 25 6.11 -6.52 -6.04
N PHE A 26 5.75 -6.31 -4.78
CA PHE A 26 5.15 -7.37 -3.97
C PHE A 26 3.82 -7.82 -4.56
N ILE A 27 3.09 -6.88 -5.14
CA ILE A 27 1.79 -7.18 -5.73
C ILE A 27 1.96 -8.00 -7.01
N GLN A 28 3.07 -7.78 -7.71
CA GLN A 28 3.35 -8.51 -8.94
C GLN A 28 4.06 -9.83 -8.65
N ASP A 29 4.85 -9.85 -7.58
CA ASP A 29 5.58 -11.05 -7.19
C ASP A 29 4.68 -12.01 -6.43
N VAL A 30 4.27 -11.62 -5.22
CA VAL A 30 3.41 -12.45 -4.40
C VAL A 30 1.94 -12.31 -4.80
N GLY A 31 1.39 -11.12 -4.57
CA GLY A 31 0.00 -10.86 -4.92
C GLY A 31 -0.64 -9.83 -4.01
N LEU A 32 -1.96 -9.91 -3.87
CA LEU A 32 -2.69 -8.97 -3.04
C LEU A 32 -3.11 -9.63 -1.72
N TYR A 33 -2.30 -10.57 -1.26
CA TYR A 33 -2.58 -11.28 -0.01
C TYR A 33 -1.30 -11.50 0.80
N PRO A 34 -0.79 -10.43 1.43
CA PRO A 34 0.44 -10.50 2.24
C PRO A 34 0.23 -11.30 3.52
N ASP A 35 1.19 -12.16 3.83
CA ASP A 35 1.13 -13.00 5.02
C ASP A 35 1.35 -12.17 6.27
N GLU A 36 1.32 -12.83 7.42
CA GLU A 36 1.53 -12.15 8.70
C GLU A 36 2.87 -11.46 8.75
N GLU A 37 3.93 -12.20 8.41
CA GLU A 37 5.28 -11.65 8.40
C GLU A 37 5.41 -10.52 7.37
N ALA A 38 4.63 -10.62 6.30
CA ALA A 38 4.66 -9.61 5.25
C ALA A 38 4.25 -8.24 5.79
N ILE A 39 3.34 -8.24 6.75
CA ILE A 39 2.88 -6.99 7.35
C ILE A 39 3.91 -6.41 8.31
N GLN A 40 4.51 -7.29 9.12
CA GLN A 40 5.52 -6.87 10.08
C GLN A 40 6.77 -6.35 9.38
N THR A 41 7.31 -7.16 8.46
CA THR A 41 8.50 -6.79 7.73
C THR A 41 8.28 -5.51 6.92
N LEU A 42 7.16 -5.46 6.22
CA LEU A 42 6.84 -4.29 5.40
C LEU A 42 6.67 -3.05 6.27
N SER A 43 6.02 -3.22 7.42
CA SER A 43 5.79 -2.11 8.34
C SER A 43 7.08 -1.74 9.08
N ALA A 44 7.95 -2.72 9.27
CA ALA A 44 9.21 -2.48 9.97
C ALA A 44 10.25 -1.89 9.02
N GLN A 45 10.48 -2.57 7.90
CA GLN A 45 11.45 -2.11 6.91
C GLN A 45 11.10 -0.71 6.40
N LEU A 46 9.81 -0.40 6.38
CA LEU A 46 9.35 0.90 5.92
C LEU A 46 9.14 1.86 7.08
N ASP A 47 9.06 1.31 8.30
CA ASP A 47 8.85 2.12 9.50
C ASP A 47 7.50 2.82 9.46
N LEU A 48 6.53 2.17 8.83
CA LEU A 48 5.18 2.73 8.72
C LEU A 48 4.17 1.88 9.50
N PRO A 49 3.07 2.50 9.97
CA PRO A 49 2.04 1.79 10.72
C PRO A 49 1.60 0.49 10.07
N LYS A 50 0.95 -0.37 10.83
CA LYS A 50 0.49 -1.66 10.32
C LYS A 50 -0.76 -1.47 9.45
N TYR A 51 -1.70 -0.68 9.94
CA TYR A 51 -2.94 -0.43 9.21
C TYR A 51 -2.65 0.19 7.84
N THR A 52 -1.57 0.96 7.76
CA THR A 52 -1.18 1.60 6.52
C THR A 52 -0.82 0.58 5.45
N ILE A 53 -0.28 -0.56 5.90
CA ILE A 53 0.10 -1.63 4.99
C ILE A 53 -1.11 -2.45 4.55
N ILE A 54 -1.94 -2.81 5.51
CA ILE A 54 -3.13 -3.60 5.23
C ILE A 54 -4.14 -2.81 4.41
N LYS A 55 -4.22 -1.50 4.66
CA LYS A 55 -5.14 -0.64 3.94
C LYS A 55 -4.70 -0.47 2.49
N PHE A 56 -3.39 -0.39 2.28
CA PHE A 56 -2.85 -0.23 0.93
C PHE A 56 -3.11 -1.48 0.08
N PHE A 57 -2.78 -2.64 0.63
CA PHE A 57 -2.99 -3.90 -0.08
C PHE A 57 -4.48 -4.15 -0.33
N GLN A 58 -5.31 -3.66 0.57
CA GLN A 58 -6.75 -3.84 0.44
C GLN A 58 -7.35 -2.82 -0.52
N ASN A 59 -7.00 -1.55 -0.32
CA ASN A 59 -7.50 -0.48 -1.16
C ASN A 59 -7.12 -0.70 -2.63
N GLN A 60 -5.99 -1.37 -2.84
CA GLN A 60 -5.52 -1.65 -4.19
C GLN A 60 -6.54 -2.49 -4.96
N ARG A 61 -6.97 -3.59 -4.36
CA ARG A 61 -7.94 -4.47 -5.00
C ARG A 61 -9.24 -3.74 -5.29
N TYR A 62 -9.67 -2.91 -4.34
CA TYR A 62 -10.91 -2.14 -4.50
C TYR A 62 -10.81 -1.18 -5.68
N TYR A 63 -9.82 -0.28 -5.62
CA TYR A 63 -9.62 0.71 -6.69
C TYR A 63 -9.60 0.04 -8.06
N LEU A 64 -9.19 -1.23 -8.11
CA LEU A 64 -9.13 -1.97 -9.36
C LEU A 64 -10.52 -2.48 -9.76
N LYS A 65 -11.41 -2.62 -8.80
CA LYS A 65 -12.76 -3.10 -9.06
C LYS A 65 -13.81 -2.20 -8.42
N HIS A 66 -13.58 -0.89 -8.48
CA HIS A 66 -14.50 0.07 -7.90
C HIS A 66 -14.47 1.40 -8.66
N HIS A 67 -15.32 2.34 -8.25
CA HIS A 67 -15.39 3.65 -8.88
C HIS A 67 -15.43 3.53 -10.41
N GLY A 68 -15.30 4.67 -11.08
CA GLY A 68 -15.32 4.68 -12.53
C GLY A 68 -14.29 5.63 -13.13
N LYS A 69 -14.52 6.92 -12.93
CA LYS A 69 -13.61 7.94 -13.46
C LYS A 69 -12.87 8.62 -12.31
N LEU A 70 -12.47 7.84 -11.32
CA LEU A 70 -11.74 8.37 -10.17
C LEU A 70 -12.60 9.36 -9.38
N LYS A 71 -12.64 9.20 -8.06
CA LYS A 71 -13.42 10.07 -7.21
C LYS A 71 -12.74 11.44 -7.06
#